data_5VTQ
#
_entry.id   5VTQ
#
_cell.length_a   209.960
_cell.length_b   131.235
_cell.length_c   72.250
_cell.angle_alpha   90.00
_cell.angle_beta   98.62
_cell.angle_gamma   90.00
#
_symmetry.space_group_name_H-M   'C 1 2 1'
#
loop_
_entity.id
_entity.type
_entity.pdbx_description
1 polymer 'Hemagglutinin HA1 chain'
2 polymer 'Hemagglutinin HA2 chain'
3 branched 2-acetamido-2-deoxy-beta-D-glucopyranose-(1-4)-2-acetamido-2-deoxy-beta-D-glucopyranose
4 branched beta-D-mannopyranose-(1-4)-2-acetamido-2-deoxy-beta-D-glucopyranose-(1-4)-2-acetamido-2-deoxy-beta-D-glucopyranose
5 branched 'N-acetyl-alpha-neuraminic acid-(2-3)-beta-D-galactopyranose-(1-4)-2-acetamido-2-deoxy-beta-D-glucopyranose'
6 branched 'N-acetyl-alpha-neuraminic acid-(2-3)-beta-D-galactopyranose'
7 branched alpha-D-mannopyranose-(1-3)-[alpha-D-mannopyranose-(1-6)]beta-D-mannopyranose-(1-4)-2-acetamido-2-deoxy-beta-D-glucopyranose-(1-4)-2-acetamido-2-deoxy-beta-D-glucopyranose
8 non-polymer 2-acetamido-2-deoxy-beta-D-glucopyranose
9 water water
#
loop_
_entity_poly.entity_id
_entity_poly.type
_entity_poly.pdbx_seq_one_letter_code
_entity_poly.pdbx_strand_id
1 'polypeptide(L)'
;ADPGATLCLGHHAVPNGTLVKTITDDQIEVTNATELVQSSSTGKICNNPHRILDGIDCTLIDALLGDPHCDVFQNETWDL
FVERSKAFSNCYPYDVPDYASLRSLVASSGTLEFITEGFTWTGVTQNGGSNACKRGPGSGFFSRLNWLTKSGSTYPVLNV
TMPNNDNFDKLYIWGVHHPSTNQEQTSLYVQASGRVTVSTRRSQQTIIPNIGSRPWVRLSSSRISIYWTIVKPGDVLVIN
SNGNLIAPRGYFKMRTGKSSIMRSDAPIDTCISECITPNGSIPNDKPFQNVNKITYGACPKYVKQNTLKLATGMRNVPEK
QTR
;
A,C,E
2 'polypeptide(L)'
;GLFGAIAGFIENGWEGMIDGWYGFRHQNSEGTGQAADLKSTQAAIDQINGKLNRVIEKTNEKFHQIEKEFSEVEGRIQDL
EKYVEDTKIDLWSYNAELLVALENQHTIDLTDSEMNKLFEKTGRQLRENAEDMGNGCFKIYHKCDNACIESIRNGTYDHD
VYRDEALNNRFQIK
;
B,D,F
#
loop_
_chem_comp.id
_chem_comp.type
_chem_comp.name
_chem_comp.formula
BMA D-saccharide, beta linking beta-D-mannopyranose 'C6 H12 O6'
GAL D-saccharide, beta linking beta-D-galactopyranose 'C6 H12 O6'
MAN D-saccharide, alpha linking alpha-D-mannopyranose 'C6 H12 O6'
NAG D-saccharide, beta linking 2-acetamido-2-deoxy-beta-D-glucopyranose 'C8 H15 N O6'
SIA D-saccharide, alpha linking 'N-acetyl-alpha-neuraminic acid' 'C11 H19 N O9'
#
# COMPACT_ATOMS: atom_id res chain seq x y z
N PRO A 3 47.83 15.61 -48.94
CA PRO A 3 46.42 15.97 -48.83
C PRO A 3 45.59 14.83 -48.21
N GLY A 4 45.09 15.06 -46.98
CA GLY A 4 44.37 14.03 -46.22
C GLY A 4 42.85 14.15 -46.26
N ALA A 5 42.19 13.75 -45.17
CA ALA A 5 40.73 13.76 -45.07
C ALA A 5 40.28 13.58 -43.61
N THR A 6 39.20 14.26 -43.21
CA THR A 6 38.64 14.14 -41.85
C THR A 6 37.27 13.44 -41.88
N LEU A 7 37.01 12.62 -40.85
CA LEU A 7 35.74 11.91 -40.67
C LEU A 7 35.19 12.16 -39.28
N CYS A 8 34.11 12.94 -39.22
CA CYS A 8 33.47 13.30 -37.96
C CYS A 8 32.27 12.41 -37.65
N LEU A 9 32.26 11.89 -36.42
CA LEU A 9 31.11 11.19 -35.85
C LEU A 9 30.21 12.18 -35.13
N GLY A 10 28.92 11.87 -35.09
CA GLY A 10 27.94 12.73 -34.43
C GLY A 10 26.56 12.11 -34.33
N HIS A 11 25.61 12.93 -33.88
CA HIS A 11 24.25 12.49 -33.63
C HIS A 11 23.26 13.57 -34.01
N HIS A 12 21.98 13.20 -34.10
CA HIS A 12 20.94 14.13 -34.53
C HIS A 12 20.52 15.11 -33.44
N ALA A 13 19.75 16.09 -33.86
CA ALA A 13 19.08 17.03 -32.96
C ALA A 13 17.80 17.50 -33.64
N VAL A 14 16.97 18.20 -32.89
CA VAL A 14 15.70 18.68 -33.39
C VAL A 14 15.49 20.12 -32.93
N PRO A 15 14.71 20.91 -33.71
CA PRO A 15 14.44 22.27 -33.31
C PRO A 15 13.58 22.38 -32.05
N ASN A 16 12.52 21.55 -31.96
CA ASN A 16 11.60 21.57 -30.82
C ASN A 16 11.79 20.33 -29.94
N GLY A 17 12.61 20.45 -28.89
CA GLY A 17 12.81 19.39 -27.91
C GLY A 17 11.72 19.32 -26.85
N THR A 18 11.85 18.35 -25.94
CA THR A 18 10.88 18.10 -24.85
C THR A 18 11.63 17.95 -23.53
N LEU A 19 11.12 18.57 -22.47
CA LEU A 19 11.73 18.44 -21.14
C LEU A 19 11.27 17.18 -20.41
N VAL A 20 12.21 16.51 -19.75
CA VAL A 20 11.93 15.32 -18.94
C VAL A 20 12.65 15.38 -17.61
N LYS A 21 12.23 14.51 -16.70
CA LYS A 21 12.84 14.38 -15.39
C LYS A 21 13.76 13.15 -15.39
N THR A 22 14.87 13.23 -14.65
CA THR A 22 15.80 12.10 -14.50
C THR A 22 16.24 11.97 -13.04
N ILE A 23 17.17 11.07 -12.78
CA ILE A 23 17.77 10.93 -11.45
C ILE A 23 18.43 12.24 -11.03
N THR A 24 19.21 12.83 -11.93
CA THR A 24 20.05 13.99 -11.64
C THR A 24 19.41 15.34 -11.99
N ASP A 25 18.42 15.35 -12.89
CA ASP A 25 17.83 16.60 -13.34
C ASP A 25 16.31 16.59 -13.20
N ASP A 26 15.77 17.67 -12.63
CA ASP A 26 14.31 17.84 -12.57
C ASP A 26 13.77 18.29 -13.94
N GLN A 27 14.53 19.04 -14.74
CA GLN A 27 14.24 19.25 -16.16
C GLN A 27 15.51 19.13 -17.00
N ILE A 28 15.42 18.42 -18.13
CA ILE A 28 16.52 18.30 -19.08
C ILE A 28 15.99 17.92 -20.47
N GLU A 29 16.52 18.51 -21.54
CA GLU A 29 15.90 18.44 -22.87
C GLU A 29 16.27 17.20 -23.65
N VAL A 30 15.28 16.50 -24.20
CA VAL A 30 15.49 15.33 -25.09
C VAL A 30 14.79 15.52 -26.44
N THR A 31 15.15 14.67 -27.42
CA THR A 31 14.65 14.79 -28.79
C THR A 31 13.16 14.48 -28.90
N ASN A 32 12.71 13.51 -28.09
CA ASN A 32 11.29 13.19 -28.02
C ASN A 32 10.93 12.52 -26.70
N ALA A 33 9.69 12.69 -26.27
CA ALA A 33 9.14 11.94 -25.14
C ALA A 33 7.68 11.57 -25.40
N THR A 34 7.12 10.74 -24.54
CA THR A 34 5.72 10.33 -24.65
C THR A 34 5.04 10.41 -23.29
N GLU A 35 3.75 10.70 -23.29
CA GLU A 35 2.97 10.92 -22.08
C GLU A 35 2.52 9.57 -21.47
N LEU A 36 2.69 9.43 -20.16
CA LEU A 36 2.26 8.24 -19.43
C LEU A 36 1.03 8.46 -18.53
N VAL A 37 0.56 9.69 -18.43
CA VAL A 37 -0.64 10.00 -17.64
C VAL A 37 -1.77 10.41 -18.56
N GLN A 38 -2.84 9.63 -18.56
CA GLN A 38 -4.08 10.00 -19.25
C GLN A 38 -4.79 11.04 -18.40
N SER A 39 -4.90 12.27 -18.91
CA SER A 39 -5.52 13.37 -18.13
C SER A 39 -6.87 13.87 -18.67
N SER A 40 -7.35 13.29 -19.77
CA SER A 40 -8.62 13.73 -20.38
C SER A 40 -9.57 12.57 -20.65
N SER A 41 -10.85 12.91 -20.79
CA SER A 41 -11.94 11.97 -21.08
C SER A 41 -12.80 12.51 -22.20
N THR A 42 -13.59 11.63 -22.81
CA THR A 42 -14.57 12.06 -23.80
C THR A 42 -15.78 12.76 -23.17
N GLY A 43 -15.98 12.58 -21.87
CA GLY A 43 -17.17 13.09 -21.17
C GLY A 43 -18.34 12.12 -21.19
N LYS A 44 -18.14 10.94 -21.79
CA LYS A 44 -19.21 10.02 -22.11
C LYS A 44 -18.81 8.61 -21.73
N ILE A 45 -19.74 7.85 -21.16
CA ILE A 45 -19.50 6.46 -20.78
C ILE A 45 -19.87 5.58 -21.96
N CYS A 46 -18.88 4.92 -22.55
CA CYS A 46 -19.12 4.04 -23.70
C CYS A 46 -19.94 2.80 -23.30
N ASN A 47 -21.00 2.53 -24.08
CA ASN A 47 -21.90 1.40 -23.82
C ASN A 47 -21.34 -0.01 -24.09
N ASN A 48 -20.11 -0.09 -24.66
CA ASN A 48 -19.38 -1.36 -24.82
C ASN A 48 -17.95 -1.24 -24.30
N PRO A 49 -17.30 -2.34 -23.92
CA PRO A 49 -17.84 -3.70 -23.97
C PRO A 49 -18.63 -4.11 -22.72
N HIS A 50 -18.74 -3.23 -21.72
CA HIS A 50 -19.40 -3.57 -20.47
C HIS A 50 -20.88 -3.25 -20.58
N ARG A 51 -21.70 -4.13 -20.00
CA ARG A 51 -23.14 -3.91 -19.92
C ARG A 51 -23.47 -2.79 -18.93
N ILE A 52 -23.69 -1.59 -19.46
CA ILE A 52 -24.02 -0.41 -18.65
C ILE A 52 -25.52 -0.33 -18.48
N LEU A 53 -25.97 -0.14 -17.24
CA LEU A 53 -27.38 0.04 -16.92
C LEU A 53 -27.60 1.40 -16.29
N ASP A 54 -28.25 2.30 -17.02
CA ASP A 54 -28.53 3.64 -16.56
C ASP A 54 -29.72 3.60 -15.61
N GLY A 55 -29.47 3.95 -14.36
CA GLY A 55 -30.52 4.04 -13.35
C GLY A 55 -31.56 5.10 -13.61
N ILE A 56 -31.19 6.17 -14.33
CA ILE A 56 -32.10 7.28 -14.67
C ILE A 56 -32.63 7.91 -13.36
N ASP A 57 -33.88 7.65 -13.00
CA ASP A 57 -34.51 8.28 -11.85
C ASP A 57 -34.34 7.44 -10.59
N CYS A 58 -33.60 6.34 -10.68
CA CYS A 58 -33.62 5.32 -9.65
C CYS A 58 -32.24 4.99 -9.10
N THR A 59 -32.20 4.82 -7.77
CA THR A 59 -31.06 4.25 -7.09
C THR A 59 -31.23 2.74 -7.21
N LEU A 60 -30.12 2.00 -7.22
CA LEU A 60 -30.15 0.54 -7.24
C LEU A 60 -31.07 -0.01 -6.15
N ILE A 61 -31.04 0.61 -4.97
CA ILE A 61 -31.88 0.17 -3.86
C ILE A 61 -33.38 0.35 -4.14
N ASP A 62 -33.78 1.52 -4.65
CA ASP A 62 -35.20 1.72 -5.03
C ASP A 62 -35.65 0.74 -6.13
N ALA A 63 -34.74 0.39 -7.04
CA ALA A 63 -35.02 -0.64 -8.05
C ALA A 63 -35.16 -2.02 -7.40
N LEU A 64 -34.24 -2.32 -6.49
CA LEU A 64 -34.30 -3.56 -5.70
C LEU A 64 -35.67 -3.70 -5.05
N LEU A 65 -36.01 -2.71 -4.24
CA LEU A 65 -37.23 -2.76 -3.45
C LEU A 65 -38.47 -2.79 -4.33
N GLY A 66 -38.44 -2.01 -5.41
CA GLY A 66 -39.56 -1.94 -6.33
C GLY A 66 -40.42 -0.72 -6.11
N ASP A 67 -39.76 0.44 -6.04
CA ASP A 67 -40.40 1.74 -6.13
C ASP A 67 -41.11 1.76 -7.50
N PRO A 68 -42.41 2.10 -7.56
CA PRO A 68 -43.17 1.98 -8.82
C PRO A 68 -42.53 2.64 -10.04
N HIS A 69 -41.96 3.83 -9.89
CA HIS A 69 -41.25 4.48 -11.01
C HIS A 69 -39.96 3.76 -11.42
N CYS A 70 -39.52 2.78 -10.60
CA CYS A 70 -38.38 1.89 -10.93
C CYS A 70 -38.77 0.47 -11.37
N ASP A 71 -40.05 0.24 -11.63
CA ASP A 71 -40.48 -1.11 -12.05
C ASP A 71 -39.93 -1.55 -13.38
N VAL A 72 -39.49 -0.60 -14.21
CA VAL A 72 -38.79 -0.95 -15.45
C VAL A 72 -37.45 -1.68 -15.22
N PHE A 73 -36.89 -1.59 -14.00
CA PHE A 73 -35.67 -2.32 -13.65
C PHE A 73 -35.86 -3.74 -13.10
N GLN A 74 -37.10 -4.23 -13.01
CA GLN A 74 -37.34 -5.60 -12.55
C GLN A 74 -36.56 -6.61 -13.36
N ASN A 75 -35.92 -7.56 -12.67
CA ASN A 75 -35.12 -8.60 -13.33
C ASN A 75 -33.95 -8.08 -14.18
N GLU A 76 -33.51 -6.83 -13.99
CA GLU A 76 -32.42 -6.28 -14.81
C GLU A 76 -31.09 -6.86 -14.39
N THR A 77 -30.09 -6.69 -15.26
CA THR A 77 -28.72 -7.12 -14.99
C THR A 77 -27.73 -6.09 -15.51
N TRP A 78 -26.50 -6.17 -15.01
CA TRP A 78 -25.50 -5.15 -15.31
C TRP A 78 -24.08 -5.63 -15.01
N ASP A 79 -23.13 -5.05 -15.73
CA ASP A 79 -21.73 -5.03 -15.31
C ASP A 79 -21.50 -3.77 -14.47
N LEU A 80 -22.09 -2.65 -14.90
CA LEU A 80 -22.01 -1.41 -14.15
C LEU A 80 -23.35 -0.71 -14.07
N PHE A 81 -23.93 -0.66 -12.88
CA PHE A 81 -25.11 0.16 -12.61
C PHE A 81 -24.63 1.59 -12.41
N VAL A 82 -25.30 2.54 -13.05
CA VAL A 82 -24.90 3.94 -13.00
C VAL A 82 -25.99 4.72 -12.30
N GLU A 83 -25.70 5.23 -11.11
CA GLU A 83 -26.66 6.01 -10.34
C GLU A 83 -26.48 7.49 -10.62
N ARG A 84 -27.58 8.17 -10.94
CA ARG A 84 -27.56 9.59 -11.29
C ARG A 84 -27.91 10.43 -10.08
N SER A 85 -27.43 11.68 -10.08
CA SER A 85 -27.72 12.60 -8.98
C SER A 85 -29.17 13.05 -8.99
N LYS A 86 -29.79 13.04 -10.17
CA LYS A 86 -31.21 13.38 -10.30
C LYS A 86 -32.17 12.36 -9.66
N ALA A 87 -31.70 11.16 -9.32
CA ALA A 87 -32.56 10.11 -8.77
C ALA A 87 -33.29 10.52 -7.50
N PHE A 88 -34.51 9.99 -7.35
CA PHE A 88 -35.36 10.24 -6.19
C PHE A 88 -36.14 8.97 -5.84
N SER A 89 -36.51 8.85 -4.57
CA SER A 89 -37.44 7.82 -4.11
C SER A 89 -38.84 8.42 -4.17
N ASN A 90 -39.85 7.58 -4.42
CA ASN A 90 -41.25 8.01 -4.51
C ASN A 90 -42.20 6.88 -4.10
N CYS A 91 -41.84 6.19 -3.03
CA CYS A 91 -42.69 5.18 -2.44
C CYS A 91 -42.79 5.51 -0.95
N TYR A 92 -43.12 4.53 -0.12
CA TYR A 92 -43.18 4.74 1.32
C TYR A 92 -41.80 5.20 1.78
N PRO A 93 -41.76 6.06 2.82
CA PRO A 93 -40.45 6.48 3.30
C PRO A 93 -39.78 5.36 4.09
N TYR A 94 -38.48 5.17 3.85
CA TYR A 94 -37.75 4.04 4.39
C TYR A 94 -36.32 4.39 4.75
N ASP A 95 -35.70 3.55 5.58
CA ASP A 95 -34.24 3.59 5.79
C ASP A 95 -33.68 2.18 5.73
N VAL A 96 -32.38 2.09 5.47
CA VAL A 96 -31.67 0.81 5.44
C VAL A 96 -30.50 0.89 6.40
N PRO A 97 -30.66 0.33 7.61
CA PRO A 97 -29.48 0.17 8.45
C PRO A 97 -28.42 -0.61 7.66
N ASP A 98 -27.24 -0.03 7.54
CA ASP A 98 -26.18 -0.59 6.70
C ASP A 98 -26.62 -0.54 5.23
N TYR A 99 -27.09 0.64 4.80
CA TYR A 99 -27.44 0.94 3.40
C TYR A 99 -26.27 0.57 2.49
N ALA A 100 -25.11 1.11 2.81
CA ALA A 100 -23.90 0.91 2.01
C ALA A 100 -23.64 -0.54 1.67
N SER A 101 -23.83 -1.43 2.65
CA SER A 101 -23.56 -2.86 2.47
C SER A 101 -24.56 -3.55 1.57
N LEU A 102 -25.86 -3.27 1.75
CA LEU A 102 -26.89 -3.85 0.86
C LEU A 102 -26.67 -3.39 -0.57
N ARG A 103 -26.42 -2.09 -0.72
CA ARG A 103 -26.10 -1.51 -2.02
C ARG A 103 -24.89 -2.18 -2.66
N SER A 104 -23.85 -2.42 -1.87
CA SER A 104 -22.64 -3.07 -2.37
C SER A 104 -22.88 -4.52 -2.79
N LEU A 105 -23.51 -5.30 -1.91
CA LEU A 105 -23.66 -6.74 -2.15
C LEU A 105 -24.56 -7.01 -3.35
N VAL A 106 -25.56 -6.15 -3.56
CA VAL A 106 -26.42 -6.24 -4.74
C VAL A 106 -25.66 -5.79 -5.98
N ALA A 107 -25.01 -4.63 -5.90
CA ALA A 107 -24.20 -4.11 -7.01
C ALA A 107 -23.18 -5.13 -7.51
N SER A 108 -22.58 -5.86 -6.57
CA SER A 108 -21.62 -6.92 -6.87
C SER A 108 -22.28 -8.14 -7.50
N SER A 109 -23.47 -8.48 -7.00
CA SER A 109 -24.26 -9.60 -7.54
C SER A 109 -24.65 -9.39 -9.01
N GLY A 110 -24.87 -8.14 -9.42
CA GLY A 110 -25.06 -7.80 -10.82
C GLY A 110 -26.42 -8.13 -11.42
N THR A 111 -27.41 -8.41 -10.56
CA THR A 111 -28.72 -8.88 -11.00
C THR A 111 -29.80 -8.56 -9.96
N LEU A 112 -30.99 -8.25 -10.46
CA LEU A 112 -32.21 -8.07 -9.65
C LEU A 112 -33.24 -9.17 -9.93
N GLU A 113 -32.78 -10.30 -10.48
CA GLU A 113 -33.63 -11.47 -10.73
C GLU A 113 -34.39 -11.89 -9.48
N PHE A 114 -35.72 -11.82 -9.52
CA PHE A 114 -36.58 -12.12 -8.38
C PHE A 114 -37.44 -13.35 -8.66
N ILE A 115 -37.39 -14.32 -7.76
CA ILE A 115 -38.22 -15.52 -7.83
C ILE A 115 -39.27 -15.40 -6.72
N THR A 116 -40.54 -15.31 -7.11
CA THR A 116 -41.64 -15.28 -6.16
C THR A 116 -41.83 -16.66 -5.50
N GLU A 117 -42.05 -16.65 -4.18
CA GLU A 117 -42.29 -17.87 -3.38
C GLU A 117 -43.64 -17.78 -2.69
N GLY A 118 -44.29 -18.93 -2.53
CA GLY A 118 -45.64 -18.98 -1.95
C GLY A 118 -45.66 -19.00 -0.44
N PHE A 119 -45.34 -17.86 0.18
CA PHE A 119 -45.45 -17.69 1.63
C PHE A 119 -46.92 -17.72 2.04
N THR A 120 -47.21 -18.35 3.18
CA THR A 120 -48.56 -18.47 3.70
C THR A 120 -48.66 -17.69 5.01
N TRP A 121 -49.28 -16.53 4.93
CA TRP A 121 -49.47 -15.65 6.08
C TRP A 121 -50.88 -15.86 6.59
N THR A 122 -51.02 -16.75 7.57
CA THR A 122 -52.33 -17.16 8.06
C THR A 122 -52.94 -16.12 9.01
N GLY A 123 -54.14 -15.66 8.67
CA GLY A 123 -54.94 -14.79 9.53
C GLY A 123 -54.55 -13.32 9.53
N VAL A 124 -54.04 -12.84 8.39
CA VAL A 124 -53.71 -11.41 8.22
C VAL A 124 -54.05 -10.94 6.81
N THR A 125 -54.30 -9.64 6.67
CA THR A 125 -54.54 -9.01 5.38
C THR A 125 -53.21 -8.80 4.69
N GLN A 126 -53.16 -9.08 3.38
CA GLN A 126 -51.93 -8.92 2.60
C GLN A 126 -52.03 -7.73 1.66
N ASN A 127 -50.89 -7.41 1.05
CA ASN A 127 -50.79 -6.44 -0.03
C ASN A 127 -51.26 -5.04 0.36
N GLY A 128 -50.93 -4.64 1.58
CA GLY A 128 -51.23 -3.29 2.03
C GLY A 128 -50.53 -2.28 1.15
N GLY A 129 -51.11 -1.08 1.07
CA GLY A 129 -50.58 0.01 0.24
C GLY A 129 -50.73 1.38 0.88
N SER A 130 -50.30 2.41 0.16
CA SER A 130 -50.31 3.78 0.67
C SER A 130 -50.27 4.81 -0.45
N ASN A 131 -50.88 5.97 -0.19
CA ASN A 131 -50.86 7.09 -1.15
C ASN A 131 -49.48 7.70 -1.30
N ALA A 132 -48.58 7.43 -0.36
CA ALA A 132 -47.14 7.72 -0.49
C ALA A 132 -46.49 7.03 -1.68
N CYS A 133 -47.02 5.85 -2.02
CA CYS A 133 -46.47 4.99 -3.05
C CYS A 133 -47.54 4.62 -4.09
N LYS A 134 -47.96 5.62 -4.88
CA LYS A 134 -48.99 5.38 -5.91
C LYS A 134 -48.49 4.48 -7.03
N ARG A 135 -49.42 3.67 -7.53
CA ARG A 135 -49.19 2.67 -8.56
C ARG A 135 -50.45 2.66 -9.43
N GLY A 136 -50.36 3.28 -10.60
CA GLY A 136 -51.53 3.68 -11.34
C GLY A 136 -52.28 4.73 -10.53
N PRO A 137 -53.62 4.72 -10.59
CA PRO A 137 -54.40 5.74 -9.86
C PRO A 137 -54.47 5.49 -8.36
N GLY A 138 -54.54 4.22 -7.95
CA GLY A 138 -54.74 3.86 -6.54
C GLY A 138 -53.45 3.77 -5.77
N SER A 139 -53.59 3.65 -4.45
CA SER A 139 -52.45 3.46 -3.57
C SER A 139 -51.74 2.14 -3.88
N GLY A 140 -50.45 2.06 -3.55
CA GLY A 140 -49.65 0.90 -3.84
C GLY A 140 -48.51 0.77 -2.86
N PHE A 141 -47.50 0.00 -3.25
CA PHE A 141 -46.39 -0.36 -2.35
C PHE A 141 -45.19 -0.85 -3.17
N PHE A 142 -44.06 -1.06 -2.49
CA PHE A 142 -42.89 -1.69 -3.09
C PHE A 142 -43.27 -3.03 -3.69
N SER A 143 -42.87 -3.29 -4.93
CA SER A 143 -43.28 -4.51 -5.65
C SER A 143 -42.81 -5.82 -5.01
N ARG A 144 -41.67 -5.81 -4.34
CA ARG A 144 -41.07 -7.02 -3.77
C ARG A 144 -41.32 -7.21 -2.26
N LEU A 145 -42.20 -6.38 -1.71
CA LEU A 145 -42.56 -6.42 -0.31
C LEU A 145 -44.08 -6.47 -0.18
N ASN A 146 -44.51 -7.02 0.94
CA ASN A 146 -45.89 -7.37 1.17
C ASN A 146 -46.29 -6.87 2.55
N TRP A 147 -47.00 -5.74 2.57
CA TRP A 147 -47.39 -5.13 3.85
C TRP A 147 -48.53 -5.92 4.47
N LEU A 148 -48.26 -6.48 5.65
CA LEU A 148 -49.24 -7.26 6.38
C LEU A 148 -49.83 -6.46 7.53
N THR A 149 -51.16 -6.42 7.57
CA THR A 149 -51.94 -5.80 8.62
C THR A 149 -52.94 -6.83 9.14
N LYS A 150 -53.69 -6.47 10.19
CA LYS A 150 -54.66 -7.37 10.82
C LYS A 150 -55.75 -7.82 9.85
N SER A 151 -56.30 -9.01 10.12
CA SER A 151 -57.52 -9.50 9.49
C SER A 151 -58.61 -9.53 10.56
N GLY A 152 -59.77 -8.95 10.24
CA GLY A 152 -60.83 -8.74 11.23
C GLY A 152 -60.33 -7.82 12.34
N SER A 153 -60.06 -8.39 13.51
CA SER A 153 -59.54 -7.64 14.66
C SER A 153 -58.45 -8.38 15.41
N THR A 154 -57.66 -9.19 14.69
CA THR A 154 -56.60 -10.03 15.29
C THR A 154 -55.39 -10.09 14.35
N TYR A 155 -54.20 -10.06 14.93
CA TYR A 155 -52.93 -10.31 14.24
C TYR A 155 -52.27 -11.47 14.97
N PRO A 156 -52.36 -12.69 14.42
CA PRO A 156 -51.79 -13.83 15.13
C PRO A 156 -50.28 -13.86 15.04
N VAL A 157 -49.66 -14.74 15.82
CA VAL A 157 -48.22 -14.98 15.69
C VAL A 157 -48.01 -15.61 14.33
N LEU A 158 -47.36 -14.86 13.43
CA LEU A 158 -46.97 -15.40 12.14
C LEU A 158 -45.72 -16.25 12.36
N ASN A 159 -45.70 -17.44 11.77
CA ASN A 159 -44.58 -18.35 11.88
C ASN A 159 -44.48 -19.20 10.61
N VAL A 160 -43.60 -18.79 9.70
CA VAL A 160 -43.47 -19.44 8.39
C VAL A 160 -42.04 -19.87 8.10
N THR A 161 -41.93 -20.85 7.20
CA THR A 161 -40.65 -21.41 6.80
C THR A 161 -40.52 -21.40 5.28
N MET A 162 -39.29 -21.28 4.81
CA MET A 162 -39.00 -21.41 3.38
C MET A 162 -37.59 -21.98 3.21
N PRO A 163 -37.49 -23.33 3.09
CA PRO A 163 -36.19 -23.96 2.93
C PRO A 163 -35.58 -23.66 1.57
N ASN A 164 -34.25 -23.67 1.51
CA ASN A 164 -33.52 -23.51 0.26
C ASN A 164 -33.06 -24.89 -0.20
N ASN A 165 -33.77 -25.43 -1.19
CA ASN A 165 -33.41 -26.72 -1.81
C ASN A 165 -32.81 -26.54 -3.19
N ASP A 166 -32.47 -25.30 -3.56
CA ASP A 166 -31.71 -25.03 -4.77
C ASP A 166 -30.21 -25.12 -4.42
N ASN A 167 -29.37 -24.97 -5.44
CA ASN A 167 -27.91 -24.98 -5.30
C ASN A 167 -27.28 -23.59 -5.47
N PHE A 168 -28.07 -22.55 -5.23
CA PHE A 168 -27.59 -21.17 -5.25
C PHE A 168 -28.02 -20.48 -3.96
N ASP A 169 -27.35 -19.39 -3.59
CA ASP A 169 -27.76 -18.60 -2.44
C ASP A 169 -29.02 -17.79 -2.77
N LYS A 170 -29.91 -17.69 -1.79
CA LYS A 170 -31.09 -16.84 -1.90
C LYS A 170 -30.86 -15.58 -1.08
N LEU A 171 -31.13 -14.42 -1.65
CA LEU A 171 -31.17 -13.15 -0.90
C LEU A 171 -32.62 -12.76 -0.62
N TYR A 172 -33.01 -12.73 0.64
CA TYR A 172 -34.34 -12.25 1.01
C TYR A 172 -34.26 -10.81 1.48
N ILE A 173 -35.15 -9.96 0.97
CA ILE A 173 -35.28 -8.58 1.42
C ILE A 173 -36.60 -8.45 2.15
N TRP A 174 -36.54 -7.95 3.37
CA TRP A 174 -37.70 -7.78 4.22
C TRP A 174 -37.57 -6.47 5.01
N GLY A 175 -38.58 -6.16 5.81
CA GLY A 175 -38.57 -4.94 6.61
C GLY A 175 -39.45 -4.97 7.83
N VAL A 176 -39.42 -3.84 8.54
CA VAL A 176 -40.22 -3.64 9.74
C VAL A 176 -40.79 -2.24 9.68
N HIS A 177 -42.08 -2.11 9.98
CA HIS A 177 -42.78 -0.83 9.97
C HIS A 177 -42.72 -0.18 11.35
N HIS A 178 -42.33 1.10 11.37
CA HIS A 178 -42.27 1.90 12.58
C HIS A 178 -43.43 2.90 12.53
N PRO A 179 -44.56 2.64 13.24
CA PRO A 179 -45.67 3.61 13.23
C PRO A 179 -45.33 4.89 13.98
N SER A 180 -46.06 5.96 13.68
CA SER A 180 -45.84 7.27 14.34
C SER A 180 -46.53 7.37 15.71
N THR A 181 -47.68 6.72 15.87
CA THR A 181 -48.46 6.81 17.11
C THR A 181 -48.90 5.43 17.59
N ASN A 182 -49.18 5.33 18.90
CA ASN A 182 -49.70 4.08 19.50
C ASN A 182 -51.05 3.68 18.91
N GLN A 183 -51.87 4.68 18.59
CA GLN A 183 -53.14 4.45 17.91
C GLN A 183 -52.90 3.67 16.63
N GLU A 184 -51.94 4.15 15.83
CA GLU A 184 -51.57 3.52 14.56
C GLU A 184 -51.06 2.09 14.73
N GLN A 185 -50.16 1.89 15.68
CA GLN A 185 -49.60 0.56 16.00
C GLN A 185 -50.71 -0.45 16.25
N THR A 186 -51.62 -0.11 17.15
CA THR A 186 -52.70 -1.01 17.55
C THR A 186 -53.74 -1.16 16.44
N SER A 187 -54.07 -0.05 15.79
CA SER A 187 -55.03 -0.04 14.68
C SER A 187 -54.63 -0.98 13.54
N LEU A 188 -53.34 -1.02 13.23
CA LEU A 188 -52.80 -1.87 12.15
C LEU A 188 -52.46 -3.29 12.59
N TYR A 189 -51.93 -3.47 13.80
CA TYR A 189 -51.40 -4.78 14.23
C TYR A 189 -51.96 -5.34 15.55
N VAL A 190 -52.99 -4.70 16.11
CA VAL A 190 -53.61 -5.10 17.40
C VAL A 190 -52.67 -4.96 18.60
N GLN A 191 -51.61 -5.77 18.62
CA GLN A 191 -50.61 -5.75 19.70
C GLN A 191 -49.93 -4.38 19.80
N ALA A 192 -49.76 -3.90 21.04
CA ALA A 192 -49.19 -2.56 21.31
C ALA A 192 -47.69 -2.46 21.00
N SER A 193 -47.00 -3.60 21.01
CA SER A 193 -45.61 -3.69 20.60
C SER A 193 -45.45 -4.89 19.69
N GLY A 194 -45.00 -4.64 18.46
CA GLY A 194 -44.68 -5.72 17.52
C GLY A 194 -43.28 -6.27 17.73
N ARG A 195 -42.86 -7.12 16.79
CA ARG A 195 -41.53 -7.72 16.78
C ARG A 195 -41.39 -8.53 15.50
N VAL A 196 -40.19 -8.54 14.93
CA VAL A 196 -39.90 -9.34 13.73
C VAL A 196 -38.58 -10.05 13.94
N THR A 197 -38.63 -11.38 13.92
CA THR A 197 -37.48 -12.24 14.08
C THR A 197 -37.32 -13.06 12.80
N VAL A 198 -36.18 -12.86 12.12
CA VAL A 198 -35.86 -13.57 10.89
C VAL A 198 -34.55 -14.33 11.10
N SER A 199 -34.57 -15.63 10.81
CA SER A 199 -33.52 -16.54 11.26
C SER A 199 -33.22 -17.63 10.25
N THR A 200 -31.95 -18.06 10.23
CA THR A 200 -31.53 -19.30 9.59
C THR A 200 -30.93 -20.18 10.68
N ARG A 201 -30.33 -21.31 10.29
CA ARG A 201 -29.62 -22.17 11.24
C ARG A 201 -28.48 -21.46 11.96
N ARG A 202 -27.73 -20.65 11.24
CA ARG A 202 -26.46 -20.08 11.72
C ARG A 202 -26.58 -18.70 12.38
N SER A 203 -27.51 -17.89 11.87
CA SER A 203 -27.67 -16.51 12.31
C SER A 203 -29.12 -16.18 12.63
N GLN A 204 -29.33 -15.03 13.26
CA GLN A 204 -30.67 -14.51 13.53
C GLN A 204 -30.65 -12.99 13.63
N GLN A 205 -31.79 -12.38 13.32
CA GLN A 205 -32.00 -10.94 13.43
C GLN A 205 -33.32 -10.73 14.12
N THR A 206 -33.35 -9.96 15.20
CA THR A 206 -34.61 -9.61 15.86
C THR A 206 -34.68 -8.08 15.95
N ILE A 207 -35.77 -7.52 15.41
CA ILE A 207 -35.98 -6.08 15.36
C ILE A 207 -37.27 -5.77 16.11
N ILE A 208 -37.17 -4.89 17.10
CA ILE A 208 -38.34 -4.36 17.79
C ILE A 208 -38.71 -3.05 17.07
N PRO A 209 -40.00 -2.87 16.72
CA PRO A 209 -40.40 -1.58 16.16
C PRO A 209 -40.41 -0.49 17.22
N ASN A 210 -40.39 0.74 16.77
CA ASN A 210 -40.27 1.90 17.63
C ASN A 210 -41.29 2.93 17.22
N ILE A 211 -42.17 3.25 18.15
CA ILE A 211 -43.30 4.11 17.87
C ILE A 211 -42.87 5.55 18.11
N GLY A 212 -43.06 6.42 17.12
CA GLY A 212 -42.65 7.81 17.21
C GLY A 212 -42.76 8.53 15.88
N SER A 213 -42.97 9.84 15.89
CA SER A 213 -42.94 10.62 14.68
C SER A 213 -41.52 10.76 14.12
N ARG A 214 -41.48 10.83 12.81
CA ARG A 214 -40.32 11.23 12.04
C ARG A 214 -40.73 12.41 11.15
N PRO A 215 -39.77 13.00 10.40
CA PRO A 215 -40.19 14.08 9.52
C PRO A 215 -41.18 13.60 8.48
N TRP A 216 -42.11 14.48 8.12
CA TRP A 216 -43.15 14.13 7.17
C TRP A 216 -42.50 14.06 5.81
N VAL A 217 -42.55 12.89 5.19
CA VAL A 217 -41.93 12.64 3.90
C VAL A 217 -42.93 11.86 3.05
N ARG A 218 -43.32 12.46 1.92
CA ARG A 218 -44.28 11.85 0.99
C ARG A 218 -45.47 11.27 1.75
N LEU A 219 -46.19 12.19 2.43
CA LEU A 219 -47.48 11.89 3.07
C LEU A 219 -47.43 11.04 4.35
N SER A 220 -46.27 10.79 4.95
CA SER A 220 -46.20 9.96 6.15
C SER A 220 -45.10 10.35 7.15
N SER A 221 -45.46 10.37 8.43
CA SER A 221 -44.50 10.48 9.52
C SER A 221 -43.96 9.11 9.96
N SER A 222 -44.47 8.02 9.38
CA SER A 222 -43.98 6.67 9.67
C SER A 222 -42.80 6.33 8.78
N ARG A 223 -42.15 5.23 9.11
CA ARG A 223 -41.01 4.70 8.34
C ARG A 223 -41.05 3.18 8.27
N ILE A 224 -40.38 2.65 7.25
CA ILE A 224 -40.09 1.23 7.14
C ILE A 224 -38.58 1.06 7.13
N SER A 225 -38.06 0.21 8.02
CA SER A 225 -36.63 -0.11 7.99
C SER A 225 -36.42 -1.38 7.18
N ILE A 226 -35.35 -1.44 6.39
CA ILE A 226 -35.07 -2.56 5.50
C ILE A 226 -33.89 -3.42 5.98
N TYR A 227 -34.09 -4.74 5.94
CA TYR A 227 -33.09 -5.72 6.35
C TYR A 227 -32.95 -6.79 5.28
N TRP A 228 -31.86 -7.54 5.33
CA TRP A 228 -31.63 -8.64 4.41
C TRP A 228 -31.10 -9.87 5.12
N THR A 229 -31.45 -11.03 4.58
CA THR A 229 -30.97 -12.31 5.08
C THR A 229 -30.63 -13.17 3.87
N ILE A 230 -29.41 -13.69 3.83
CA ILE A 230 -28.98 -14.64 2.80
C ILE A 230 -29.10 -16.05 3.35
N VAL A 231 -29.64 -16.95 2.53
CA VAL A 231 -29.89 -18.33 2.92
C VAL A 231 -29.11 -19.23 1.97
N LYS A 232 -28.21 -20.04 2.52
CA LYS A 232 -27.32 -20.90 1.73
C LYS A 232 -28.04 -22.22 1.34
N PRO A 233 -27.56 -22.91 0.30
CA PRO A 233 -28.14 -24.22 -0.04
C PRO A 233 -28.13 -25.16 1.15
N GLY A 234 -29.26 -25.82 1.38
CA GLY A 234 -29.43 -26.72 2.51
C GLY A 234 -29.83 -26.05 3.82
N ASP A 235 -29.88 -24.72 3.84
CA ASP A 235 -30.30 -23.98 5.03
C ASP A 235 -31.80 -23.69 4.89
N VAL A 236 -32.37 -23.02 5.90
CA VAL A 236 -33.80 -22.71 5.93
C VAL A 236 -34.01 -21.29 6.44
N LEU A 237 -35.09 -20.63 6.00
CA LEU A 237 -35.45 -19.30 6.49
C LEU A 237 -36.70 -19.41 7.33
N VAL A 238 -36.67 -18.82 8.53
CA VAL A 238 -37.86 -18.74 9.37
C VAL A 238 -38.16 -17.28 9.68
N ILE A 239 -39.42 -16.91 9.53
CA ILE A 239 -39.89 -15.57 9.86
C ILE A 239 -40.97 -15.70 10.91
N ASN A 240 -40.70 -15.11 12.07
CA ASN A 240 -41.61 -15.15 13.21
C ASN A 240 -41.91 -13.71 13.62
N SER A 241 -43.19 -13.34 13.60
CA SER A 241 -43.59 -11.97 13.92
C SER A 241 -44.99 -11.93 14.50
N ASN A 242 -45.20 -11.08 15.52
CA ASN A 242 -46.53 -10.79 16.06
C ASN A 242 -46.97 -9.35 15.78
N GLY A 243 -46.43 -8.76 14.72
CA GLY A 243 -46.75 -7.39 14.35
C GLY A 243 -45.63 -6.66 13.65
N ASN A 244 -46.01 -5.76 12.74
CA ASN A 244 -45.10 -4.82 12.08
C ASN A 244 -44.22 -5.42 10.97
N LEU A 245 -44.44 -6.70 10.64
CA LEU A 245 -43.65 -7.32 9.58
C LEU A 245 -44.04 -6.72 8.24
N ILE A 246 -43.01 -6.40 7.46
CA ILE A 246 -43.11 -6.12 6.02
C ILE A 246 -42.45 -7.30 5.30
N ALA A 247 -43.27 -8.25 4.84
CA ALA A 247 -42.79 -9.57 4.44
C ALA A 247 -42.17 -9.60 3.06
N PRO A 248 -41.21 -10.53 2.82
CA PRO A 248 -40.73 -10.73 1.46
C PRO A 248 -41.78 -11.46 0.62
N ARG A 249 -41.75 -11.24 -0.69
CA ARG A 249 -42.57 -11.99 -1.63
C ARG A 249 -41.81 -13.14 -2.26
N GLY A 250 -40.50 -13.21 -2.00
CA GLY A 250 -39.62 -14.18 -2.61
C GLY A 250 -38.17 -13.81 -2.35
N TYR A 251 -37.27 -14.29 -3.20
CA TYR A 251 -35.84 -14.04 -3.04
C TYR A 251 -35.26 -13.48 -4.31
N PHE A 252 -34.14 -12.77 -4.16
CA PHE A 252 -33.34 -12.34 -5.28
C PHE A 252 -32.27 -13.39 -5.49
N LYS A 253 -31.97 -13.68 -6.74
CA LYS A 253 -30.91 -14.61 -7.06
C LYS A 253 -29.58 -13.88 -6.92
N MET A 254 -28.56 -14.59 -6.46
CA MET A 254 -27.23 -14.01 -6.24
C MET A 254 -26.22 -14.61 -7.19
N ARG A 255 -25.54 -13.76 -7.95
CA ARG A 255 -24.40 -14.17 -8.75
C ARG A 255 -23.15 -13.58 -8.13
N THR A 256 -22.00 -14.08 -8.54
CA THR A 256 -20.72 -13.45 -8.22
C THR A 256 -20.07 -13.21 -9.56
N GLY A 257 -19.30 -12.15 -9.65
CA GLY A 257 -18.65 -11.79 -10.90
C GLY A 257 -18.17 -10.36 -10.91
N LYS A 258 -18.08 -9.79 -12.10
CA LYS A 258 -17.42 -8.51 -12.33
C LYS A 258 -18.31 -7.27 -12.20
N SER A 259 -19.53 -7.44 -11.66
CA SER A 259 -20.48 -6.35 -11.58
C SER A 259 -20.18 -5.38 -10.45
N SER A 260 -20.53 -4.11 -10.66
CA SER A 260 -20.32 -3.05 -9.68
C SER A 260 -21.34 -1.91 -9.89
N ILE A 261 -21.07 -0.77 -9.26
CA ILE A 261 -21.95 0.38 -9.34
C ILE A 261 -21.09 1.64 -9.30
N MET A 262 -21.57 2.70 -9.94
CA MET A 262 -20.85 3.97 -10.02
C MET A 262 -21.83 5.14 -10.01
N ARG A 263 -21.41 6.23 -9.38
CA ARG A 263 -22.17 7.48 -9.35
C ARG A 263 -21.59 8.40 -10.40
N SER A 264 -22.40 8.76 -11.39
CA SER A 264 -21.94 9.60 -12.50
C SER A 264 -23.13 10.24 -13.21
N ASP A 265 -22.91 11.45 -13.72
CA ASP A 265 -23.89 12.08 -14.60
C ASP A 265 -23.38 12.17 -16.04
N ALA A 266 -22.36 11.40 -16.40
CA ALA A 266 -21.90 11.37 -17.78
C ALA A 266 -22.94 10.65 -18.61
N PRO A 267 -23.26 11.18 -19.80
CA PRO A 267 -24.20 10.46 -20.64
C PRO A 267 -23.58 9.19 -21.23
N ILE A 268 -24.43 8.20 -21.52
CA ILE A 268 -23.99 6.97 -22.16
C ILE A 268 -24.08 7.14 -23.68
N ASP A 269 -23.02 6.70 -24.37
CA ASP A 269 -22.84 6.91 -25.82
C ASP A 269 -22.52 5.57 -26.46
N THR A 270 -22.60 5.50 -27.79
CA THR A 270 -22.17 4.30 -28.54
C THR A 270 -20.68 4.40 -28.93
N CYS A 271 -19.85 3.66 -28.21
CA CYS A 271 -18.42 3.52 -28.49
C CYS A 271 -17.87 2.31 -27.72
N ILE A 272 -16.57 2.06 -27.82
CA ILE A 272 -15.90 0.98 -27.10
C ILE A 272 -14.78 1.55 -26.23
N SER A 273 -14.91 1.37 -24.92
CA SER A 273 -13.84 1.70 -23.97
C SER A 273 -13.85 0.74 -22.80
N GLU A 274 -12.73 0.03 -22.61
CA GLU A 274 -12.56 -0.89 -21.49
C GLU A 274 -12.66 -0.19 -20.14
N CYS A 275 -12.12 1.02 -20.04
CA CYS A 275 -12.05 1.78 -18.79
C CYS A 275 -13.13 2.86 -18.67
N ILE A 276 -13.79 2.90 -17.50
CA ILE A 276 -14.88 3.83 -17.22
C ILE A 276 -14.56 4.59 -15.93
N THR A 277 -14.69 5.91 -15.98
CA THR A 277 -14.64 6.75 -14.79
C THR A 277 -15.97 7.49 -14.69
N PRO A 278 -16.26 8.08 -13.53
CA PRO A 278 -17.42 8.97 -13.45
C PRO A 278 -17.38 10.21 -14.38
N ASN A 279 -16.19 10.63 -14.80
CA ASN A 279 -16.02 11.73 -15.76
C ASN A 279 -16.37 11.30 -17.18
N GLY A 280 -16.44 10.00 -17.40
CA GLY A 280 -16.66 9.41 -18.72
C GLY A 280 -15.65 8.30 -18.90
N SER A 281 -15.69 7.64 -20.05
CA SER A 281 -14.75 6.60 -20.39
C SER A 281 -13.41 7.22 -20.71
N ILE A 282 -12.33 6.48 -20.48
CA ILE A 282 -10.99 6.93 -20.85
C ILE A 282 -10.20 5.83 -21.55
N PRO A 283 -9.26 6.22 -22.43
CA PRO A 283 -8.36 5.22 -23.00
C PRO A 283 -7.42 4.61 -21.95
N ASN A 284 -6.99 3.39 -22.21
CA ASN A 284 -6.11 2.65 -21.32
C ASN A 284 -4.77 2.26 -21.97
N ASP A 285 -4.33 3.03 -22.96
CA ASP A 285 -3.03 2.78 -23.58
C ASP A 285 -1.88 3.24 -22.68
N LYS A 286 -2.13 4.22 -21.84
CA LYS A 286 -1.13 4.71 -20.89
C LYS A 286 -1.20 3.93 -19.57
N PRO A 287 -0.08 3.84 -18.84
CA PRO A 287 -0.07 3.10 -17.57
C PRO A 287 -0.71 3.83 -16.39
N PHE A 288 -0.74 5.16 -16.44
CA PHE A 288 -1.26 5.99 -15.34
C PHE A 288 -2.35 6.94 -15.80
N GLN A 289 -3.09 7.49 -14.83
CA GLN A 289 -4.16 8.45 -15.12
C GLN A 289 -4.43 9.40 -13.96
N ASN A 290 -4.88 10.59 -14.33
CA ASN A 290 -5.13 11.69 -13.40
C ASN A 290 -6.59 12.12 -13.45
N VAL A 291 -7.44 11.33 -14.10
CA VAL A 291 -8.83 11.71 -14.36
C VAL A 291 -9.64 11.54 -13.09
N ASN A 292 -9.64 10.31 -12.58
CA ASN A 292 -10.40 10.00 -11.36
C ASN A 292 -9.90 8.74 -10.70
N LYS A 293 -9.83 8.78 -9.38
CA LYS A 293 -9.49 7.60 -8.58
C LYS A 293 -10.59 6.53 -8.63
N ILE A 294 -11.83 6.93 -8.87
CA ILE A 294 -12.92 5.98 -9.11
C ILE A 294 -12.80 5.51 -10.54
N THR A 295 -12.63 4.20 -10.71
CA THR A 295 -12.59 3.59 -12.03
C THR A 295 -13.27 2.24 -12.05
N TYR A 296 -13.61 1.79 -13.26
CA TYR A 296 -14.15 0.45 -13.49
C TYR A 296 -13.55 -0.10 -14.78
N GLY A 297 -13.08 -1.34 -14.72
CA GLY A 297 -12.53 -2.05 -15.87
C GLY A 297 -11.02 -1.96 -15.97
N ALA A 298 -10.52 -2.27 -17.16
CA ALA A 298 -9.08 -2.27 -17.44
C ALA A 298 -8.55 -0.85 -17.56
N CYS A 299 -8.13 -0.27 -16.43
CA CYS A 299 -7.79 1.14 -16.36
C CYS A 299 -6.34 1.38 -16.02
N PRO A 300 -5.80 2.53 -16.45
CA PRO A 300 -4.51 3.00 -15.92
C PRO A 300 -4.61 3.26 -14.41
N LYS A 301 -3.49 3.09 -13.71
CA LYS A 301 -3.47 3.32 -12.27
C LYS A 301 -3.57 4.82 -11.98
N TYR A 302 -4.41 5.19 -11.02
CA TYR A 302 -4.58 6.61 -10.67
C TYR A 302 -3.34 7.13 -9.94
N VAL A 303 -2.88 8.29 -10.37
CA VAL A 303 -1.76 9.01 -9.73
C VAL A 303 -2.06 10.50 -9.64
N LYS A 304 -1.31 11.20 -8.80
CA LYS A 304 -1.52 12.62 -8.55
C LYS A 304 -0.94 13.52 -9.64
N GLN A 305 0.06 13.03 -10.36
CA GLN A 305 0.69 13.82 -11.42
C GLN A 305 -0.26 13.97 -12.61
N ASN A 306 -0.36 15.18 -13.17
CA ASN A 306 -1.12 15.39 -14.43
C ASN A 306 -0.27 15.14 -15.69
N THR A 307 1.05 15.05 -15.52
CA THR A 307 1.94 14.69 -16.62
C THR A 307 3.20 13.97 -16.12
N LEU A 308 3.60 12.94 -16.86
CA LEU A 308 4.90 12.31 -16.70
C LEU A 308 5.42 11.93 -18.07
N LYS A 309 6.52 12.55 -18.48
CA LYS A 309 7.11 12.31 -19.80
C LYS A 309 8.18 11.20 -19.71
N LEU A 310 8.00 10.17 -20.52
CA LEU A 310 9.00 9.13 -20.73
C LEU A 310 9.83 9.48 -21.96
N ALA A 311 11.10 9.81 -21.75
CA ALA A 311 12.04 10.04 -22.84
C ALA A 311 12.04 8.88 -23.82
N THR A 312 11.80 9.21 -25.09
CA THR A 312 11.83 8.27 -26.22
C THR A 312 12.89 8.74 -27.23
N GLY A 313 14.00 9.23 -26.71
CA GLY A 313 15.04 9.81 -27.55
C GLY A 313 16.21 10.30 -26.74
N MET A 314 17.33 10.49 -27.41
CA MET A 314 18.54 10.99 -26.77
C MET A 314 18.43 12.43 -26.26
N ARG A 315 19.46 12.86 -25.56
CA ARG A 315 19.68 14.26 -25.21
C ARG A 315 19.72 15.16 -26.45
N ASN A 316 18.93 16.24 -26.43
CA ASN A 316 18.86 17.16 -27.56
C ASN A 316 19.82 18.33 -27.35
N VAL A 317 20.85 18.40 -28.19
CA VAL A 317 21.90 19.42 -28.11
C VAL A 317 21.90 20.20 -29.43
N PRO A 318 21.20 21.36 -29.47
CA PRO A 318 21.32 22.23 -30.66
C PRO A 318 22.69 22.92 -30.73
N GLU A 319 23.11 23.32 -31.93
CA GLU A 319 24.42 23.96 -32.07
C GLU A 319 24.49 25.29 -31.32
N LYS A 320 25.70 25.61 -30.85
CA LYS A 320 26.02 26.88 -30.18
C LYS A 320 25.39 28.09 -30.89
N GLN A 321 24.40 28.71 -30.27
CA GLN A 321 23.71 29.86 -30.90
C GLN A 321 24.53 31.13 -30.76
N THR A 322 24.68 31.84 -31.88
CA THR A 322 25.42 33.11 -31.91
C THR A 322 24.55 34.27 -31.44
N ARG A 323 23.24 34.07 -31.43
CA ARG A 323 22.31 35.00 -30.83
C ARG A 323 21.54 34.23 -29.79
N GLY B 1 25.69 12.53 -19.81
CA GLY B 1 25.67 11.04 -19.80
C GLY B 1 26.92 10.37 -19.24
N LEU B 2 26.81 9.08 -18.96
CA LEU B 2 27.89 8.30 -18.35
C LEU B 2 29.14 8.15 -19.23
N PHE B 3 28.95 8.15 -20.54
CA PHE B 3 30.06 7.95 -21.47
C PHE B 3 30.65 9.27 -21.99
N GLY B 4 29.89 10.36 -21.89
CA GLY B 4 30.38 11.70 -22.19
C GLY B 4 30.66 11.97 -23.65
N ALA B 5 29.96 11.26 -24.54
CA ALA B 5 30.04 11.55 -25.96
C ALA B 5 29.01 12.62 -26.26
N ILE B 6 27.73 12.28 -26.07
CA ILE B 6 26.62 13.20 -26.29
C ILE B 6 26.63 14.22 -25.16
N ALA B 7 26.51 15.48 -25.54
CA ALA B 7 26.66 16.62 -24.61
C ALA B 7 28.02 16.62 -23.90
N GLY B 8 29.02 16.01 -24.54
CA GLY B 8 30.33 15.79 -23.92
C GLY B 8 31.41 16.18 -24.89
N PHE B 9 32.21 15.21 -25.34
CA PHE B 9 33.28 15.51 -26.30
C PHE B 9 32.78 15.86 -27.70
N ILE B 10 31.56 15.40 -28.05
CA ILE B 10 30.85 15.89 -29.23
C ILE B 10 30.07 17.13 -28.82
N GLU B 11 30.48 18.27 -29.34
CA GLU B 11 29.97 19.59 -28.92
C GLU B 11 28.46 19.74 -29.06
N ASN B 12 27.91 19.23 -30.15
CA ASN B 12 26.47 19.27 -30.37
C ASN B 12 25.99 18.30 -31.44
N GLY B 13 24.66 18.20 -31.54
CA GLY B 13 24.02 17.39 -32.55
C GLY B 13 23.93 18.09 -33.89
N TRP B 14 23.29 17.40 -34.83
CA TRP B 14 23.11 17.88 -36.19
C TRP B 14 21.63 17.88 -36.52
N GLU B 15 21.02 19.07 -36.53
CA GLU B 15 19.64 19.22 -37.02
C GLU B 15 19.49 18.75 -38.47
N GLY B 16 20.56 18.92 -39.26
CA GLY B 16 20.65 18.42 -40.63
C GLY B 16 20.37 16.95 -40.84
N MET B 17 20.75 16.11 -39.89
CA MET B 17 20.58 14.66 -40.01
C MET B 17 19.14 14.23 -39.73
N ILE B 18 18.37 14.07 -40.80
CA ILE B 18 16.94 13.74 -40.72
C ILE B 18 16.63 12.27 -41.04
N ASP B 19 17.66 11.51 -41.43
CA ASP B 19 17.52 10.11 -41.88
C ASP B 19 18.11 9.10 -40.89
N GLY B 20 18.38 9.54 -39.65
CA GLY B 20 19.00 8.69 -38.65
C GLY B 20 19.39 9.43 -37.38
N TRP B 21 19.78 8.67 -36.36
CA TRP B 21 20.09 9.17 -35.02
C TRP B 21 21.57 9.44 -34.81
N TYR B 22 22.40 8.52 -35.30
CA TYR B 22 23.85 8.65 -35.31
C TYR B 22 24.35 8.57 -36.75
N GLY B 23 25.53 9.13 -37.01
CA GLY B 23 26.10 9.04 -38.36
C GLY B 23 27.40 9.78 -38.60
N PHE B 24 27.71 9.95 -39.89
CA PHE B 24 29.02 10.41 -40.36
C PHE B 24 28.95 11.74 -41.12
N ARG B 25 29.97 12.57 -40.93
CA ARG B 25 30.24 13.73 -41.79
C ARG B 25 31.72 13.72 -42.16
N HIS B 26 32.02 13.97 -43.44
CA HIS B 26 33.39 13.89 -43.97
C HIS B 26 33.76 15.11 -44.80
N GLN B 27 35.07 15.38 -44.86
CA GLN B 27 35.66 16.26 -45.88
C GLN B 27 36.83 15.51 -46.54
N ASN B 28 36.78 15.42 -47.87
CA ASN B 28 37.84 14.79 -48.67
C ASN B 28 38.09 15.62 -49.93
N SER B 29 38.95 15.12 -50.83
CA SER B 29 39.20 15.73 -52.14
C SER B 29 37.92 16.09 -52.93
N GLU B 30 36.97 15.17 -52.96
CA GLU B 30 35.74 15.32 -53.76
C GLU B 30 34.64 16.23 -53.17
N GLY B 31 34.79 16.68 -51.92
CA GLY B 31 33.83 17.59 -51.28
C GLY B 31 33.48 17.19 -49.86
N THR B 32 32.29 17.58 -49.40
CA THR B 32 31.74 17.13 -48.11
C THR B 32 30.39 16.44 -48.30
N GLY B 33 30.07 15.54 -47.38
CA GLY B 33 28.80 14.81 -47.41
C GLY B 33 28.38 14.32 -46.05
N GLN B 34 27.15 13.80 -45.97
CA GLN B 34 26.59 13.31 -44.72
C GLN B 34 25.83 12.01 -44.95
N ALA B 35 26.02 11.04 -44.07
CA ALA B 35 25.24 9.80 -44.10
C ALA B 35 25.04 9.25 -42.69
N ALA B 36 23.82 8.77 -42.44
CA ALA B 36 23.44 8.20 -41.15
C ALA B 36 23.89 6.75 -41.06
N ASP B 37 24.18 6.29 -39.84
CA ASP B 37 24.53 4.90 -39.56
C ASP B 37 23.30 4.13 -39.14
N LEU B 38 22.94 3.10 -39.92
CA LEU B 38 21.67 2.40 -39.72
C LEU B 38 21.69 1.46 -38.50
N LYS B 39 22.84 0.85 -38.21
CA LYS B 39 22.94 -0.16 -37.15
C LYS B 39 22.84 0.45 -35.75
N SER B 40 23.64 1.50 -35.51
CA SER B 40 23.63 2.19 -34.22
C SER B 40 22.29 2.89 -33.97
N THR B 41 21.77 3.56 -35.00
CA THR B 41 20.42 4.12 -34.96
C THR B 41 19.38 3.08 -34.57
N GLN B 42 19.42 1.90 -35.20
CA GLN B 42 18.43 0.85 -34.93
C GLN B 42 18.55 0.25 -33.51
N ALA B 43 19.79 0.13 -33.01
CA ALA B 43 20.02 -0.35 -31.63
C ALA B 43 19.41 0.57 -30.55
N ALA B 44 19.55 1.89 -30.74
CA ALA B 44 18.98 2.86 -29.80
C ALA B 44 17.46 2.80 -29.81
N ILE B 45 16.88 2.80 -31.01
CA ILE B 45 15.44 2.74 -31.20
C ILE B 45 14.87 1.43 -30.64
N ASP B 46 15.48 0.29 -30.97
CA ASP B 46 15.00 -1.01 -30.49
C ASP B 46 14.98 -1.10 -28.98
N GLN B 47 16.03 -0.58 -28.34
CA GLN B 47 16.09 -0.54 -26.87
C GLN B 47 15.02 0.36 -26.27
N ILE B 48 14.80 1.52 -26.87
CA ILE B 48 13.76 2.45 -26.43
C ILE B 48 12.35 1.89 -26.69
N ASN B 49 12.14 1.26 -27.85
CA ASN B 49 10.86 0.58 -28.13
C ASN B 49 10.63 -0.56 -27.15
N GLY B 50 11.71 -1.27 -26.85
CA GLY B 50 11.71 -2.35 -25.88
C GLY B 50 11.17 -1.93 -24.53
N LYS B 51 11.71 -0.85 -23.98
CA LYS B 51 11.26 -0.31 -22.69
C LYS B 51 9.88 0.37 -22.77
N LEU B 52 9.58 0.97 -23.91
CA LEU B 52 8.28 1.61 -24.11
C LEU B 52 7.16 0.57 -24.02
N ASN B 53 7.29 -0.53 -24.77
CA ASN B 53 6.31 -1.63 -24.72
C ASN B 53 6.17 -2.21 -23.31
N ARG B 54 7.27 -2.30 -22.57
CA ARG B 54 7.27 -2.76 -21.18
C ARG B 54 6.49 -1.84 -20.24
N VAL B 55 6.68 -0.53 -20.37
CA VAL B 55 6.00 0.44 -19.53
C VAL B 55 4.50 0.52 -19.84
N ILE B 56 4.13 0.51 -21.11
CA ILE B 56 2.70 0.56 -21.50
C ILE B 56 2.00 -0.80 -21.46
N GLU B 57 2.70 -1.81 -20.91
CA GLU B 57 2.20 -3.17 -20.76
C GLU B 57 1.02 -3.17 -19.81
N LYS B 58 -0.16 -3.42 -20.37
CA LYS B 58 -1.40 -3.36 -19.59
C LYS B 58 -1.39 -4.43 -18.49
N THR B 59 -1.66 -3.99 -17.27
CA THR B 59 -1.95 -4.87 -16.13
C THR B 59 -3.28 -4.31 -15.64
N ASN B 60 -3.66 -4.55 -14.39
CA ASN B 60 -4.67 -3.72 -13.74
C ASN B 60 -6.02 -3.68 -14.43
N GLU B 61 -6.87 -4.59 -14.02
CA GLU B 61 -8.27 -4.59 -14.39
C GLU B 61 -9.01 -4.79 -13.08
N LYS B 62 -9.80 -3.80 -12.72
CA LYS B 62 -10.50 -3.77 -11.43
C LYS B 62 -11.97 -3.50 -11.65
N PHE B 63 -12.78 -4.16 -10.84
CA PHE B 63 -14.23 -4.15 -11.00
C PHE B 63 -14.82 -3.57 -9.71
N HIS B 64 -15.54 -4.36 -8.91
CA HIS B 64 -16.04 -3.85 -7.64
C HIS B 64 -14.88 -3.61 -6.69
N GLN B 65 -14.84 -2.40 -6.15
CA GLN B 65 -13.80 -1.96 -5.22
C GLN B 65 -14.51 -1.33 -4.02
N ILE B 66 -13.85 -0.41 -3.33
CA ILE B 66 -14.49 0.35 -2.26
C ILE B 66 -14.97 1.71 -2.76
N GLU B 67 -15.90 2.30 -2.02
CA GLU B 67 -16.34 3.66 -2.31
C GLU B 67 -15.25 4.65 -1.89
N LYS B 68 -15.15 5.75 -2.63
CA LYS B 68 -14.08 6.74 -2.45
C LYS B 68 -14.58 8.18 -2.35
N GLU B 69 -15.90 8.38 -2.43
CA GLU B 69 -16.56 9.66 -2.18
C GLU B 69 -17.76 9.39 -1.28
N PHE B 70 -18.09 10.33 -0.40
CA PHE B 70 -19.06 10.10 0.67
C PHE B 70 -19.93 11.33 0.90
N SER B 71 -21.26 11.15 0.92
CA SER B 71 -22.19 12.26 1.13
C SER B 71 -22.46 12.57 2.60
N GLU B 72 -22.03 11.68 3.50
CA GLU B 72 -22.23 11.85 4.94
C GLU B 72 -20.90 11.72 5.68
N VAL B 73 -20.80 12.49 6.77
CA VAL B 73 -19.76 12.30 7.77
C VAL B 73 -20.15 11.04 8.54
N GLU B 74 -19.23 10.08 8.63
CA GLU B 74 -19.50 8.81 9.33
C GLU B 74 -18.49 8.46 10.43
N GLY B 75 -17.24 8.86 10.25
CA GLY B 75 -16.21 8.73 11.27
C GLY B 75 -15.20 7.64 10.96
N ARG B 76 -15.08 6.66 11.86
CA ARG B 76 -13.96 5.70 11.87
C ARG B 76 -13.83 4.89 10.59
N ILE B 77 -14.91 4.22 10.20
CA ILE B 77 -14.90 3.37 9.02
C ILE B 77 -14.56 4.14 7.75
N GLN B 78 -15.14 5.33 7.61
CA GLN B 78 -14.85 6.20 6.46
C GLN B 78 -13.44 6.75 6.50
N ASP B 79 -12.95 7.11 7.69
CA ASP B 79 -11.55 7.56 7.83
C ASP B 79 -10.63 6.53 7.25
N LEU B 80 -10.90 5.26 7.56
CA LEU B 80 -10.09 4.12 7.10
C LEU B 80 -10.18 3.90 5.58
N GLU B 81 -11.41 3.92 5.05
CA GLU B 81 -11.62 3.83 3.61
C GLU B 81 -10.85 4.92 2.84
N LYS B 82 -10.88 6.14 3.34
CA LYS B 82 -10.15 7.25 2.72
C LYS B 82 -8.65 7.08 2.82
N TYR B 83 -8.18 6.73 4.02
CA TYR B 83 -6.76 6.51 4.28
C TYR B 83 -6.17 5.40 3.43
N VAL B 84 -6.90 4.30 3.28
CA VAL B 84 -6.48 3.18 2.43
C VAL B 84 -6.27 3.66 1.01
N GLU B 85 -7.22 4.43 0.48
CA GLU B 85 -7.12 4.93 -0.89
C GLU B 85 -6.05 5.99 -1.04
N ASP B 86 -5.96 6.89 -0.07
CA ASP B 86 -4.95 7.94 -0.08
C ASP B 86 -3.54 7.33 0.01
N THR B 87 -3.40 6.28 0.82
CA THR B 87 -2.13 5.55 0.95
C THR B 87 -1.70 4.96 -0.39
N LYS B 88 -2.64 4.28 -1.04
CA LYS B 88 -2.44 3.63 -2.35
C LYS B 88 -1.98 4.62 -3.39
N ILE B 89 -2.72 5.71 -3.52
CA ILE B 89 -2.46 6.71 -4.54
C ILE B 89 -1.04 7.28 -4.37
N ASP B 90 -0.66 7.61 -3.13
CA ASP B 90 0.68 8.12 -2.85
C ASP B 90 1.77 7.14 -3.25
N LEU B 91 1.55 5.85 -2.98
CA LEU B 91 2.52 4.81 -3.36
C LEU B 91 2.62 4.62 -4.87
N TRP B 92 1.48 4.67 -5.56
CA TRP B 92 1.48 4.59 -7.02
C TRP B 92 2.06 5.86 -7.65
N SER B 93 1.79 7.01 -7.04
CA SER B 93 2.38 8.28 -7.45
C SER B 93 3.91 8.23 -7.35
N TYR B 94 4.43 7.64 -6.28
CA TYR B 94 5.88 7.49 -6.08
C TYR B 94 6.46 6.52 -7.12
N ASN B 95 5.81 5.38 -7.33
CA ASN B 95 6.29 4.42 -8.32
C ASN B 95 6.38 5.03 -9.71
N ALA B 96 5.39 5.86 -10.05
CA ALA B 96 5.38 6.57 -11.32
C ALA B 96 6.54 7.57 -11.42
N GLU B 97 6.73 8.39 -10.39
CA GLU B 97 7.80 9.39 -10.37
C GLU B 97 9.18 8.75 -10.51
N LEU B 98 9.39 7.65 -9.78
CA LEU B 98 10.66 6.93 -9.81
C LEU B 98 10.85 6.24 -11.14
N LEU B 99 9.79 5.64 -11.67
CA LEU B 99 9.88 4.93 -12.95
C LEU B 99 10.45 5.85 -14.01
N VAL B 100 9.81 7.01 -14.21
CA VAL B 100 10.28 7.92 -15.25
C VAL B 100 11.72 8.38 -14.99
N ALA B 101 12.00 8.73 -13.75
CA ALA B 101 13.34 9.17 -13.37
C ALA B 101 14.39 8.16 -13.79
N LEU B 102 14.20 6.91 -13.38
CA LEU B 102 15.14 5.81 -13.72
C LEU B 102 15.21 5.58 -15.21
N GLU B 103 14.04 5.42 -15.83
CA GLU B 103 13.93 5.15 -17.25
C GLU B 103 14.62 6.23 -18.08
N ASN B 104 14.43 7.50 -17.72
CA ASN B 104 14.94 8.61 -18.52
C ASN B 104 16.44 8.82 -18.33
N GLN B 105 16.90 8.68 -17.10
CA GLN B 105 18.34 8.63 -16.81
C GLN B 105 19.05 7.56 -17.65
N HIS B 106 18.45 6.39 -17.70
CA HIS B 106 18.97 5.24 -18.47
C HIS B 106 18.87 5.46 -19.97
N THR B 107 17.76 6.06 -20.44
CA THR B 107 17.58 6.33 -21.87
C THR B 107 18.68 7.26 -22.36
N ILE B 108 18.98 8.30 -21.56
CA ILE B 108 20.06 9.25 -21.87
C ILE B 108 21.41 8.54 -21.87
N ASP B 109 21.70 7.74 -20.85
CA ASP B 109 22.97 7.01 -20.77
C ASP B 109 23.15 5.98 -21.90
N LEU B 110 22.08 5.30 -22.32
CA LEU B 110 22.19 4.27 -23.35
C LEU B 110 22.36 4.87 -24.75
N THR B 111 21.72 6.01 -25.02
CA THR B 111 21.92 6.72 -26.27
C THR B 111 23.34 7.30 -26.34
N ASP B 112 23.81 7.83 -25.21
CA ASP B 112 25.20 8.27 -25.06
C ASP B 112 26.14 7.08 -25.30
N SER B 113 25.78 5.92 -24.75
CA SER B 113 26.54 4.69 -24.95
C SER B 113 26.65 4.31 -26.43
N GLU B 114 25.53 4.33 -27.15
CA GLU B 114 25.51 3.90 -28.55
C GLU B 114 26.35 4.79 -29.45
N MET B 115 26.36 6.09 -29.15
CA MET B 115 27.25 7.05 -29.83
C MET B 115 28.69 6.67 -29.63
N ASN B 116 29.04 6.37 -28.39
CA ASN B 116 30.40 5.97 -28.01
C ASN B 116 30.80 4.63 -28.64
N LYS B 117 29.88 3.68 -28.67
CA LYS B 117 30.10 2.36 -29.29
C LYS B 117 30.43 2.49 -30.78
N LEU B 118 29.73 3.38 -31.48
CA LEU B 118 30.01 3.65 -32.90
C LEU B 118 31.37 4.31 -33.09
N PHE B 119 31.69 5.24 -32.21
CA PHE B 119 32.97 5.94 -32.25
C PHE B 119 34.14 4.98 -32.02
N GLU B 120 34.06 4.16 -30.98
CA GLU B 120 35.11 3.18 -30.69
C GLU B 120 35.25 2.15 -31.82
N LYS B 121 34.14 1.71 -32.38
CA LYS B 121 34.12 0.79 -33.54
C LYS B 121 34.82 1.39 -34.76
N THR B 122 34.55 2.67 -35.03
CA THR B 122 35.14 3.38 -36.17
C THR B 122 36.64 3.53 -35.97
N GLY B 123 37.06 4.05 -34.82
CA GLY B 123 38.48 4.17 -34.47
C GLY B 123 39.25 2.87 -34.67
N ARG B 124 38.64 1.76 -34.26
CA ARG B 124 39.24 0.42 -34.42
C ARG B 124 39.38 -0.01 -35.89
N GLN B 125 38.43 0.36 -36.74
CA GLN B 125 38.57 0.17 -38.19
C GLN B 125 39.83 0.84 -38.75
N LEU B 126 40.04 2.09 -38.35
CA LEU B 126 41.10 2.92 -38.91
C LEU B 126 42.51 2.58 -38.41
N ARG B 127 42.60 1.77 -37.35
CA ARG B 127 43.88 1.24 -36.86
C ARG B 127 44.93 2.34 -36.69
N GLU B 128 46.01 2.32 -37.50
CA GLU B 128 47.07 3.33 -37.40
C GLU B 128 47.03 4.31 -38.58
N ASN B 129 45.95 4.28 -39.36
CA ASN B 129 45.79 5.17 -40.51
C ASN B 129 45.08 6.48 -40.16
N ALA B 130 44.72 6.68 -38.88
CA ALA B 130 44.03 7.90 -38.43
C ALA B 130 44.26 8.20 -36.96
N GLU B 131 43.94 9.43 -36.53
CA GLU B 131 44.12 9.88 -35.15
C GLU B 131 42.90 10.62 -34.62
N ASP B 132 42.61 10.41 -33.33
CA ASP B 132 41.48 11.01 -32.65
C ASP B 132 41.78 12.48 -32.32
N MET B 133 41.13 13.41 -33.03
CA MET B 133 41.30 14.85 -32.75
C MET B 133 40.77 15.26 -31.37
N GLY B 134 39.82 14.49 -30.83
CA GLY B 134 39.28 14.71 -29.48
C GLY B 134 37.89 15.34 -29.40
N ASN B 135 37.25 15.53 -30.56
CA ASN B 135 35.96 16.21 -30.66
C ASN B 135 34.95 15.34 -31.41
N GLY B 136 35.17 14.02 -31.41
CA GLY B 136 34.40 13.09 -32.23
C GLY B 136 34.85 12.97 -33.69
N CYS B 137 35.95 13.63 -34.05
CA CYS B 137 36.48 13.59 -35.41
C CYS B 137 37.85 12.91 -35.47
N PHE B 138 37.98 12.00 -36.44
CA PHE B 138 39.27 11.41 -36.78
C PHE B 138 39.86 12.18 -37.95
N LYS B 139 41.13 12.57 -37.84
CA LYS B 139 41.87 13.03 -39.01
C LYS B 139 42.50 11.81 -39.65
N ILE B 140 42.06 11.48 -40.87
CA ILE B 140 42.62 10.37 -41.65
C ILE B 140 43.80 10.90 -42.44
N TYR B 141 44.90 10.14 -42.43
CA TYR B 141 46.17 10.57 -43.00
C TYR B 141 46.42 9.94 -44.38
N HIS B 142 45.43 9.99 -45.27
CA HIS B 142 45.62 9.57 -46.66
C HIS B 142 44.51 10.09 -47.58
N LYS B 143 44.69 9.87 -48.89
CA LYS B 143 43.65 10.16 -49.88
C LYS B 143 42.49 9.18 -49.67
N CYS B 144 41.37 9.68 -49.19
CA CYS B 144 40.17 8.87 -49.00
C CYS B 144 39.04 9.42 -49.86
N ASP B 145 38.99 8.94 -51.10
CA ASP B 145 37.90 9.25 -52.05
C ASP B 145 36.56 8.71 -51.55
N ASN B 146 35.47 9.14 -52.20
CA ASN B 146 34.11 8.77 -51.75
C ASN B 146 33.89 7.25 -51.64
N ALA B 147 34.57 6.47 -52.49
CA ALA B 147 34.57 5.00 -52.38
C ALA B 147 35.17 4.55 -51.05
N CYS B 148 36.29 5.16 -50.66
CA CYS B 148 36.98 4.87 -49.39
C CYS B 148 36.11 5.27 -48.19
N ILE B 149 35.48 6.44 -48.24
CA ILE B 149 34.61 6.90 -47.14
C ILE B 149 33.49 5.89 -46.93
N GLU B 150 32.74 5.63 -48.00
CA GLU B 150 31.66 4.63 -47.99
C GLU B 150 32.14 3.24 -47.50
N SER B 151 33.40 2.88 -47.75
CA SER B 151 33.97 1.63 -47.22
C SER B 151 34.05 1.62 -45.69
N ILE B 152 34.39 2.77 -45.11
CA ILE B 152 34.40 2.95 -43.65
C ILE B 152 32.99 2.86 -43.10
N ARG B 153 32.03 3.47 -43.80
CA ARG B 153 30.64 3.53 -43.35
C ARG B 153 29.93 2.18 -43.48
N ASN B 154 30.08 1.49 -44.61
CA ASN B 154 29.47 0.14 -44.80
C ASN B 154 30.36 -1.02 -44.28
N GLY B 155 31.49 -0.70 -43.66
CA GLY B 155 32.27 -1.68 -42.89
C GLY B 155 33.27 -2.54 -43.65
N THR B 156 33.65 -2.14 -44.87
CA THR B 156 34.55 -2.92 -45.76
C THR B 156 35.98 -2.39 -45.88
N TYR B 157 36.26 -1.25 -45.26
CA TYR B 157 37.59 -0.60 -45.29
C TYR B 157 38.71 -1.55 -44.85
N ASP B 158 39.65 -1.83 -45.76
CA ASP B 158 40.87 -2.58 -45.43
C ASP B 158 41.94 -1.53 -45.11
N HIS B 159 42.44 -1.56 -43.87
CA HIS B 159 43.46 -0.60 -43.43
C HIS B 159 44.85 -0.87 -44.02
N ASP B 160 45.14 -2.12 -44.41
CA ASP B 160 46.43 -2.45 -45.02
C ASP B 160 46.64 -1.74 -46.35
N VAL B 161 45.56 -1.59 -47.13
CA VAL B 161 45.59 -0.88 -48.42
C VAL B 161 46.23 0.52 -48.32
N TYR B 162 45.90 1.26 -47.25
CA TYR B 162 46.35 2.65 -47.08
C TYR B 162 47.43 2.82 -45.99
N ARG B 163 47.94 1.72 -45.43
CA ARG B 163 48.76 1.78 -44.21
C ARG B 163 50.10 2.50 -44.40
N ASP B 164 50.90 2.04 -45.37
CA ASP B 164 52.21 2.64 -45.67
C ASP B 164 52.08 4.11 -46.08
N GLU B 165 51.08 4.40 -46.92
CA GLU B 165 50.74 5.79 -47.28
C GLU B 165 50.50 6.63 -46.03
N ALA B 166 49.69 6.10 -45.11
CA ALA B 166 49.27 6.85 -43.91
C ALA B 166 50.33 6.98 -42.84
N LEU B 167 51.01 5.88 -42.54
CA LEU B 167 52.10 5.86 -41.56
C LEU B 167 53.18 6.91 -41.88
N ASN B 168 53.53 7.03 -43.16
CA ASN B 168 54.49 8.03 -43.63
C ASN B 168 54.03 9.47 -43.33
N ASN B 169 52.77 9.77 -43.66
CA ASN B 169 52.19 11.11 -43.45
C ASN B 169 52.08 11.48 -41.97
N ARG B 170 51.90 10.49 -41.11
CA ARG B 170 51.85 10.70 -39.66
C ARG B 170 53.20 11.05 -39.04
N PHE B 171 54.31 10.49 -39.53
CA PHE B 171 55.63 10.70 -38.90
C PHE B 171 56.66 11.41 -39.79
N GLN B 172 56.21 12.39 -40.57
CA GLN B 172 57.04 13.09 -41.54
C GLN B 172 56.59 14.53 -41.76
N PRO C 3 57.55 -12.88 -37.89
CA PRO C 3 56.59 -13.81 -37.30
C PRO C 3 56.07 -13.30 -35.94
N GLY C 4 54.78 -12.94 -35.91
CA GLY C 4 54.16 -12.34 -34.71
C GLY C 4 53.36 -13.30 -33.84
N ALA C 5 52.35 -12.76 -33.16
CA ALA C 5 51.46 -13.54 -32.30
C ALA C 5 50.21 -12.74 -31.94
N THR C 6 49.04 -13.39 -31.91
CA THR C 6 47.76 -12.72 -31.61
C THR C 6 47.19 -13.19 -30.26
N LEU C 7 46.58 -12.25 -29.52
CA LEU C 7 46.03 -12.52 -28.18
C LEU C 7 44.59 -12.01 -28.10
N CYS C 8 43.65 -12.94 -28.05
CA CYS C 8 42.22 -12.63 -28.05
C CYS C 8 41.65 -12.63 -26.64
N LEU C 9 40.93 -11.56 -26.30
CA LEU C 9 40.10 -11.48 -25.10
C LEU C 9 38.70 -11.96 -25.42
N GLY C 10 38.03 -12.52 -24.42
CA GLY C 10 36.68 -13.07 -24.60
C GLY C 10 36.04 -13.52 -23.30
N HIS C 11 34.89 -14.17 -23.44
CA HIS C 11 34.06 -14.54 -22.29
C HIS C 11 33.39 -15.87 -22.52
N HIS C 12 32.85 -16.45 -21.45
CA HIS C 12 32.22 -17.77 -21.53
C HIS C 12 30.83 -17.73 -22.15
N ALA C 13 30.32 -18.92 -22.42
CA ALA C 13 28.95 -19.13 -22.86
C ALA C 13 28.50 -20.51 -22.45
N VAL C 14 27.21 -20.80 -22.64
CA VAL C 14 26.65 -22.12 -22.36
C VAL C 14 25.72 -22.51 -23.49
N PRO C 15 25.52 -23.83 -23.72
CA PRO C 15 24.64 -24.23 -24.82
C PRO C 15 23.16 -23.92 -24.53
N ASN C 16 22.72 -24.19 -23.31
CA ASN C 16 21.33 -23.97 -22.89
C ASN C 16 21.26 -22.81 -21.89
N GLY C 17 20.95 -21.61 -22.39
CA GLY C 17 20.80 -20.41 -21.55
C GLY C 17 19.46 -20.28 -20.85
N THR C 18 19.25 -19.14 -20.21
CA THR C 18 18.00 -18.84 -19.47
C THR C 18 17.47 -17.47 -19.87
N LEU C 19 16.18 -17.36 -20.13
CA LEU C 19 15.55 -16.08 -20.46
C LEU C 19 15.20 -15.28 -19.21
N VAL C 20 15.49 -13.97 -19.26
CA VAL C 20 15.15 -13.04 -18.18
C VAL C 20 14.54 -11.76 -18.73
N LYS C 21 13.93 -10.99 -17.84
CA LYS C 21 13.33 -9.71 -18.20
C LYS C 21 14.25 -8.60 -17.74
N THR C 22 14.30 -7.51 -18.50
CA THR C 22 15.10 -6.33 -18.14
C THR C 22 14.29 -5.04 -18.37
N ILE C 23 14.94 -3.90 -18.21
CA ILE C 23 14.34 -2.61 -18.53
C ILE C 23 13.94 -2.55 -20.00
N THR C 24 14.86 -2.97 -20.87
CA THR C 24 14.70 -2.83 -22.31
C THR C 24 14.15 -4.08 -23.01
N ASP C 25 14.26 -5.25 -22.40
CA ASP C 25 13.83 -6.51 -23.03
C ASP C 25 12.87 -7.30 -22.16
N ASP C 26 11.78 -7.74 -22.78
CA ASP C 26 10.82 -8.66 -22.19
C ASP C 26 11.41 -10.06 -22.02
N GLN C 27 12.17 -10.50 -23.01
CA GLN C 27 13.00 -11.73 -22.92
C GLN C 27 14.38 -11.47 -23.49
N ILE C 28 15.42 -11.93 -22.80
CA ILE C 28 16.80 -11.84 -23.28
C ILE C 28 17.65 -12.91 -22.58
N GLU C 29 18.52 -13.58 -23.33
CA GLU C 29 19.18 -14.80 -22.85
C GLU C 29 20.44 -14.51 -22.03
N VAL C 30 20.55 -15.12 -20.85
CA VAL C 30 21.74 -15.04 -19.99
C VAL C 30 22.30 -16.43 -19.65
N THR C 31 23.53 -16.47 -19.13
CA THR C 31 24.22 -17.75 -18.86
C THR C 31 23.57 -18.52 -17.72
N ASN C 32 23.06 -17.80 -16.73
CA ASN C 32 22.37 -18.41 -15.60
C ASN C 32 21.44 -17.41 -14.91
N ALA C 33 20.36 -17.92 -14.33
CA ALA C 33 19.50 -17.14 -13.46
C ALA C 33 19.00 -17.97 -12.29
N THR C 34 18.34 -17.32 -11.34
CA THR C 34 17.75 -18.01 -10.19
C THR C 34 16.33 -17.52 -9.94
N GLU C 35 15.50 -18.39 -9.40
CA GLU C 35 14.08 -18.12 -9.18
C GLU C 35 13.88 -17.31 -7.88
N LEU C 36 13.05 -16.27 -7.95
CA LEU C 36 12.70 -15.45 -6.78
C LEU C 36 11.26 -15.65 -6.27
N VAL C 37 10.47 -16.46 -6.96
CA VAL C 37 9.11 -16.75 -6.53
C VAL C 37 9.02 -18.21 -6.13
N GLN C 38 8.71 -18.45 -4.85
CA GLN C 38 8.39 -19.78 -4.35
C GLN C 38 6.99 -20.13 -4.80
N SER C 39 6.84 -21.13 -5.68
CA SER C 39 5.53 -21.49 -6.23
C SER C 39 5.01 -22.88 -5.79
N SER C 40 5.78 -23.61 -4.98
CA SER C 40 5.38 -24.95 -4.54
C SER C 40 5.48 -25.12 -3.02
N SER C 41 4.76 -26.11 -2.51
CA SER C 41 4.72 -26.45 -1.09
C SER C 41 4.87 -27.96 -0.93
N THR C 42 5.22 -28.38 0.27
CA THR C 42 5.30 -29.80 0.59
C THR C 42 3.90 -30.42 0.75
N GLY C 43 2.88 -29.58 0.96
CA GLY C 43 1.53 -30.05 1.24
C GLY C 43 1.26 -30.27 2.72
N LYS C 44 2.25 -29.98 3.56
CA LYS C 44 2.24 -30.36 4.97
C LYS C 44 2.70 -29.19 5.82
N ILE C 45 2.04 -28.97 6.95
CA ILE C 45 2.41 -27.91 7.88
C ILE C 45 3.41 -28.47 8.89
N CYS C 46 4.64 -27.97 8.84
CA CYS C 46 5.68 -28.42 9.76
C CYS C 46 5.39 -28.02 11.22
N ASN C 47 5.47 -28.99 12.12
CA ASN C 47 5.21 -28.77 13.57
C ASN C 47 6.24 -27.95 14.35
N ASN C 48 7.36 -27.61 13.70
CA ASN C 48 8.37 -26.68 14.27
C ASN C 48 8.74 -25.58 13.25
N PRO C 49 9.24 -24.43 13.70
CA PRO C 49 9.48 -24.10 15.12
C PRO C 49 8.28 -23.50 15.84
N HIS C 50 7.14 -23.34 15.15
CA HIS C 50 5.95 -22.72 15.74
C HIS C 50 5.10 -23.79 16.39
N ARG C 51 4.54 -23.46 17.55
CA ARG C 51 3.60 -24.33 18.24
C ARG C 51 2.27 -24.40 17.48
N ILE C 52 2.11 -25.46 16.68
CA ILE C 52 0.89 -25.71 15.90
C ILE C 52 -0.08 -26.50 16.74
N LEU C 53 -1.34 -26.04 16.79
CA LEU C 53 -2.40 -26.75 17.49
C LEU C 53 -3.50 -27.11 16.52
N ASP C 54 -3.63 -28.41 16.25
CA ASP C 54 -4.63 -28.91 15.32
C ASP C 54 -5.97 -28.95 16.02
N GLY C 55 -6.92 -28.15 15.53
CA GLY C 55 -8.28 -28.14 16.05
C GLY C 55 -9.04 -29.44 15.83
N ILE C 56 -8.70 -30.19 14.78
CA ILE C 56 -9.34 -31.47 14.46
C ILE C 56 -10.84 -31.23 14.20
N ASP C 57 -11.70 -31.60 15.15
CA ASP C 57 -13.14 -31.50 14.96
C ASP C 57 -13.68 -30.17 15.47
N CYS C 58 -12.80 -29.28 15.91
CA CYS C 58 -13.20 -28.12 16.68
C CYS C 58 -12.75 -26.79 16.08
N THR C 59 -13.66 -25.82 16.13
CA THR C 59 -13.34 -24.43 15.88
C THR C 59 -12.79 -23.87 17.18
N LEU C 60 -11.90 -22.89 17.09
CA LEU C 60 -11.36 -22.21 18.29
C LEU C 60 -12.47 -21.77 19.23
N ILE C 61 -13.58 -21.28 18.66
CA ILE C 61 -14.72 -20.80 19.47
C ILE C 61 -15.39 -21.96 20.24
N ASP C 62 -15.65 -23.09 19.58
CA ASP C 62 -16.20 -24.25 20.29
C ASP C 62 -15.26 -24.78 21.38
N ALA C 63 -13.95 -24.68 21.16
CA ALA C 63 -12.95 -25.01 22.19
C ALA C 63 -13.02 -24.01 23.34
N LEU C 64 -13.08 -22.72 23.00
CA LEU C 64 -13.26 -21.66 23.98
C LEU C 64 -14.44 -21.97 24.88
N LEU C 65 -15.61 -22.11 24.27
CA LEU C 65 -16.86 -22.27 25.01
C LEU C 65 -16.85 -23.56 25.81
N GLY C 66 -16.30 -24.62 25.24
CA GLY C 66 -16.23 -25.91 25.89
C GLY C 66 -17.30 -26.86 25.42
N ASP C 67 -17.43 -26.98 24.10
CA ASP C 67 -18.21 -28.04 23.45
C ASP C 67 -17.56 -29.36 23.92
N PRO C 68 -18.36 -30.33 24.45
CA PRO C 68 -17.77 -31.54 25.05
C PRO C 68 -16.74 -32.28 24.20
N HIS C 69 -16.99 -32.42 22.90
CA HIS C 69 -16.00 -33.04 22.00
C HIS C 69 -14.73 -32.20 21.82
N CYS C 70 -14.73 -30.95 22.29
CA CYS C 70 -13.55 -30.08 22.34
C CYS C 70 -12.91 -29.92 23.72
N ASP C 71 -13.31 -30.73 24.70
CA ASP C 71 -12.74 -30.61 26.04
C ASP C 71 -11.26 -30.93 26.14
N VAL C 72 -10.75 -31.68 25.15
CA VAL C 72 -9.31 -31.92 25.08
C VAL C 72 -8.48 -30.64 24.85
N PHE C 73 -9.12 -29.56 24.38
CA PHE C 73 -8.46 -28.26 24.21
C PHE C 73 -8.46 -27.32 25.43
N GLN C 74 -9.01 -27.75 26.56
CA GLN C 74 -8.99 -26.94 27.77
C GLN C 74 -7.58 -26.51 28.16
N ASN C 75 -7.40 -25.24 28.49
CA ASN C 75 -6.09 -24.69 28.86
C ASN C 75 -5.00 -24.82 27.77
N GLU C 76 -5.37 -25.04 26.51
CA GLU C 76 -4.37 -25.21 25.46
C GLU C 76 -3.75 -23.88 25.07
N THR C 77 -2.61 -23.95 24.39
CA THR C 77 -1.91 -22.77 23.90
C THR C 77 -1.37 -23.03 22.50
N TRP C 78 -1.05 -21.96 21.80
CA TRP C 78 -0.64 -22.07 20.40
C TRP C 78 0.07 -20.82 19.90
N ASP C 79 0.92 -21.01 18.90
CA ASP C 79 1.35 -19.94 18.03
C ASP C 79 0.39 -19.87 16.84
N LEU C 80 -0.03 -21.04 16.33
CA LEU C 80 -1.02 -21.09 15.25
C LEU C 80 -2.06 -22.16 15.51
N PHE C 81 -3.29 -21.74 15.76
CA PHE C 81 -4.44 -22.64 15.81
C PHE C 81 -4.85 -22.93 14.37
N VAL C 82 -5.08 -24.20 14.06
CA VAL C 82 -5.42 -24.62 12.70
C VAL C 82 -6.83 -25.16 12.71
N GLU C 83 -7.75 -24.45 12.06
CA GLU C 83 -9.15 -24.86 11.99
C GLU C 83 -9.37 -25.66 10.72
N ARG C 84 -10.00 -26.84 10.86
CA ARG C 84 -10.26 -27.72 9.73
C ARG C 84 -11.67 -27.52 9.20
N SER C 85 -11.86 -27.80 7.92
CA SER C 85 -13.18 -27.67 7.30
C SER C 85 -14.14 -28.75 7.80
N LYS C 86 -13.60 -29.90 8.21
CA LYS C 86 -14.39 -30.97 8.81
C LYS C 86 -15.03 -30.64 10.18
N ALA C 87 -14.57 -29.56 10.84
CA ALA C 87 -15.06 -29.22 12.18
C ALA C 87 -16.57 -28.98 12.23
N PHE C 88 -17.14 -29.33 13.38
CA PHE C 88 -18.57 -29.20 13.63
C PHE C 88 -18.79 -28.81 15.09
N SER C 89 -19.90 -28.11 15.35
CA SER C 89 -20.38 -27.88 16.71
C SER C 89 -21.32 -29.02 17.08
N ASN C 90 -21.36 -29.37 18.36
CA ASN C 90 -22.20 -30.46 18.87
C ASN C 90 -22.61 -30.22 20.32
N CYS C 91 -22.98 -28.97 20.61
CA CYS C 91 -23.51 -28.60 21.89
C CYS C 91 -24.80 -27.85 21.61
N TYR C 92 -25.25 -27.03 22.57
CA TYR C 92 -26.45 -26.23 22.36
C TYR C 92 -26.24 -25.34 21.15
N PRO C 93 -27.30 -25.05 20.40
CA PRO C 93 -27.12 -24.17 19.24
C PRO C 93 -26.94 -22.72 19.68
N TYR C 94 -25.99 -22.03 19.07
CA TYR C 94 -25.58 -20.71 19.50
C TYR C 94 -25.20 -19.80 18.36
N ASP C 95 -25.17 -18.49 18.62
CA ASP C 95 -24.56 -17.53 17.71
C ASP C 95 -23.69 -16.56 18.49
N VAL C 96 -22.75 -15.93 17.78
CA VAL C 96 -21.87 -14.93 18.38
C VAL C 96 -21.98 -13.65 17.56
N PRO C 97 -22.78 -12.68 18.05
CA PRO C 97 -22.70 -11.37 17.40
C PRO C 97 -21.25 -10.90 17.43
N ASP C 98 -20.72 -10.57 16.25
CA ASP C 98 -19.31 -10.24 16.10
C ASP C 98 -18.45 -11.49 16.40
N TYR C 99 -18.82 -12.60 15.77
CA TYR C 99 -18.07 -13.87 15.81
C TYR C 99 -16.61 -13.61 15.43
N ALA C 100 -16.43 -12.98 14.27
CA ALA C 100 -15.09 -12.70 13.74
C ALA C 100 -14.15 -12.08 14.77
N SER C 101 -14.67 -11.12 15.54
CA SER C 101 -13.85 -10.39 16.50
C SER C 101 -13.45 -11.23 17.71
N LEU C 102 -14.40 -12.00 18.27
CA LEU C 102 -14.09 -12.90 19.40
C LEU C 102 -13.06 -13.94 18.96
N ARG C 103 -13.28 -14.52 17.79
CA ARG C 103 -12.34 -15.46 17.19
C ARG C 103 -10.96 -14.86 17.03
N SER C 104 -10.90 -13.63 16.55
CA SER C 104 -9.63 -12.93 16.35
C SER C 104 -8.90 -12.64 17.66
N LEU C 105 -9.62 -12.06 18.62
CA LEU C 105 -8.99 -11.61 19.86
C LEU C 105 -8.47 -12.78 20.67
N VAL C 106 -9.17 -13.92 20.62
CA VAL C 106 -8.72 -15.14 21.27
C VAL C 106 -7.53 -15.72 20.51
N ALA C 107 -7.66 -15.86 19.19
CA ALA C 107 -6.58 -16.38 18.34
C ALA C 107 -5.27 -15.62 18.56
N SER C 108 -5.39 -14.30 18.72
CA SER C 108 -4.25 -13.42 18.99
C SER C 108 -3.69 -13.63 20.41
N SER C 109 -4.59 -13.82 21.38
CA SER C 109 -4.21 -14.10 22.76
C SER C 109 -3.39 -15.38 22.91
N GLY C 110 -3.66 -16.39 22.07
CA GLY C 110 -2.81 -17.58 22.00
C GLY C 110 -2.98 -18.60 23.12
N THR C 111 -4.06 -18.46 23.89
CA THR C 111 -4.27 -19.29 25.08
C THR C 111 -5.76 -19.41 25.43
N LEU C 112 -6.14 -20.58 25.93
CA LEU C 112 -7.48 -20.84 26.48
C LEU C 112 -7.42 -21.09 27.99
N GLU C 113 -6.34 -20.65 28.63
CA GLU C 113 -6.17 -20.74 30.09
C GLU C 113 -7.37 -20.15 30.82
N PHE C 114 -8.07 -20.99 31.57
CA PHE C 114 -9.30 -20.61 32.28
C PHE C 114 -9.09 -20.70 33.78
N ILE C 115 -9.39 -19.62 34.48
CA ILE C 115 -9.34 -19.57 35.94
C ILE C 115 -10.79 -19.54 36.43
N THR C 116 -11.21 -20.58 37.15
CA THR C 116 -12.55 -20.64 37.74
C THR C 116 -12.62 -19.67 38.93
N GLU C 117 -13.74 -18.93 39.01
CA GLU C 117 -14.02 -17.98 40.09
C GLU C 117 -15.31 -18.35 40.81
N GLY C 118 -15.37 -18.06 42.11
CA GLY C 118 -16.49 -18.45 42.94
C GLY C 118 -17.67 -17.51 42.89
N PHE C 119 -18.39 -17.50 41.77
CA PHE C 119 -19.61 -16.69 41.63
C PHE C 119 -20.70 -17.28 42.52
N THR C 120 -21.49 -16.40 43.14
CA THR C 120 -22.57 -16.81 44.03
C THR C 120 -23.91 -16.38 43.42
N TRP C 121 -24.61 -17.36 42.85
CA TRP C 121 -25.89 -17.14 42.22
C TRP C 121 -26.97 -17.55 43.22
N THR C 122 -27.45 -16.56 43.97
CA THR C 122 -28.38 -16.82 45.07
C THR C 122 -29.81 -17.07 44.58
N GLY C 123 -30.36 -18.23 44.95
CA GLY C 123 -31.75 -18.57 44.70
C GLY C 123 -32.09 -19.04 43.30
N VAL C 124 -31.13 -19.71 42.65
CA VAL C 124 -31.35 -20.31 41.32
C VAL C 124 -30.62 -21.65 41.20
N THR C 125 -31.14 -22.50 40.31
CA THR C 125 -30.52 -23.79 40.00
C THR C 125 -29.35 -23.55 39.06
N GLN C 126 -28.24 -24.23 39.30
CA GLN C 126 -27.04 -24.10 38.48
C GLN C 126 -26.82 -25.32 37.62
N ASN C 127 -25.87 -25.19 36.69
CA ASN C 127 -25.36 -26.31 35.89
C ASN C 127 -26.43 -26.99 35.05
N GLY C 128 -27.32 -26.18 34.49
CA GLY C 128 -28.35 -26.70 33.60
C GLY C 128 -27.69 -27.36 32.40
N GLY C 129 -28.40 -28.31 31.80
CA GLY C 129 -27.88 -29.07 30.64
C GLY C 129 -28.96 -29.40 29.62
N SER C 130 -28.56 -30.11 28.56
CA SER C 130 -29.45 -30.43 27.44
C SER C 130 -28.96 -31.63 26.65
N ASN C 131 -29.91 -32.37 26.08
CA ASN C 131 -29.57 -33.50 25.21
C ASN C 131 -28.94 -33.08 23.88
N ALA C 132 -29.08 -31.80 23.54
CA ALA C 132 -28.33 -31.17 22.45
C ALA C 132 -26.81 -31.23 22.66
N CYS C 133 -26.40 -31.20 23.92
CA CYS C 133 -25.01 -31.14 24.34
C CYS C 133 -24.66 -32.27 25.30
N LYS C 134 -24.64 -33.50 24.79
CA LYS C 134 -24.32 -34.67 25.61
C LYS C 134 -22.87 -34.67 26.07
N ARG C 135 -22.69 -35.16 27.30
CA ARG C 135 -21.41 -35.23 28.00
C ARG C 135 -21.44 -36.55 28.80
N GLY C 136 -20.72 -37.53 28.28
CA GLY C 136 -20.95 -38.92 28.68
C GLY C 136 -22.35 -39.32 28.23
N PRO C 137 -23.02 -40.16 29.03
CA PRO C 137 -24.37 -40.62 28.65
C PRO C 137 -25.46 -39.56 28.86
N GLY C 138 -25.32 -38.75 29.90
CA GLY C 138 -26.34 -37.77 30.26
C GLY C 138 -26.22 -36.46 29.56
N SER C 139 -27.25 -35.63 29.69
CA SER C 139 -27.24 -34.29 29.15
C SER C 139 -26.14 -33.45 29.78
N GLY C 140 -25.69 -32.43 29.06
CA GLY C 140 -24.60 -31.58 29.52
C GLY C 140 -24.70 -30.20 28.91
N PHE C 141 -23.58 -29.49 28.94
CA PHE C 141 -23.52 -28.09 28.52
C PHE C 141 -22.07 -27.69 28.24
N PHE C 142 -21.89 -26.48 27.70
CA PHE C 142 -20.57 -25.88 27.53
C PHE C 142 -19.84 -25.85 28.86
N SER C 143 -18.58 -26.30 28.89
CA SER C 143 -17.82 -26.43 30.14
C SER C 143 -17.56 -25.11 30.86
N ARG C 144 -17.44 -24.01 30.13
CA ARG C 144 -17.09 -22.70 30.72
C ARG C 144 -18.29 -21.78 30.93
N LEU C 145 -19.49 -22.33 30.78
CA LEU C 145 -20.73 -21.60 30.97
C LEU C 145 -21.62 -22.39 31.91
N ASN C 146 -22.50 -21.66 32.58
CA ASN C 146 -23.29 -22.16 33.68
C ASN C 146 -24.74 -21.73 33.46
N TRP C 147 -25.56 -22.67 32.97
CA TRP C 147 -26.96 -22.38 32.68
C TRP C 147 -27.75 -22.27 33.97
N LEU C 148 -28.29 -21.09 34.21
CA LEU C 148 -29.09 -20.83 35.40
C LEU C 148 -30.57 -20.82 35.07
N THR C 149 -31.32 -21.60 35.83
CA THR C 149 -32.77 -21.66 35.75
C THR C 149 -33.33 -21.45 37.16
N LYS C 150 -34.65 -21.37 37.28
CA LYS C 150 -35.31 -21.12 38.57
C LYS C 150 -35.00 -22.18 39.62
N SER C 151 -35.07 -21.76 40.88
CA SER C 151 -35.07 -22.66 42.03
C SER C 151 -36.45 -22.61 42.66
N GLY C 152 -37.04 -23.77 42.92
CA GLY C 152 -38.44 -23.87 43.33
C GLY C 152 -39.36 -23.30 42.25
N SER C 153 -39.89 -22.11 42.51
CA SER C 153 -40.76 -21.42 41.55
C SER C 153 -40.48 -19.92 41.46
N THR C 154 -39.21 -19.53 41.66
CA THR C 154 -38.79 -18.13 41.67
C THR C 154 -37.40 -17.98 41.03
N TYR C 155 -37.21 -16.91 40.26
CA TYR C 155 -35.90 -16.49 39.73
C TYR C 155 -35.68 -15.07 40.24
N PRO C 156 -34.87 -14.90 41.29
CA PRO C 156 -34.69 -13.55 41.83
C PRO C 156 -33.78 -12.71 40.94
N VAL C 157 -33.71 -11.42 41.25
CA VAL C 157 -32.78 -10.53 40.58
C VAL C 157 -31.39 -10.99 40.99
N LEU C 158 -30.64 -11.54 40.04
CA LEU C 158 -29.23 -11.87 40.27
C LEU C 158 -28.42 -10.59 40.19
N ASN C 159 -27.53 -10.38 41.15
CA ASN C 159 -26.69 -9.18 41.17
C ASN C 159 -25.37 -9.50 41.85
N VAL C 160 -24.35 -9.79 41.04
CA VAL C 160 -23.05 -10.26 41.54
C VAL C 160 -21.90 -9.42 41.03
N THR C 161 -20.80 -9.45 41.77
CA THR C 161 -19.59 -8.71 41.46
C THR C 161 -18.38 -9.65 41.45
N MET C 162 -17.40 -9.31 40.61
CA MET C 162 -16.12 -9.99 40.61
C MET C 162 -15.02 -9.00 40.23
N PRO C 163 -14.39 -8.38 41.25
CA PRO C 163 -13.34 -7.41 40.98
C PRO C 163 -12.07 -8.07 40.44
N ASN C 164 -11.31 -7.31 39.65
CA ASN C 164 -10.03 -7.75 39.13
C ASN C 164 -8.94 -7.12 39.97
N ASN C 165 -8.35 -7.92 40.88
CA ASN C 165 -7.23 -7.49 41.71
C ASN C 165 -5.92 -8.12 41.28
N ASP C 166 -5.91 -8.75 40.09
CA ASP C 166 -4.68 -9.20 39.48
C ASP C 166 -4.10 -8.06 38.64
N ASN C 167 -2.93 -8.29 38.04
CA ASN C 167 -2.25 -7.32 37.17
C ASN C 167 -2.29 -7.73 35.68
N PHE C 168 -3.28 -8.54 35.32
CA PHE C 168 -3.51 -8.93 33.93
C PHE C 168 -4.97 -8.67 33.59
N ASP C 169 -5.28 -8.56 32.30
CA ASP C 169 -6.67 -8.43 31.85
C ASP C 169 -7.38 -9.78 31.97
N LYS C 170 -8.64 -9.72 32.39
CA LYS C 170 -9.50 -10.90 32.42
C LYS C 170 -10.47 -10.84 31.25
N LEU C 171 -10.60 -11.93 30.50
CA LEU C 171 -11.66 -12.07 29.48
C LEU C 171 -12.80 -12.93 30.02
N TYR C 172 -13.98 -12.35 30.19
CA TYR C 172 -15.15 -13.11 30.58
C TYR C 172 -16.00 -13.45 29.38
N ILE C 173 -16.40 -14.72 29.26
CA ILE C 173 -17.32 -15.17 28.22
C ILE C 173 -18.63 -15.54 28.88
N TRP C 174 -19.71 -14.94 28.39
CA TRP C 174 -21.05 -15.16 28.93
C TRP C 174 -22.06 -15.20 27.78
N GLY C 175 -23.32 -15.42 28.11
CA GLY C 175 -24.36 -15.48 27.09
C GLY C 175 -25.76 -15.20 27.59
N VAL C 176 -26.70 -15.25 26.65
CA VAL C 176 -28.10 -15.03 26.92
C VAL C 176 -28.89 -16.08 26.15
N HIS C 177 -29.86 -16.70 26.82
CA HIS C 177 -30.71 -17.74 26.21
C HIS C 177 -31.95 -17.10 25.60
N HIS C 178 -32.23 -17.47 24.36
CA HIS C 178 -33.42 -17.04 23.62
C HIS C 178 -34.38 -18.23 23.53
N PRO C 179 -35.42 -18.30 24.39
CA PRO C 179 -36.38 -19.42 24.28
C PRO C 179 -37.24 -19.34 23.02
N SER C 180 -37.82 -20.47 22.63
CA SER C 180 -38.69 -20.53 21.43
C SER C 180 -40.13 -20.09 21.72
N THR C 181 -40.63 -20.36 22.92
CA THR C 181 -42.03 -20.06 23.28
C THR C 181 -42.10 -19.35 24.63
N ASN C 182 -43.20 -18.61 24.84
CA ASN C 182 -43.47 -17.95 26.13
C ASN C 182 -43.60 -18.95 27.27
N GLN C 183 -44.18 -20.13 26.96
CA GLN C 183 -44.26 -21.22 27.92
C GLN C 183 -42.85 -21.56 28.44
N GLU C 184 -41.92 -21.72 27.52
CA GLU C 184 -40.52 -22.03 27.84
C GLU C 184 -39.85 -20.94 28.69
N GLN C 185 -40.01 -19.68 28.27
CA GLN C 185 -39.46 -18.52 28.99
C GLN C 185 -39.87 -18.54 30.46
N THR C 186 -41.18 -18.65 30.70
CA THR C 186 -41.73 -18.62 32.06
C THR C 186 -41.38 -19.89 32.82
N SER C 187 -41.48 -21.03 32.16
CA SER C 187 -41.15 -22.33 32.77
C SER C 187 -39.72 -22.39 33.33
N LEU C 188 -38.77 -21.80 32.59
CA LEU C 188 -37.36 -21.78 32.98
C LEU C 188 -36.98 -20.61 33.91
N TYR C 189 -37.56 -19.43 33.69
CA TYR C 189 -37.12 -18.21 34.40
C TYR C 189 -38.21 -17.42 35.14
N VAL C 190 -39.42 -17.97 35.22
CA VAL C 190 -40.59 -17.32 35.86
C VAL C 190 -41.05 -16.04 35.15
N GLN C 191 -40.20 -15.01 35.15
CA GLN C 191 -40.49 -13.73 34.51
C GLN C 191 -40.72 -13.92 33.00
N ALA C 192 -41.74 -13.24 32.47
CA ALA C 192 -42.12 -13.36 31.05
C ALA C 192 -41.12 -12.72 30.08
N SER C 193 -40.35 -11.76 30.58
CA SER C 193 -39.26 -11.16 29.84
C SER C 193 -38.03 -11.08 30.73
N GLY C 194 -36.95 -11.74 30.30
CA GLY C 194 -35.67 -11.63 30.98
C GLY C 194 -34.88 -10.41 30.57
N ARG C 195 -33.63 -10.37 31.03
CA ARG C 195 -32.69 -9.29 30.72
C ARG C 195 -31.33 -9.65 31.32
N VAL C 196 -30.26 -9.31 30.62
CA VAL C 196 -28.91 -9.53 31.11
C VAL C 196 -28.10 -8.25 30.90
N THR C 197 -27.57 -7.73 31.99
CA THR C 197 -26.78 -6.50 32.00
C THR C 197 -25.41 -6.86 32.58
N VAL C 198 -24.36 -6.73 31.76
CA VAL C 198 -22.99 -6.99 32.17
C VAL C 198 -22.18 -5.72 31.97
N SER C 199 -21.49 -5.30 33.03
CA SER C 199 -20.91 -3.96 33.12
C SER C 199 -19.57 -3.93 33.83
N THR C 200 -18.73 -3.00 33.42
CA THR C 200 -17.56 -2.58 34.18
C THR C 200 -17.73 -1.09 34.47
N ARG C 201 -16.71 -0.47 35.04
CA ARG C 201 -16.72 0.99 35.24
C ARG C 201 -16.84 1.77 33.95
N ARG C 202 -16.16 1.32 32.90
CA ARG C 202 -16.04 2.08 31.65
C ARG C 202 -17.06 1.75 30.57
N SER C 203 -17.53 0.50 30.52
CA SER C 203 -18.48 0.05 29.49
C SER C 203 -19.66 -0.70 30.10
N GLN C 204 -20.68 -0.93 29.29
CA GLN C 204 -21.82 -1.77 29.67
C GLN C 204 -22.48 -2.40 28.45
N GLN C 205 -23.07 -3.57 28.67
CA GLN C 205 -23.79 -4.31 27.64
C GLN C 205 -25.11 -4.76 28.24
N THR C 206 -26.21 -4.44 27.59
CA THR C 206 -27.52 -4.88 28.02
C THR C 206 -28.22 -5.59 26.88
N ILE C 207 -28.61 -6.85 27.12
CA ILE C 207 -29.21 -7.71 26.12
C ILE C 207 -30.58 -8.13 26.60
N ILE C 208 -31.61 -7.85 25.80
CA ILE C 208 -32.96 -8.36 26.05
C ILE C 208 -33.07 -9.67 25.28
N PRO C 209 -33.57 -10.74 25.93
CA PRO C 209 -33.84 -11.96 25.16
C PRO C 209 -35.04 -11.80 24.25
N ASN C 210 -35.14 -12.68 23.27
CA ASN C 210 -36.15 -12.57 22.22
C ASN C 210 -36.77 -13.93 22.03
N ILE C 211 -38.07 -13.99 22.29
CA ILE C 211 -38.79 -15.24 22.30
C ILE C 211 -39.30 -15.49 20.88
N GLY C 212 -38.99 -16.67 20.33
CA GLY C 212 -39.37 -17.01 18.97
C GLY C 212 -38.71 -18.29 18.49
N SER C 213 -39.35 -18.98 17.56
CA SER C 213 -38.76 -20.18 16.98
C SER C 213 -37.61 -19.81 16.05
N ARG C 214 -36.62 -20.70 16.02
CA ARG C 214 -35.59 -20.72 15.02
C ARG C 214 -35.59 -22.11 14.37
N PRO C 215 -34.76 -22.31 13.33
CA PRO C 215 -34.68 -23.65 12.78
C PRO C 215 -34.19 -24.66 13.80
N TRP C 216 -34.70 -25.87 13.69
CA TRP C 216 -34.35 -26.95 14.61
C TRP C 216 -32.92 -27.35 14.31
N VAL C 217 -32.06 -27.21 15.31
CA VAL C 217 -30.64 -27.55 15.19
C VAL C 217 -30.24 -28.33 16.43
N ARG C 218 -29.82 -29.58 16.24
CA ARG C 218 -29.41 -30.46 17.33
C ARG C 218 -30.42 -30.41 18.47
N LEU C 219 -31.65 -30.83 18.15
CA LEU C 219 -32.71 -31.06 19.14
C LEU C 219 -33.35 -29.79 19.77
N SER C 220 -33.12 -28.60 19.21
CA SER C 220 -33.67 -27.37 19.80
C SER C 220 -33.98 -26.27 18.80
N SER C 221 -35.15 -25.65 18.97
CA SER C 221 -35.53 -24.43 18.25
C SER C 221 -35.05 -23.17 19.00
N SER C 222 -34.47 -23.33 20.19
CA SER C 222 -33.93 -22.20 20.94
C SER C 222 -32.50 -21.92 20.53
N ARG C 223 -31.97 -20.79 21.02
CA ARG C 223 -30.59 -20.36 20.79
C ARG C 223 -29.98 -19.71 22.02
N ILE C 224 -28.66 -19.73 22.08
CA ILE C 224 -27.88 -18.97 23.05
C ILE C 224 -27.01 -18.00 22.27
N SER C 225 -27.06 -16.71 22.61
CA SER C 225 -26.15 -15.73 22.01
C SER C 225 -24.95 -15.54 22.92
N ILE C 226 -23.76 -15.39 22.35
CA ILE C 226 -22.52 -15.27 23.12
C ILE C 226 -21.93 -13.85 23.07
N TYR C 227 -21.52 -13.37 24.26
CA TYR C 227 -20.93 -12.04 24.40
C TYR C 227 -19.65 -12.15 25.21
N TRP C 228 -18.82 -11.10 25.15
CA TRP C 228 -17.59 -11.06 25.93
C TRP C 228 -17.39 -9.68 26.55
N THR C 229 -16.75 -9.67 27.71
CA THR C 229 -16.40 -8.47 28.44
C THR C 229 -14.98 -8.64 28.96
N ILE C 230 -14.10 -7.69 28.66
CA ILE C 230 -12.75 -7.66 29.20
C ILE C 230 -12.72 -6.69 30.38
N VAL C 231 -12.06 -7.11 31.46
CA VAL C 231 -11.98 -6.35 32.70
C VAL C 231 -10.51 -6.06 32.99
N LYS C 232 -10.15 -4.79 33.06
CA LYS C 232 -8.76 -4.37 33.27
C LYS C 232 -8.38 -4.42 34.76
N PRO C 233 -7.07 -4.48 35.08
CA PRO C 233 -6.65 -4.42 36.48
C PRO C 233 -7.21 -3.20 37.19
N GLY C 234 -7.74 -3.41 38.38
CA GLY C 234 -8.37 -2.35 39.16
C GLY C 234 -9.83 -2.08 38.83
N ASP C 235 -10.36 -2.72 37.80
CA ASP C 235 -11.76 -2.56 37.40
C ASP C 235 -12.57 -3.69 38.06
N VAL C 236 -13.88 -3.69 37.82
CA VAL C 236 -14.81 -4.63 38.44
C VAL C 236 -15.79 -5.13 37.37
N LEU C 237 -16.28 -6.35 37.53
CA LEU C 237 -17.33 -6.90 36.67
C LEU C 237 -18.60 -7.03 37.47
N VAL C 238 -19.70 -6.51 36.93
CA VAL C 238 -21.02 -6.69 37.56
C VAL C 238 -21.95 -7.36 36.56
N ILE C 239 -22.66 -8.38 37.04
CA ILE C 239 -23.64 -9.08 36.25
C ILE C 239 -24.98 -8.96 36.96
N ASN C 240 -25.95 -8.34 36.28
CA ASN C 240 -27.29 -8.14 36.78
C ASN C 240 -28.27 -8.78 35.81
N SER C 241 -29.07 -9.72 36.29
CA SER C 241 -30.05 -10.40 35.43
C SER C 241 -31.27 -10.84 36.23
N ASN C 242 -32.46 -10.70 35.64
CA ASN C 242 -33.69 -11.28 36.20
C ASN C 242 -34.24 -12.41 35.31
N GLY C 243 -33.35 -13.06 34.56
CA GLY C 243 -33.75 -14.14 33.67
C GLY C 243 -32.89 -14.26 32.44
N ASN C 244 -32.73 -15.51 31.98
CA ASN C 244 -32.08 -15.86 30.71
C ASN C 244 -30.54 -15.76 30.71
N LEU C 245 -29.94 -15.50 31.86
CA LEU C 245 -28.48 -15.41 31.94
C LEU C 245 -27.89 -16.80 31.74
N ILE C 246 -26.86 -16.84 30.90
CA ILE C 246 -25.93 -17.97 30.80
C ILE C 246 -24.60 -17.48 31.37
N ALA C 247 -24.34 -17.81 32.64
CA ALA C 247 -23.29 -17.13 33.42
C ALA C 247 -21.89 -17.66 33.14
N PRO C 248 -20.86 -16.82 33.29
CA PRO C 248 -19.49 -17.32 33.22
C PRO C 248 -19.16 -18.13 34.47
N ARG C 249 -18.22 -19.07 34.34
CA ARG C 249 -17.69 -19.80 35.49
C ARG C 249 -16.37 -19.21 35.98
N GLY C 250 -15.85 -18.24 35.24
CA GLY C 250 -14.54 -17.64 35.51
C GLY C 250 -14.10 -16.82 34.32
N TYR C 251 -12.80 -16.61 34.19
CA TYR C 251 -12.24 -15.77 33.12
C TYR C 251 -11.17 -16.54 32.37
N PHE C 252 -10.94 -16.12 31.13
CA PHE C 252 -9.81 -16.58 30.35
C PHE C 252 -8.69 -15.58 30.54
N LYS C 253 -7.47 -16.08 30.66
CA LYS C 253 -6.32 -15.23 30.74
C LYS C 253 -6.01 -14.70 29.34
N MET C 254 -5.54 -13.45 29.27
CA MET C 254 -5.21 -12.82 28.00
C MET C 254 -3.71 -12.57 27.91
N ARG C 255 -3.08 -13.07 26.85
CA ARG C 255 -1.71 -12.72 26.53
C ARG C 255 -1.73 -11.89 25.27
N THR C 256 -0.60 -11.24 24.98
CA THR C 256 -0.39 -10.63 23.68
C THR C 256 0.90 -11.25 23.18
N GLY C 257 1.00 -11.42 21.87
CA GLY C 257 2.18 -12.01 21.28
C GLY C 257 1.94 -12.39 19.84
N LYS C 258 2.69 -13.39 19.38
CA LYS C 258 2.74 -13.78 17.98
C LYS C 258 1.70 -14.83 17.56
N SER C 259 0.70 -15.09 18.40
CA SER C 259 -0.29 -16.14 18.11
C SER C 259 -1.34 -15.69 17.11
N SER C 260 -1.83 -16.64 16.33
CA SER C 260 -2.83 -16.40 15.30
C SER C 260 -3.66 -17.67 15.02
N ILE C 261 -4.41 -17.65 13.93
CA ILE C 261 -5.25 -18.77 13.54
C ILE C 261 -5.27 -18.87 12.02
N MET C 262 -5.46 -20.08 11.51
CA MET C 262 -5.46 -20.33 10.08
C MET C 262 -6.42 -21.46 9.73
N ARG C 263 -7.07 -21.32 8.58
CA ARG C 263 -7.97 -22.34 8.04
C ARG C 263 -7.20 -23.15 7.02
N SER C 264 -7.03 -24.45 7.28
CA SER C 264 -6.27 -25.33 6.39
C SER C 264 -6.64 -26.78 6.63
N ASP C 265 -6.57 -27.58 5.56
CA ASP C 265 -6.71 -29.02 5.69
C ASP C 265 -5.39 -29.74 5.41
N ALA C 266 -4.27 -29.03 5.41
CA ALA C 266 -2.97 -29.66 5.24
C ALA C 266 -2.65 -30.45 6.50
N PRO C 267 -2.16 -31.69 6.35
CA PRO C 267 -1.80 -32.44 7.55
C PRO C 267 -0.54 -31.86 8.21
N ILE C 268 -0.43 -32.06 9.52
CA ILE C 268 0.75 -31.64 10.28
C ILE C 268 1.80 -32.76 10.26
N ASP C 269 3.04 -32.39 10.04
CA ASP C 269 4.17 -33.33 9.86
C ASP C 269 5.30 -32.93 10.80
N THR C 270 6.26 -33.82 11.00
CA THR C 270 7.45 -33.51 11.81
C THR C 270 8.59 -33.00 10.90
N CYS C 271 8.80 -31.69 10.92
CA CYS C 271 9.82 -31.01 10.13
C CYS C 271 10.02 -29.57 10.66
N ILE C 272 10.91 -28.80 10.04
CA ILE C 272 11.13 -27.41 10.45
C ILE C 272 10.90 -26.48 9.24
N SER C 273 9.92 -25.59 9.37
CA SER C 273 9.69 -24.52 8.40
C SER C 273 9.17 -23.25 9.09
N GLU C 274 9.90 -22.17 8.95
CA GLU C 274 9.52 -20.87 9.50
C GLU C 274 8.18 -20.38 8.94
N CYS C 275 7.96 -20.60 7.65
CA CYS C 275 6.76 -20.09 6.95
C CYS C 275 5.68 -21.14 6.75
N ILE C 276 4.43 -20.77 7.06
CA ILE C 276 3.27 -21.64 6.93
C ILE C 276 2.21 -20.97 6.08
N THR C 277 1.67 -21.72 5.12
CA THR C 277 0.50 -21.30 4.37
C THR C 277 -0.58 -22.36 4.57
N PRO C 278 -1.83 -22.04 4.22
CA PRO C 278 -2.86 -23.07 4.21
C PRO C 278 -2.60 -24.27 3.27
N ASN C 279 -1.79 -24.07 2.23
CA ASN C 279 -1.38 -25.15 1.31
C ASN C 279 -0.35 -26.09 1.94
N GLY C 280 0.26 -25.64 3.03
CA GLY C 280 1.34 -26.35 3.70
C GLY C 280 2.45 -25.36 3.98
N SER C 281 3.53 -25.85 4.58
CA SER C 281 4.69 -25.02 4.85
C SER C 281 5.42 -24.77 3.55
N ILE C 282 6.12 -23.64 3.48
CA ILE C 282 6.96 -23.32 2.33
C ILE C 282 8.33 -22.81 2.76
N PRO C 283 9.37 -23.04 1.93
CA PRO C 283 10.65 -22.43 2.21
C PRO C 283 10.62 -20.90 2.06
N ASN C 284 11.50 -20.24 2.80
CA ASN C 284 11.58 -18.77 2.81
C ASN C 284 12.95 -18.24 2.35
N ASP C 285 13.66 -19.01 1.54
CA ASP C 285 14.93 -18.54 0.97
C ASP C 285 14.70 -17.50 -0.13
N LYS C 286 13.54 -17.58 -0.80
CA LYS C 286 13.20 -16.62 -1.84
C LYS C 286 12.46 -15.42 -1.25
N PRO C 287 12.57 -14.25 -1.91
CA PRO C 287 11.91 -13.05 -1.39
C PRO C 287 10.40 -12.99 -1.66
N PHE C 288 9.93 -13.68 -2.71
CA PHE C 288 8.52 -13.64 -3.11
C PHE C 288 7.90 -15.03 -3.17
N GLN C 289 6.57 -15.09 -3.22
CA GLN C 289 5.84 -16.34 -3.33
C GLN C 289 4.47 -16.20 -3.97
N ASN C 290 4.05 -17.27 -4.64
CA ASN C 290 2.82 -17.33 -5.41
C ASN C 290 1.88 -18.40 -4.86
N VAL C 291 2.20 -18.95 -3.68
CA VAL C 291 1.49 -20.10 -3.15
C VAL C 291 0.16 -19.64 -2.57
N ASN C 292 0.22 -18.72 -1.62
CA ASN C 292 -0.98 -18.20 -0.99
C ASN C 292 -0.74 -16.86 -0.33
N LYS C 293 -1.70 -15.96 -0.48
CA LYS C 293 -1.69 -14.67 0.21
C LYS C 293 -1.82 -14.80 1.73
N ILE C 294 -2.47 -15.87 2.20
CA ILE C 294 -2.52 -16.20 3.62
C ILE C 294 -1.22 -16.85 3.99
N THR C 295 -0.49 -16.23 4.92
CA THR C 295 0.75 -16.81 5.45
C THR C 295 0.90 -16.53 6.94
N TYR C 296 1.77 -17.30 7.57
CA TYR C 296 2.15 -17.11 8.97
C TYR C 296 3.64 -17.37 9.14
N GLY C 297 4.31 -16.45 9.83
CA GLY C 297 5.73 -16.56 10.12
C GLY C 297 6.61 -15.80 9.15
N ALA C 298 7.90 -16.14 9.16
CA ALA C 298 8.90 -15.51 8.31
C ALA C 298 8.75 -15.99 6.86
N CYS C 299 7.94 -15.28 6.08
CA CYS C 299 7.53 -15.73 4.76
C CYS C 299 7.98 -14.80 3.66
N PRO C 300 8.14 -15.33 2.43
CA PRO C 300 8.25 -14.47 1.26
C PRO C 300 6.99 -13.67 1.03
N LYS C 301 7.13 -12.47 0.47
CA LYS C 301 5.99 -11.61 0.20
C LYS C 301 5.16 -12.19 -0.96
N TYR C 302 3.84 -12.21 -0.80
CA TYR C 302 2.97 -12.74 -1.85
C TYR C 302 2.91 -11.81 -3.03
N VAL C 303 3.06 -12.38 -4.23
CA VAL C 303 2.93 -11.67 -5.50
C VAL C 303 2.15 -12.50 -6.52
N LYS C 304 1.70 -11.84 -7.58
CA LYS C 304 0.87 -12.49 -8.60
C LYS C 304 1.68 -13.32 -9.59
N GLN C 305 2.95 -12.98 -9.76
CA GLN C 305 3.82 -13.71 -10.70
C GLN C 305 4.10 -15.11 -10.18
N ASN C 306 4.03 -16.11 -11.06
CA ASN C 306 4.47 -17.48 -10.71
C ASN C 306 5.97 -17.71 -10.95
N THR C 307 6.61 -16.80 -11.69
CA THR C 307 8.06 -16.87 -11.88
C THR C 307 8.66 -15.46 -12.09
N LEU C 308 9.82 -15.23 -11.48
CA LEU C 308 10.65 -14.08 -11.77
C LEU C 308 12.11 -14.51 -11.70
N LYS C 309 12.81 -14.43 -12.82
CA LYS C 309 14.21 -14.86 -12.89
C LYS C 309 15.16 -13.70 -12.64
N LEU C 310 16.04 -13.86 -11.66
CA LEU C 310 17.14 -12.93 -11.41
C LEU C 310 18.39 -13.45 -12.09
N ALA C 311 18.84 -12.75 -13.14
CA ALA C 311 20.10 -13.02 -13.80
C ALA C 311 21.24 -13.14 -12.79
N THR C 312 21.94 -14.28 -12.86
CA THR C 312 23.14 -14.56 -12.06
C THR C 312 24.31 -14.83 -13.01
N GLY C 313 24.37 -14.07 -14.10
CA GLY C 313 25.36 -14.29 -15.11
C GLY C 313 25.21 -13.32 -16.27
N MET C 314 26.26 -13.22 -17.05
CA MET C 314 26.29 -12.33 -18.21
C MET C 314 25.32 -12.75 -19.32
N ARG C 315 25.22 -11.88 -20.33
CA ARG C 315 24.55 -12.19 -21.59
C ARG C 315 25.19 -13.41 -22.27
N ASN C 316 24.37 -14.37 -22.67
CA ASN C 316 24.84 -15.59 -23.30
C ASN C 316 24.81 -15.46 -24.82
N VAL C 317 25.99 -15.50 -25.44
CA VAL C 317 26.15 -15.42 -26.89
C VAL C 317 26.83 -16.72 -27.38
N PRO C 318 26.03 -17.74 -27.77
CA PRO C 318 26.63 -19.04 -28.03
C PRO C 318 27.32 -19.10 -29.39
N GLU C 319 28.21 -20.09 -29.55
CA GLU C 319 29.05 -20.41 -30.73
C GLU C 319 30.52 -20.46 -30.30
N GLY D 1 24.68 -4.67 -24.15
CA GLY D 1 25.16 -3.91 -22.96
C GLY D 1 25.69 -2.51 -23.25
N LEU D 2 25.87 -1.74 -22.18
CA LEU D 2 26.28 -0.33 -22.29
C LEU D 2 27.68 -0.13 -22.85
N PHE D 3 28.57 -1.08 -22.62
CA PHE D 3 29.97 -0.96 -23.05
C PHE D 3 30.23 -1.62 -24.41
N GLY D 4 29.35 -2.53 -24.83
CA GLY D 4 29.39 -3.10 -26.17
C GLY D 4 30.53 -4.04 -26.43
N ALA D 5 31.06 -4.67 -25.38
CA ALA D 5 32.06 -5.71 -25.55
C ALA D 5 31.32 -7.04 -25.75
N ILE D 6 30.58 -7.45 -24.73
CA ILE D 6 29.81 -8.68 -24.78
C ILE D 6 28.61 -8.43 -25.68
N ALA D 7 28.35 -9.37 -26.59
CA ALA D 7 27.35 -9.22 -27.65
C ALA D 7 27.58 -7.98 -28.51
N GLY D 8 28.84 -7.55 -28.59
CA GLY D 8 29.19 -6.29 -29.24
C GLY D 8 30.39 -6.51 -30.13
N PHE D 9 31.52 -5.88 -29.81
CA PHE D 9 32.74 -6.05 -30.63
C PHE D 9 33.35 -7.44 -30.49
N ILE D 10 33.10 -8.12 -29.37
CA ILE D 10 33.40 -9.55 -29.25
C ILE D 10 32.20 -10.33 -29.80
N GLU D 11 32.42 -11.01 -30.93
CA GLU D 11 31.34 -11.63 -31.71
C GLU D 11 30.54 -12.65 -30.93
N ASN D 12 31.23 -13.45 -30.12
CA ASN D 12 30.54 -14.44 -29.28
C ASN D 12 31.38 -14.95 -28.13
N GLY D 13 30.73 -15.71 -27.26
CA GLY D 13 31.38 -16.35 -26.14
C GLY D 13 32.08 -17.62 -26.53
N TRP D 14 32.65 -18.26 -25.52
CA TRP D 14 33.39 -19.51 -25.67
C TRP D 14 32.79 -20.56 -24.76
N GLU D 15 32.03 -21.50 -25.34
CA GLU D 15 31.54 -22.66 -24.57
C GLU D 15 32.70 -23.48 -23.99
N GLY D 16 33.82 -23.50 -24.71
CA GLY D 16 35.07 -24.13 -24.26
C GLY D 16 35.60 -23.68 -22.90
N MET D 17 35.41 -22.41 -22.54
CA MET D 17 35.93 -21.88 -21.28
C MET D 17 35.06 -22.28 -20.09
N ILE D 18 35.47 -23.37 -19.43
CA ILE D 18 34.71 -23.95 -18.31
C ILE D 18 35.30 -23.61 -16.93
N ASP D 19 36.45 -22.91 -16.91
CA ASP D 19 37.21 -22.63 -15.70
C ASP D 19 37.19 -21.15 -15.31
N GLY D 20 36.27 -20.38 -15.90
CA GLY D 20 36.20 -18.94 -15.66
C GLY D 20 35.21 -18.23 -16.57
N TRP D 21 34.97 -16.95 -16.28
CA TRP D 21 33.95 -16.14 -16.97
C TRP D 21 34.56 -15.31 -18.10
N TYR D 22 35.73 -14.73 -17.83
CA TYR D 22 36.51 -13.98 -18.82
C TYR D 22 37.88 -14.63 -18.94
N GLY D 23 38.55 -14.40 -20.07
CA GLY D 23 39.90 -14.95 -20.25
C GLY D 23 40.55 -14.72 -21.59
N PHE D 24 41.62 -15.49 -21.82
CA PHE D 24 42.54 -15.31 -22.95
C PHE D 24 42.57 -16.51 -23.90
N ARG D 25 42.70 -16.21 -25.19
CA ARG D 25 43.07 -17.18 -26.23
C ARG D 25 44.18 -16.59 -27.08
N HIS D 26 45.21 -17.39 -27.36
CA HIS D 26 46.39 -16.94 -28.09
C HIS D 26 46.78 -17.87 -29.23
N GLN D 27 47.45 -17.31 -30.23
CA GLN D 27 48.19 -18.07 -31.23
C GLN D 27 49.62 -17.52 -31.31
N ASN D 28 50.61 -18.39 -31.12
CA ASN D 28 52.03 -18.04 -31.21
C ASN D 28 52.80 -19.14 -31.92
N SER D 29 54.12 -19.02 -31.98
CA SER D 29 55.01 -20.06 -32.53
C SER D 29 54.73 -21.48 -31.99
N GLU D 30 54.54 -21.59 -30.68
CA GLU D 30 54.39 -22.89 -30.01
C GLU D 30 52.99 -23.55 -30.10
N GLY D 31 51.99 -22.84 -30.63
CA GLY D 31 50.64 -23.39 -30.82
C GLY D 31 49.55 -22.42 -30.38
N THR D 32 48.39 -22.98 -30.00
CA THR D 32 47.30 -22.20 -29.39
C THR D 32 46.95 -22.76 -28.02
N GLY D 33 46.43 -21.89 -27.17
CA GLY D 33 46.01 -22.28 -25.81
C GLY D 33 44.94 -21.36 -25.26
N GLN D 34 44.38 -21.75 -24.12
CA GLN D 34 43.32 -20.99 -23.47
C GLN D 34 43.53 -20.95 -21.96
N ALA D 35 43.36 -19.77 -21.37
CA ALA D 35 43.40 -19.62 -19.91
C ALA D 35 42.44 -18.54 -19.45
N ALA D 36 41.74 -18.82 -18.36
CA ALA D 36 40.77 -17.90 -17.77
C ALA D 36 41.48 -16.86 -16.90
N ASP D 37 40.89 -15.67 -16.80
CA ASP D 37 41.41 -14.59 -15.97
C ASP D 37 40.68 -14.60 -14.63
N LEU D 38 41.43 -14.82 -13.54
CA LEU D 38 40.81 -15.03 -12.24
C LEU D 38 40.27 -13.75 -11.59
N LYS D 39 40.92 -12.62 -11.83
CA LYS D 39 40.58 -11.35 -11.17
C LYS D 39 39.26 -10.77 -11.71
N SER D 40 39.15 -10.69 -13.02
CA SER D 40 37.94 -10.17 -13.67
C SER D 40 36.74 -11.09 -13.41
N THR D 41 36.96 -12.40 -13.55
CA THR D 41 35.97 -13.41 -13.19
C THR D 41 35.47 -13.20 -11.76
N GLN D 42 36.39 -13.02 -10.81
CA GLN D 42 36.01 -12.89 -9.39
C GLN D 42 35.26 -11.58 -9.09
N ALA D 43 35.63 -10.50 -9.78
CA ALA D 43 34.92 -9.21 -9.64
C ALA D 43 33.44 -9.28 -10.06
N ALA D 44 33.16 -9.96 -11.18
CA ALA D 44 31.80 -10.13 -11.66
C ALA D 44 30.98 -10.97 -10.70
N ILE D 45 31.55 -12.10 -10.26
CA ILE D 45 30.90 -13.00 -9.32
C ILE D 45 30.64 -12.31 -7.97
N ASP D 46 31.64 -11.62 -7.44
CA ASP D 46 31.49 -10.94 -6.14
C ASP D 46 30.38 -9.90 -6.15
N GLN D 47 30.29 -9.15 -7.25
CA GLN D 47 29.23 -8.16 -7.41
C GLN D 47 27.86 -8.80 -7.52
N ILE D 48 27.76 -9.90 -8.29
CA ILE D 48 26.51 -10.64 -8.42
C ILE D 48 26.12 -11.34 -7.12
N ASN D 49 27.09 -11.92 -6.40
CA ASN D 49 26.82 -12.51 -5.08
C ASN D 49 26.35 -11.43 -4.10
N GLY D 50 26.99 -10.27 -4.19
CA GLY D 50 26.63 -9.11 -3.42
C GLY D 50 25.16 -8.75 -3.51
N LYS D 51 24.68 -8.61 -4.74
CA LYS D 51 23.27 -8.29 -5.00
C LYS D 51 22.32 -9.46 -4.74
N LEU D 52 22.79 -10.68 -4.95
CA LEU D 52 21.99 -11.87 -4.69
C LEU D 52 21.66 -11.97 -3.22
N ASN D 53 22.67 -11.85 -2.36
CA ASN D 53 22.45 -11.86 -0.89
C ASN D 53 21.51 -10.75 -0.43
N ARG D 54 21.61 -9.57 -1.07
CA ARG D 54 20.72 -8.44 -0.79
C ARG D 54 19.25 -8.73 -1.14
N VAL D 55 19.02 -9.34 -2.29
CA VAL D 55 17.67 -9.66 -2.75
C VAL D 55 17.03 -10.77 -1.92
N ILE D 56 17.79 -11.82 -1.60
CA ILE D 56 17.26 -12.92 -0.78
C ILE D 56 17.27 -12.63 0.73
N GLU D 57 17.62 -11.39 1.08
CA GLU D 57 17.68 -10.95 2.47
C GLU D 57 16.29 -10.95 3.06
N LYS D 58 16.05 -11.85 3.99
CA LYS D 58 14.71 -12.02 4.57
C LYS D 58 14.35 -10.76 5.38
N THR D 59 13.18 -10.17 5.08
CA THR D 59 12.80 -8.86 5.66
C THR D 59 11.49 -8.80 6.44
N ASN D 60 10.53 -9.67 6.15
CA ASN D 60 9.26 -9.63 6.87
C ASN D 60 8.96 -10.95 7.59
N GLU D 61 8.40 -10.78 8.78
CA GLU D 61 7.87 -11.86 9.56
C GLU D 61 6.53 -11.32 10.05
N LYS D 62 5.45 -12.00 9.70
CA LYS D 62 4.09 -11.55 10.05
C LYS D 62 3.32 -12.66 10.73
N PHE D 63 2.51 -12.26 11.71
CA PHE D 63 1.81 -13.20 12.56
C PHE D 63 0.32 -12.98 12.39
N HIS D 64 -0.40 -12.52 13.42
CA HIS D 64 -1.83 -12.27 13.24
C HIS D 64 -2.02 -11.05 12.35
N GLN D 65 -2.81 -11.22 11.31
CA GLN D 65 -3.09 -10.19 10.31
C GLN D 65 -4.61 -10.13 10.14
N ILE D 66 -5.09 -9.75 8.97
CA ILE D 66 -6.52 -9.79 8.67
C ILE D 66 -6.87 -11.06 7.90
N GLU D 67 -8.15 -11.41 7.94
CA GLU D 67 -8.68 -12.52 7.15
C GLU D 67 -8.72 -12.11 5.68
N LYS D 68 -8.51 -13.09 4.80
CA LYS D 68 -8.40 -12.85 3.36
C LYS D 68 -9.28 -13.74 2.49
N GLU D 69 -10.02 -14.66 3.13
CA GLU D 69 -11.04 -15.49 2.48
C GLU D 69 -12.27 -15.46 3.37
N PHE D 70 -13.45 -15.53 2.78
CA PHE D 70 -14.71 -15.28 3.50
C PHE D 70 -15.79 -16.24 3.02
N SER D 71 -16.46 -16.91 3.95
CA SER D 71 -17.54 -17.84 3.63
C SER D 71 -18.90 -17.16 3.51
N GLU D 72 -18.99 -15.90 3.92
CA GLU D 72 -20.24 -15.14 3.87
C GLU D 72 -20.09 -13.83 3.12
N VAL D 73 -21.16 -13.46 2.42
CA VAL D 73 -21.33 -12.13 1.88
C VAL D 73 -21.63 -11.21 3.07
N GLU D 74 -20.83 -10.16 3.22
CA GLU D 74 -21.02 -9.20 4.32
C GLU D 74 -21.18 -7.75 3.89
N GLY D 75 -20.50 -7.35 2.80
CA GLY D 75 -20.64 -6.02 2.24
C GLY D 75 -19.45 -5.11 2.51
N ARG D 76 -19.71 -3.98 3.16
CA ARG D 76 -18.77 -2.86 3.23
C ARG D 76 -17.43 -3.20 3.86
N ILE D 77 -17.49 -3.74 5.09
CA ILE D 77 -16.28 -4.09 5.84
C ILE D 77 -15.41 -5.12 5.09
N GLN D 78 -16.06 -6.12 4.49
CA GLN D 78 -15.35 -7.14 3.72
C GLN D 78 -14.80 -6.58 2.41
N ASP D 79 -15.55 -5.69 1.76
CA ASP D 79 -15.06 -5.02 0.54
C ASP D 79 -13.72 -4.36 0.84
N LEU D 80 -13.65 -3.70 1.99
CA LEU D 80 -12.44 -2.98 2.42
C LEU D 80 -11.28 -3.92 2.76
N GLU D 81 -11.56 -4.98 3.52
CA GLU D 81 -10.56 -6.00 3.82
C GLU D 81 -9.95 -6.59 2.54
N LYS D 82 -10.80 -6.89 1.55
CA LYS D 82 -10.32 -7.44 0.27
C LYS D 82 -9.50 -6.42 -0.51
N TYR D 83 -10.02 -5.20 -0.60
CA TYR D 83 -9.37 -4.10 -1.30
C TYR D 83 -7.98 -3.78 -0.73
N VAL D 84 -7.88 -3.76 0.60
CA VAL D 84 -6.61 -3.51 1.28
C VAL D 84 -5.59 -4.56 0.87
N GLU D 85 -5.99 -5.83 0.88
CA GLU D 85 -5.08 -6.92 0.53
C GLU D 85 -4.77 -6.92 -0.96
N ASP D 86 -5.77 -6.69 -1.79
CA ASP D 86 -5.59 -6.64 -3.24
C ASP D 86 -4.66 -5.48 -3.62
N THR D 87 -4.81 -4.34 -2.94
CA THR D 87 -3.95 -3.17 -3.15
C THR D 87 -2.49 -3.50 -2.85
N LYS D 88 -2.28 -4.12 -1.69
CA LYS D 88 -0.95 -4.55 -1.22
C LYS D 88 -0.26 -5.45 -2.21
N ILE D 89 -0.96 -6.50 -2.60
CA ILE D 89 -0.41 -7.51 -3.49
C ILE D 89 0.04 -6.87 -4.81
N ASP D 90 -0.80 -6.02 -5.38
CA ASP D 90 -0.46 -5.32 -6.63
C ASP D 90 0.81 -4.48 -6.48
N LEU D 91 0.95 -3.78 -5.35
CA LEU D 91 2.15 -2.97 -5.08
C LEU D 91 3.39 -3.82 -4.90
N TRP D 92 3.26 -4.93 -4.19
CA TRP D 92 4.39 -5.85 -4.03
C TRP D 92 4.73 -6.57 -5.34
N SER D 93 3.70 -6.89 -6.13
CA SER D 93 3.90 -7.46 -7.46
C SER D 93 4.69 -6.50 -8.36
N TYR D 94 4.37 -5.21 -8.27
CA TYR D 94 5.08 -4.18 -9.06
C TYR D 94 6.53 -4.06 -8.60
N ASN D 95 6.73 -3.99 -7.28
CA ASN D 95 8.09 -3.88 -6.75
C ASN D 95 8.97 -5.04 -7.19
N ALA D 96 8.38 -6.24 -7.21
CA ALA D 96 9.08 -7.43 -7.70
C ALA D 96 9.43 -7.32 -9.17
N GLU D 97 8.46 -6.95 -10.00
CA GLU D 97 8.68 -6.85 -11.46
C GLU D 97 9.79 -5.82 -11.78
N LEU D 98 9.75 -4.68 -11.08
CA LEU D 98 10.73 -3.62 -11.28
C LEU D 98 12.10 -4.05 -10.76
N LEU D 99 12.11 -4.70 -9.61
CA LEU D 99 13.38 -5.14 -9.01
C LEU D 99 14.16 -5.99 -10.00
N VAL D 100 13.55 -7.05 -10.51
CA VAL D 100 14.25 -7.94 -11.44
C VAL D 100 14.68 -7.17 -12.69
N ALA D 101 13.78 -6.36 -13.24
CA ALA D 101 14.10 -5.59 -14.43
C ALA D 101 15.38 -4.77 -14.25
N LEU D 102 15.42 -3.98 -13.17
CA LEU D 102 16.58 -3.14 -12.84
C LEU D 102 17.83 -3.97 -12.59
N GLU D 103 17.68 -4.96 -11.72
CA GLU D 103 18.78 -5.85 -11.33
C GLU D 103 19.39 -6.54 -12.54
N ASN D 104 18.56 -7.02 -13.45
CA ASN D 104 19.05 -7.81 -14.59
C ASN D 104 19.66 -6.95 -15.67
N GLN D 105 19.06 -5.79 -15.94
CA GLN D 105 19.67 -4.76 -16.80
C GLN D 105 21.08 -4.42 -16.31
N HIS D 106 21.22 -4.21 -15.01
CA HIS D 106 22.49 -3.87 -14.37
C HIS D 106 23.47 -5.03 -14.37
N THR D 107 22.98 -6.25 -14.14
CA THR D 107 23.84 -7.44 -14.14
C THR D 107 24.49 -7.60 -15.51
N ILE D 108 23.69 -7.42 -16.56
CA ILE D 108 24.18 -7.48 -17.94
C ILE D 108 25.20 -6.39 -18.21
N ASP D 109 24.89 -5.14 -17.83
CA ASP D 109 25.82 -4.01 -18.03
C ASP D 109 27.12 -4.14 -17.25
N LEU D 110 27.08 -4.70 -16.04
CA LEU D 110 28.29 -4.81 -15.21
C LEU D 110 29.20 -5.93 -15.67
N THR D 111 28.63 -7.04 -16.17
CA THR D 111 29.43 -8.10 -16.77
C THR D 111 30.06 -7.64 -18.09
N ASP D 112 29.28 -6.89 -18.88
CA ASP D 112 29.81 -6.23 -20.07
C ASP D 112 30.94 -5.27 -19.69
N SER D 113 30.75 -4.54 -18.59
CA SER D 113 31.78 -3.64 -18.07
C SER D 113 33.07 -4.36 -17.73
N GLU D 114 32.97 -5.48 -17.01
CA GLU D 114 34.15 -6.21 -16.56
C GLU D 114 34.97 -6.78 -17.69
N MET D 115 34.29 -7.22 -18.75
CA MET D 115 34.95 -7.64 -20.00
C MET D 115 35.76 -6.50 -20.59
N ASN D 116 35.14 -5.33 -20.65
CA ASN D 116 35.77 -4.13 -21.18
C ASN D 116 36.94 -3.65 -20.32
N LYS D 117 36.78 -3.72 -19.00
CA LYS D 117 37.85 -3.37 -18.06
C LYS D 117 39.10 -4.23 -18.22
N LEU D 118 38.90 -5.53 -18.46
CA LEU D 118 40.00 -6.45 -18.73
C LEU D 118 40.68 -6.13 -20.06
N PHE D 119 39.87 -5.82 -21.06
CA PHE D 119 40.38 -5.48 -22.39
C PHE D 119 41.23 -4.21 -22.35
N GLU D 120 40.69 -3.16 -21.73
CA GLU D 120 41.42 -1.89 -21.61
C GLU D 120 42.72 -2.06 -20.79
N LYS D 121 42.66 -2.84 -19.71
CA LYS D 121 43.85 -3.18 -18.90
C LYS D 121 44.94 -3.90 -19.69
N THR D 122 44.51 -4.86 -20.53
CA THR D 122 45.43 -5.64 -21.35
C THR D 122 46.09 -4.76 -22.41
N GLY D 123 45.29 -4.00 -23.14
CA GLY D 123 45.79 -3.03 -24.13
C GLY D 123 46.85 -2.09 -23.56
N ARG D 124 46.61 -1.62 -22.34
CA ARG D 124 47.55 -0.75 -21.62
C ARG D 124 48.86 -1.43 -21.25
N GLN D 125 48.81 -2.71 -20.91
CA GLN D 125 50.04 -3.51 -20.72
C GLN D 125 50.92 -3.51 -21.98
N LEU D 126 50.29 -3.74 -23.12
CA LEU D 126 51.02 -3.92 -24.38
C LEU D 126 51.56 -2.63 -25.00
N ARG D 127 51.12 -1.48 -24.49
CA ARG D 127 51.66 -0.16 -24.87
C ARG D 127 51.73 -0.01 -26.40
N GLU D 128 52.94 0.08 -26.98
CA GLU D 128 53.11 0.25 -28.43
C GLU D 128 53.62 -1.03 -29.09
N ASN D 129 53.59 -2.15 -28.36
CA ASN D 129 54.05 -3.43 -28.90
C ASN D 129 52.92 -4.25 -29.54
N ALA D 130 51.69 -3.70 -29.56
CA ALA D 130 50.53 -4.39 -30.16
C ALA D 130 49.47 -3.41 -30.64
N GLU D 131 48.53 -3.92 -31.45
CA GLU D 131 47.43 -3.13 -32.01
C GLU D 131 46.09 -3.83 -31.90
N ASP D 132 45.06 -3.02 -31.65
CA ASP D 132 43.68 -3.50 -31.50
C ASP D 132 43.08 -3.83 -32.87
N MET D 133 42.91 -5.12 -33.17
CA MET D 133 42.29 -5.55 -34.43
C MET D 133 40.81 -5.12 -34.55
N GLY D 134 40.14 -4.92 -33.40
CA GLY D 134 38.76 -4.43 -33.37
C GLY D 134 37.69 -5.48 -33.05
N ASN D 135 38.12 -6.69 -32.73
CA ASN D 135 37.23 -7.82 -32.47
C ASN D 135 37.53 -8.46 -31.10
N GLY D 136 38.11 -7.68 -30.20
CA GLY D 136 38.62 -8.19 -28.93
C GLY D 136 40.00 -8.84 -28.99
N CYS D 137 40.65 -8.81 -30.15
CA CYS D 137 41.98 -9.41 -30.33
C CYS D 137 43.04 -8.36 -30.62
N PHE D 138 44.15 -8.47 -29.90
CA PHE D 138 45.36 -7.70 -30.18
C PHE D 138 46.28 -8.52 -31.07
N LYS D 139 46.77 -7.92 -32.15
CA LYS D 139 47.89 -8.50 -32.88
C LYS D 139 49.17 -7.97 -32.25
N ILE D 140 49.94 -8.88 -31.64
CA ILE D 140 51.23 -8.53 -31.04
C ILE D 140 52.30 -8.64 -32.13
N TYR D 141 53.18 -7.65 -32.18
CA TYR D 141 54.18 -7.51 -33.24
C TYR D 141 55.57 -7.97 -32.78
N HIS D 142 55.65 -9.15 -32.17
CA HIS D 142 56.94 -9.76 -31.85
C HIS D 142 56.82 -11.26 -31.53
N LYS D 143 57.97 -11.91 -31.36
CA LYS D 143 58.03 -13.31 -30.91
C LYS D 143 57.56 -13.35 -29.45
N CYS D 144 56.36 -13.90 -29.23
CA CYS D 144 55.83 -14.06 -27.88
C CYS D 144 55.62 -15.55 -27.58
N ASP D 145 56.68 -16.18 -27.08
CA ASP D 145 56.65 -17.57 -26.61
C ASP D 145 55.71 -17.73 -25.41
N ASN D 146 55.40 -18.98 -25.05
CA ASN D 146 54.46 -19.26 -23.97
C ASN D 146 54.81 -18.58 -22.63
N ALA D 147 56.11 -18.39 -22.37
CA ALA D 147 56.57 -17.61 -21.22
C ALA D 147 56.09 -16.16 -21.30
N CYS D 148 56.22 -15.56 -22.49
CA CYS D 148 55.76 -14.20 -22.75
C CYS D 148 54.23 -14.06 -22.63
N ILE D 149 53.49 -15.02 -23.18
CA ILE D 149 52.02 -15.00 -23.08
C ILE D 149 51.60 -15.00 -21.62
N GLU D 150 52.07 -16.01 -20.89
CA GLU D 150 51.81 -16.13 -19.45
C GLU D 150 52.23 -14.87 -18.66
N SER D 151 53.25 -14.14 -19.12
CA SER D 151 53.64 -12.85 -18.52
C SER D 151 52.54 -11.80 -18.65
N ILE D 152 51.89 -11.76 -19.81
CA ILE D 152 50.74 -10.87 -20.06
C ILE D 152 49.56 -11.26 -19.17
N ARG D 153 49.34 -12.57 -19.04
CA ARG D 153 48.20 -13.08 -18.27
C ARG D 153 48.39 -12.93 -16.76
N ASN D 154 49.57 -13.26 -16.23
CA ASN D 154 49.85 -13.08 -14.78
C ASN D 154 50.39 -11.68 -14.42
N GLY D 155 50.46 -10.77 -15.40
CA GLY D 155 50.69 -9.34 -15.14
C GLY D 155 52.13 -8.87 -15.00
N THR D 156 53.09 -9.65 -15.48
CA THR D 156 54.53 -9.36 -15.33
C THR D 156 55.24 -8.90 -16.61
N TYR D 157 54.51 -8.87 -17.73
CA TYR D 157 55.04 -8.44 -19.04
C TYR D 157 55.68 -7.04 -18.99
N ASP D 158 56.99 -6.96 -19.26
CA ASP D 158 57.69 -5.69 -19.41
C ASP D 158 57.68 -5.39 -20.90
N HIS D 159 57.06 -4.26 -21.27
CA HIS D 159 56.96 -3.86 -22.68
C HIS D 159 58.29 -3.34 -23.26
N ASP D 160 59.18 -2.83 -22.41
CA ASP D 160 60.49 -2.34 -22.87
C ASP D 160 61.35 -3.46 -23.47
N VAL D 161 61.25 -4.65 -22.89
CA VAL D 161 61.97 -5.85 -23.37
C VAL D 161 61.75 -6.10 -24.87
N TYR D 162 60.51 -5.94 -25.34
CA TYR D 162 60.13 -6.25 -26.73
C TYR D 162 59.90 -5.00 -27.60
N ARG D 163 60.16 -3.81 -27.07
CA ARG D 163 59.71 -2.55 -27.69
C ARG D 163 60.35 -2.27 -29.06
N ASP D 164 61.68 -2.24 -29.11
CA ASP D 164 62.43 -2.00 -30.35
C ASP D 164 62.13 -3.07 -31.41
N GLU D 165 62.07 -4.32 -30.98
CA GLU D 165 61.66 -5.43 -31.85
C GLU D 165 60.29 -5.14 -32.47
N ALA D 166 59.33 -4.73 -31.64
CA ALA D 166 57.94 -4.55 -32.05
C ALA D 166 57.69 -3.29 -32.88
N LEU D 167 58.25 -2.17 -32.42
CA LEU D 167 58.15 -0.90 -33.14
C LEU D 167 58.61 -1.02 -34.60
N ASN D 168 59.72 -1.73 -34.81
CA ASN D 168 60.25 -1.98 -36.14
C ASN D 168 59.27 -2.75 -37.03
N ASN D 169 58.69 -3.82 -36.50
CA ASN D 169 57.73 -4.67 -37.23
C ASN D 169 56.43 -3.93 -37.58
N ARG D 170 56.05 -2.97 -36.74
CA ARG D 170 54.85 -2.15 -37.00
C ARG D 170 55.07 -1.13 -38.12
N PHE D 171 56.28 -0.56 -38.19
CA PHE D 171 56.65 0.51 -39.13
C PHE D 171 57.82 0.10 -40.03
N PRO E 3 65.29 13.64 -21.77
CA PRO E 3 64.71 13.95 -20.47
C PRO E 3 63.20 14.21 -20.55
N GLY E 4 62.40 13.28 -20.00
CA GLY E 4 60.95 13.29 -20.13
C GLY E 4 60.18 13.90 -18.96
N ALA E 5 58.91 13.52 -18.85
CA ALA E 5 58.00 14.05 -17.81
C ALA E 5 56.72 13.22 -17.73
N THR E 6 56.22 12.99 -16.51
CA THR E 6 54.99 12.20 -16.29
C THR E 6 53.85 13.08 -15.78
N LEU E 7 52.62 12.79 -16.23
CA LEU E 7 51.41 13.52 -15.81
C LEU E 7 50.33 12.56 -15.37
N CYS E 8 50.09 12.51 -14.06
CA CYS E 8 49.15 11.56 -13.47
C CYS E 8 47.79 12.16 -13.20
N LEU E 9 46.75 11.47 -13.66
CA LEU E 9 45.35 11.79 -13.32
C LEU E 9 44.95 11.02 -12.07
N GLY E 10 44.03 11.58 -11.29
CA GLY E 10 43.55 10.97 -10.06
C GLY E 10 42.41 11.72 -9.41
N HIS E 11 42.08 11.32 -8.19
CA HIS E 11 40.91 11.82 -7.48
C HIS E 11 41.18 11.95 -6.00
N HIS E 12 40.31 12.67 -5.30
CA HIS E 12 40.49 12.92 -3.86
C HIS E 12 40.14 11.72 -2.98
N ALA E 13 40.49 11.84 -1.71
CA ALA E 13 40.10 10.88 -0.68
C ALA E 13 40.06 11.59 0.65
N VAL E 14 39.57 10.90 1.68
CA VAL E 14 39.52 11.42 3.05
C VAL E 14 39.96 10.32 4.01
N PRO E 15 40.47 10.69 5.20
CA PRO E 15 40.95 9.64 6.12
C PRO E 15 39.79 8.82 6.72
N ASN E 16 38.74 9.51 7.15
CA ASN E 16 37.55 8.88 7.74
C ASN E 16 36.37 9.01 6.77
N GLY E 17 36.10 7.93 6.04
CA GLY E 17 34.95 7.87 5.11
C GLY E 17 33.63 7.53 5.80
N THR E 18 32.60 7.27 4.97
CA THR E 18 31.25 6.94 5.43
C THR E 18 30.74 5.71 4.69
N LEU E 19 30.13 4.77 5.40
CA LEU E 19 29.60 3.55 4.79
C LEU E 19 28.18 3.78 4.24
N VAL E 20 27.93 3.24 3.05
CA VAL E 20 26.60 3.29 2.42
C VAL E 20 26.23 1.95 1.82
N LYS E 21 24.95 1.79 1.51
CA LYS E 21 24.43 0.56 0.91
C LYS E 21 24.22 0.80 -0.58
N THR E 22 24.42 -0.22 -1.41
CA THR E 22 24.18 -0.15 -2.85
C THR E 22 23.47 -1.43 -3.33
N ILE E 23 23.29 -1.55 -4.64
CA ILE E 23 22.76 -2.76 -5.25
C ILE E 23 23.64 -3.97 -4.89
N THR E 24 24.95 -3.80 -5.06
CA THR E 24 25.92 -4.90 -4.94
C THR E 24 26.60 -4.99 -3.57
N ASP E 25 26.61 -3.90 -2.80
CA ASP E 25 27.27 -3.91 -1.49
C ASP E 25 26.34 -3.48 -0.36
N ASP E 26 26.36 -4.27 0.70
CA ASP E 26 25.69 -4.00 1.97
C ASP E 26 26.37 -2.83 2.72
N GLN E 27 27.70 -2.81 2.67
CA GLN E 27 28.52 -1.65 3.11
C GLN E 27 29.62 -1.41 2.09
N ILE E 28 29.81 -0.14 1.75
CA ILE E 28 30.92 0.28 0.88
C ILE E 28 31.25 1.74 1.16
N GLU E 29 32.53 2.07 1.24
CA GLU E 29 32.98 3.36 1.77
C GLU E 29 32.99 4.46 0.71
N VAL E 30 32.39 5.61 1.05
CA VAL E 30 32.40 6.81 0.20
C VAL E 30 32.95 8.03 0.94
N THR E 31 33.27 9.09 0.18
CA THR E 31 33.92 10.28 0.76
C THR E 31 32.98 11.06 1.66
N ASN E 32 31.69 11.07 1.33
CA ASN E 32 30.67 11.74 2.11
C ASN E 32 29.28 11.14 1.82
N ALA E 33 28.42 11.19 2.83
CA ALA E 33 27.00 10.88 2.65
C ALA E 33 26.12 11.78 3.51
N THR E 34 24.81 11.70 3.32
CA THR E 34 23.87 12.50 4.11
C THR E 34 22.71 11.62 4.57
N GLU E 35 22.16 11.96 5.74
CA GLU E 35 21.13 11.15 6.39
C GLU E 35 19.75 11.49 5.81
N LEU E 36 18.96 10.46 5.50
CA LEU E 36 17.58 10.63 5.00
C LEU E 36 16.50 10.24 6.01
N VAL E 37 16.88 9.72 7.18
CA VAL E 37 15.92 9.37 8.21
C VAL E 37 16.10 10.29 9.41
N GLN E 38 15.06 11.07 9.71
CA GLN E 38 15.00 11.86 10.92
C GLN E 38 14.69 10.93 12.09
N SER E 39 15.65 10.74 13.01
CA SER E 39 15.47 9.81 14.14
C SER E 39 15.36 10.48 15.52
N SER E 40 15.43 11.80 15.58
CA SER E 40 15.38 12.53 16.86
C SER E 40 14.34 13.65 16.85
N SER E 41 13.92 14.04 18.06
CA SER E 41 12.94 15.08 18.29
C SER E 41 13.44 16.00 19.39
N THR E 42 12.88 17.20 19.46
CA THR E 42 13.19 18.13 20.54
C THR E 42 12.54 17.71 21.86
N GLY E 43 11.52 16.85 21.79
CA GLY E 43 10.73 16.48 22.97
C GLY E 43 9.54 17.40 23.22
N LYS E 44 9.35 18.38 22.35
CA LYS E 44 8.42 19.49 22.58
C LYS E 44 7.60 19.73 21.32
N ILE E 45 6.31 19.98 21.47
CA ILE E 45 5.43 20.30 20.36
C ILE E 45 5.43 21.80 20.14
N CYS E 46 5.96 22.25 19.01
CA CYS E 46 6.02 23.69 18.70
C CYS E 46 4.63 24.29 18.48
N ASN E 47 4.36 25.41 19.15
CA ASN E 47 3.06 26.10 19.07
C ASN E 47 2.74 26.83 17.75
N ASN E 48 3.71 26.87 16.82
CA ASN E 48 3.51 27.38 15.47
C ASN E 48 4.06 26.39 14.41
N PRO E 49 3.54 26.40 13.18
CA PRO E 49 2.50 27.30 12.71
C PRO E 49 1.06 26.82 12.96
N HIS E 50 0.91 25.63 13.57
CA HIS E 50 -0.41 25.04 13.78
C HIS E 50 -0.98 25.50 15.10
N ARG E 51 -2.28 25.80 15.11
CA ARG E 51 -3.00 26.12 16.33
C ARG E 51 -3.14 24.88 17.23
N ILE E 52 -2.25 24.78 18.22
CA ILE E 52 -2.25 23.68 19.18
C ILE E 52 -3.14 24.02 20.36
N LEU E 53 -4.04 23.11 20.73
CA LEU E 53 -4.94 23.27 21.88
C LEU E 53 -4.68 22.16 22.88
N ASP E 54 -4.10 22.52 24.02
CA ASP E 54 -3.80 21.57 25.07
C ASP E 54 -5.07 21.26 25.85
N GLY E 55 -5.49 20.01 25.77
CA GLY E 55 -6.65 19.54 26.54
C GLY E 55 -6.47 19.58 28.05
N ILE E 56 -5.22 19.45 28.52
CA ILE E 56 -4.90 19.47 29.96
C ILE E 56 -5.65 18.32 30.67
N ASP E 57 -6.71 18.62 31.41
CA ASP E 57 -7.42 17.61 32.18
C ASP E 57 -8.55 16.98 31.40
N CYS E 58 -8.69 17.36 30.13
CA CYS E 58 -9.90 17.07 29.38
C CYS E 58 -9.64 16.30 28.09
N THR E 59 -10.51 15.32 27.83
CA THR E 59 -10.59 14.67 26.54
C THR E 59 -11.47 15.57 25.68
N LEU E 60 -11.25 15.55 24.38
CA LEU E 60 -12.09 16.30 23.44
C LEU E 60 -13.57 16.04 23.67
N ILE E 61 -13.91 14.78 23.96
CA ILE E 61 -15.30 14.39 24.19
C ILE E 61 -15.88 15.04 25.46
N ASP E 62 -15.15 15.00 26.58
CA ASP E 62 -15.61 15.69 27.78
C ASP E 62 -15.78 17.20 27.58
N ALA E 63 -14.91 17.81 26.77
CA ALA E 63 -15.04 19.21 26.38
C ALA E 63 -16.29 19.43 25.52
N LEU E 64 -16.48 18.55 24.55
CA LEU E 64 -17.68 18.56 23.72
C LEU E 64 -18.92 18.57 24.60
N LEU E 65 -19.04 17.55 25.43
CA LEU E 65 -20.25 17.35 26.23
C LEU E 65 -20.46 18.48 27.22
N GLY E 66 -19.36 18.97 27.79
CA GLY E 66 -19.42 20.04 28.76
C GLY E 66 -19.34 19.54 30.19
N ASP E 67 -18.35 18.68 30.45
CA ASP E 67 -17.93 18.32 31.80
C ASP E 67 -17.50 19.65 32.46
N PRO E 68 -18.01 19.98 33.67
CA PRO E 68 -17.74 21.29 34.26
C PRO E 68 -16.28 21.72 34.31
N HIS E 69 -15.37 20.82 34.66
CA HIS E 69 -13.94 21.15 34.65
C HIS E 69 -13.38 21.38 33.24
N CYS E 70 -14.15 21.07 32.20
CA CYS E 70 -13.81 21.39 30.80
C CYS E 70 -14.59 22.56 30.19
N ASP E 71 -15.30 23.33 31.02
CA ASP E 71 -16.07 24.47 30.49
C ASP E 71 -15.20 25.57 29.91
N VAL E 72 -13.92 25.61 30.29
CA VAL E 72 -12.99 26.54 29.68
C VAL E 72 -12.76 26.29 28.18
N PHE E 73 -13.09 25.07 27.70
CA PHE E 73 -12.99 24.75 26.27
C PHE E 73 -14.22 25.08 25.41
N GLN E 74 -15.28 25.65 25.99
CA GLN E 74 -16.48 26.01 25.22
C GLN E 74 -16.13 26.92 24.05
N ASN E 75 -16.67 26.62 22.88
CA ASN E 75 -16.40 27.37 21.65
C ASN E 75 -14.91 27.45 21.24
N GLU E 76 -14.07 26.53 21.73
CA GLU E 76 -12.63 26.55 21.36
C GLU E 76 -12.46 26.01 19.95
N THR E 77 -11.28 26.28 19.39
CA THR E 77 -10.91 25.80 18.05
C THR E 77 -9.45 25.34 18.03
N TRP E 78 -9.11 24.56 17.01
CA TRP E 78 -7.79 23.94 16.92
C TRP E 78 -7.47 23.45 15.53
N ASP E 79 -6.18 23.40 15.24
CA ASP E 79 -5.65 22.58 14.16
C ASP E 79 -5.29 21.20 14.74
N LEU E 80 -4.73 21.17 15.95
CA LEU E 80 -4.43 19.92 16.64
C LEU E 80 -4.83 19.98 18.10
N PHE E 81 -5.85 19.21 18.47
CA PHE E 81 -6.20 19.00 19.87
C PHE E 81 -5.25 17.96 20.42
N VAL E 82 -4.70 18.23 21.60
CA VAL E 82 -3.72 17.34 22.22
C VAL E 82 -4.34 16.78 23.50
N GLU E 83 -4.60 15.48 23.50
CA GLU E 83 -5.16 14.82 24.66
C GLU E 83 -4.05 14.24 25.52
N ARG E 84 -4.10 14.53 26.83
CA ARG E 84 -3.08 14.09 27.77
C ARG E 84 -3.56 12.82 28.49
N SER E 85 -2.60 12.01 28.92
CA SER E 85 -2.91 10.78 29.65
C SER E 85 -3.47 11.08 31.04
N LYS E 86 -3.10 12.22 31.61
CA LYS E 86 -3.63 12.66 32.90
C LYS E 86 -5.12 13.02 32.90
N ALA E 87 -5.73 13.19 31.73
CA ALA E 87 -7.15 13.58 31.66
C ALA E 87 -8.10 12.62 32.36
N PHE E 88 -9.18 13.18 32.90
CA PHE E 88 -10.20 12.42 33.62
C PHE E 88 -11.58 13.03 33.34
N SER E 89 -12.62 12.20 33.43
CA SER E 89 -14.00 12.65 33.42
C SER E 89 -14.43 12.88 34.87
N ASN E 90 -15.32 13.84 35.08
CA ASN E 90 -15.82 14.19 36.41
C ASN E 90 -17.24 14.75 36.35
N CYS E 91 -18.07 14.11 35.53
CA CYS E 91 -19.49 14.45 35.45
C CYS E 91 -20.24 13.14 35.62
N TYR E 92 -21.49 13.08 35.13
CA TYR E 92 -22.27 11.84 35.17
C TYR E 92 -21.48 10.76 34.43
N PRO E 93 -21.59 9.50 34.89
CA PRO E 93 -20.88 8.45 34.18
C PRO E 93 -21.57 8.11 32.86
N TYR E 94 -20.78 7.96 31.79
CA TYR E 94 -21.33 7.83 30.46
C TYR E 94 -20.52 6.90 29.58
N ASP E 95 -21.12 6.45 28.50
CA ASP E 95 -20.39 5.76 27.42
C ASP E 95 -20.82 6.32 26.06
N VAL E 96 -19.97 6.13 25.06
CA VAL E 96 -20.26 6.54 23.69
C VAL E 96 -20.12 5.33 22.79
N PRO E 97 -21.25 4.68 22.43
CA PRO E 97 -21.15 3.67 21.39
C PRO E 97 -20.53 4.32 20.14
N ASP E 98 -19.45 3.74 19.66
CA ASP E 98 -18.68 4.32 18.57
C ASP E 98 -18.03 5.65 19.05
N TYR E 99 -17.37 5.57 20.22
CA TYR E 99 -16.58 6.67 20.79
C TYR E 99 -15.58 7.19 19.76
N ALA E 100 -14.80 6.27 19.21
CA ALA E 100 -13.75 6.60 18.24
C ALA E 100 -14.25 7.50 17.13
N SER E 101 -15.44 7.21 16.60
CA SER E 101 -15.99 7.97 15.47
C SER E 101 -16.42 9.38 15.85
N LEU E 102 -17.12 9.53 16.98
CA LEU E 102 -17.51 10.86 17.45
C LEU E 102 -16.26 11.71 17.71
N ARG E 103 -15.29 11.12 18.39
CA ARG E 103 -14.01 11.76 18.64
C ARG E 103 -13.33 12.20 17.35
N SER E 104 -13.34 11.33 16.35
CA SER E 104 -12.73 11.63 15.05
C SER E 104 -13.44 12.77 14.31
N LEU E 105 -14.76 12.66 14.20
CA LEU E 105 -15.52 13.61 13.40
C LEU E 105 -15.48 15.02 14.00
N VAL E 106 -15.43 15.10 15.33
CA VAL E 106 -15.29 16.38 16.02
C VAL E 106 -13.86 16.90 15.84
N ALA E 107 -12.88 16.04 16.11
CA ALA E 107 -11.46 16.39 15.92
C ALA E 107 -11.19 16.95 14.53
N SER E 108 -11.82 16.36 13.52
CA SER E 108 -11.72 16.80 12.14
C SER E 108 -12.41 18.14 11.89
N SER E 109 -13.58 18.32 12.53
CA SER E 109 -14.33 19.57 12.46
C SER E 109 -13.54 20.77 13.01
N GLY E 110 -12.70 20.54 14.02
CA GLY E 110 -11.77 21.57 14.48
C GLY E 110 -12.34 22.68 15.34
N THR E 111 -13.57 22.50 15.82
CA THR E 111 -14.31 23.54 16.54
C THR E 111 -15.36 22.91 17.46
N LEU E 112 -15.57 23.57 18.61
CA LEU E 112 -16.65 23.23 19.54
C LEU E 112 -17.75 24.31 19.59
N GLU E 113 -17.79 25.15 18.55
CA GLU E 113 -18.77 26.23 18.45
C GLU E 113 -20.19 25.72 18.62
N PHE E 114 -20.89 26.17 19.66
CA PHE E 114 -22.24 25.71 19.99
C PHE E 114 -23.27 26.83 19.83
N ILE E 115 -24.31 26.56 19.04
CA ILE E 115 -25.42 27.48 18.85
C ILE E 115 -26.63 26.88 19.60
N THR E 116 -27.10 27.59 20.63
CA THR E 116 -28.31 27.18 21.36
C THR E 116 -29.56 27.36 20.48
N GLU E 117 -30.45 26.38 20.53
CA GLU E 117 -31.73 26.39 19.81
C GLU E 117 -32.90 26.24 20.79
N GLY E 118 -34.03 26.87 20.47
CA GLY E 118 -35.19 26.91 21.36
C GLY E 118 -36.09 25.70 21.26
N PHE E 119 -35.61 24.55 21.72
CA PHE E 119 -36.43 23.34 21.84
C PHE E 119 -37.51 23.53 22.88
N THR E 120 -38.71 23.02 22.59
CA THR E 120 -39.86 23.14 23.49
C THR E 120 -40.26 21.77 23.99
N TRP E 121 -39.90 21.49 25.23
CA TRP E 121 -40.19 20.19 25.86
C TRP E 121 -41.42 20.39 26.74
N THR E 122 -42.60 20.12 26.17
CA THR E 122 -43.87 20.38 26.85
C THR E 122 -44.19 19.30 27.88
N GLY E 123 -44.41 19.74 29.12
CA GLY E 123 -44.90 18.87 30.19
C GLY E 123 -43.85 18.01 30.86
N VAL E 124 -42.60 18.51 30.91
CA VAL E 124 -41.51 17.84 31.63
C VAL E 124 -40.61 18.85 32.35
N THR E 125 -39.95 18.39 33.40
CA THR E 125 -38.97 19.18 34.14
C THR E 125 -37.67 19.18 33.35
N GLN E 126 -37.03 20.34 33.25
CA GLN E 126 -35.77 20.48 32.51
C GLN E 126 -34.60 20.68 33.45
N ASN E 127 -33.41 20.61 32.88
CA ASN E 127 -32.16 20.98 33.55
C ASN E 127 -31.88 20.13 34.79
N GLY E 128 -32.19 18.84 34.70
CA GLY E 128 -31.85 17.92 35.76
C GLY E 128 -30.34 17.89 35.99
N GLY E 129 -29.94 17.56 37.22
CA GLY E 129 -28.52 17.45 37.57
C GLY E 129 -28.21 16.32 38.54
N SER E 130 -26.96 16.25 38.98
CA SER E 130 -26.49 15.18 39.86
C SER E 130 -25.25 15.56 40.64
N ASN E 131 -25.10 15.00 41.85
CA ASN E 131 -23.90 15.22 42.66
C ASN E 131 -22.65 14.59 42.06
N ALA E 132 -22.83 13.65 41.12
CA ALA E 132 -21.75 13.16 40.25
C ALA E 132 -21.06 14.25 39.44
N CYS E 133 -21.82 15.28 39.10
CA CYS E 133 -21.38 16.36 38.22
C CYS E 133 -21.63 17.72 38.88
N LYS E 134 -20.86 18.02 39.91
CA LYS E 134 -21.03 19.27 40.69
C LYS E 134 -20.72 20.52 39.86
N ARG E 135 -21.47 21.56 40.18
CA ARG E 135 -21.32 22.88 39.58
C ARG E 135 -21.63 23.92 40.62
N GLY E 136 -20.61 24.57 41.14
CA GLY E 136 -20.80 25.51 42.25
C GLY E 136 -21.13 24.68 43.47
N PRO E 137 -22.03 25.19 44.36
CA PRO E 137 -22.42 24.42 45.54
C PRO E 137 -23.36 23.24 45.22
N GLY E 138 -24.24 23.40 44.24
CA GLY E 138 -25.26 22.41 43.98
C GLY E 138 -24.80 21.34 43.00
N SER E 139 -25.70 20.39 42.79
CA SER E 139 -25.56 19.42 41.70
C SER E 139 -25.63 20.13 40.35
N GLY E 140 -25.08 19.48 39.33
CA GLY E 140 -25.12 20.01 37.95
C GLY E 140 -25.09 18.93 36.91
N PHE E 141 -24.70 19.28 35.69
CA PHE E 141 -24.78 18.37 34.54
C PHE E 141 -23.88 18.86 33.40
N PHE E 142 -23.76 18.04 32.37
CA PHE E 142 -23.09 18.43 31.11
C PHE E 142 -23.72 19.72 30.57
N SER E 143 -22.89 20.70 30.21
CA SER E 143 -23.40 22.01 29.79
C SER E 143 -24.27 21.99 28.52
N ARG E 144 -24.00 21.07 27.60
CA ARG E 144 -24.68 21.02 26.30
C ARG E 144 -25.80 19.99 26.22
N LEU E 145 -26.17 19.42 27.37
CA LEU E 145 -27.23 18.44 27.47
C LEU E 145 -28.21 18.86 28.55
N ASN E 146 -29.43 18.37 28.41
CA ASN E 146 -30.57 18.84 29.18
C ASN E 146 -31.33 17.62 29.68
N TRP E 147 -31.12 17.26 30.93
CA TRP E 147 -31.74 16.07 31.51
C TRP E 147 -33.23 16.35 31.78
N LEU E 148 -34.09 15.60 31.11
CA LEU E 148 -35.52 15.73 31.26
C LEU E 148 -36.09 14.61 32.12
N THR E 149 -36.86 15.01 33.12
CA THR E 149 -37.60 14.11 34.00
C THR E 149 -39.06 14.56 34.02
N LYS E 150 -39.93 13.78 34.69
CA LYS E 150 -41.36 14.08 34.75
C LYS E 150 -41.68 15.43 35.36
N SER E 151 -42.81 15.99 34.95
CA SER E 151 -43.43 17.15 35.59
C SER E 151 -44.71 16.66 36.26
N GLY E 152 -44.90 17.02 37.53
CA GLY E 152 -45.99 16.48 38.33
C GLY E 152 -45.85 14.97 38.48
N SER E 153 -46.69 14.22 37.76
CA SER E 153 -46.65 12.75 37.77
C SER E 153 -46.87 12.15 36.38
N THR E 154 -46.43 12.88 35.35
CA THR E 154 -46.62 12.46 33.95
C THR E 154 -45.40 12.84 33.11
N TYR E 155 -45.03 11.95 32.18
CA TYR E 155 -44.00 12.20 31.15
C TYR E 155 -44.70 11.97 29.82
N PRO E 156 -45.11 13.06 29.14
CA PRO E 156 -45.82 12.86 27.88
C PRO E 156 -44.90 12.43 26.75
N VAL E 157 -45.48 12.05 25.62
CA VAL E 157 -44.71 11.80 24.41
C VAL E 157 -44.11 13.14 24.00
N LEU E 158 -42.79 13.26 24.12
CA LEU E 158 -42.09 14.43 23.60
C LEU E 158 -41.95 14.27 22.10
N ASN E 159 -42.23 15.34 21.37
CA ASN E 159 -42.19 15.32 19.91
C ASN E 159 -41.85 16.72 19.40
N VAL E 160 -40.58 16.93 19.07
CA VAL E 160 -40.09 18.24 18.61
C VAL E 160 -39.36 18.14 17.28
N THR E 161 -39.33 19.27 16.58
CA THR E 161 -38.67 19.39 15.28
C THR E 161 -37.76 20.59 15.26
N MET E 162 -36.67 20.50 14.48
CA MET E 162 -35.73 21.61 14.33
C MET E 162 -35.09 21.56 12.94
N PRO E 163 -35.68 22.27 11.97
CA PRO E 163 -35.16 22.25 10.61
C PRO E 163 -33.83 22.97 10.47
N ASN E 164 -33.01 22.55 9.51
CA ASN E 164 -31.74 23.20 9.21
C ASN E 164 -31.95 24.08 7.98
N ASN E 165 -32.07 25.39 8.20
CA ASN E 165 -32.18 26.36 7.11
C ASN E 165 -30.91 27.18 6.95
N ASP E 166 -29.83 26.75 7.59
CA ASP E 166 -28.50 27.31 7.35
C ASP E 166 -27.85 26.58 6.18
N ASN E 167 -26.65 27.03 5.78
CA ASN E 167 -25.87 26.40 4.70
C ASN E 167 -24.64 25.65 5.21
N PHE E 168 -24.69 25.23 6.47
CA PHE E 168 -23.65 24.41 7.08
C PHE E 168 -24.33 23.20 7.73
N ASP E 169 -23.55 22.15 7.96
CA ASP E 169 -24.05 20.99 8.69
C ASP E 169 -24.19 21.30 10.17
N LYS E 170 -25.25 20.78 10.78
CA LYS E 170 -25.44 20.86 12.21
C LYS E 170 -25.10 19.50 12.81
N LEU E 171 -24.28 19.50 13.87
CA LEU E 171 -24.05 18.30 14.68
C LEU E 171 -24.85 18.40 15.96
N TYR E 172 -25.81 17.51 16.15
CA TYR E 172 -26.54 17.42 17.41
C TYR E 172 -25.96 16.33 18.28
N ILE E 173 -25.71 16.64 19.55
CA ILE E 173 -25.29 15.65 20.53
C ILE E 173 -26.41 15.45 21.51
N TRP E 174 -26.81 14.20 21.69
CA TRP E 174 -27.88 13.81 22.58
C TRP E 174 -27.53 12.51 23.28
N GLY E 175 -28.41 12.05 24.15
CA GLY E 175 -28.17 10.81 24.89
C GLY E 175 -29.41 10.13 25.41
N VAL E 176 -29.19 9.00 26.08
CA VAL E 176 -30.25 8.21 26.68
C VAL E 176 -29.76 7.76 28.05
N HIS E 177 -30.62 7.90 29.05
CA HIS E 177 -30.31 7.51 30.44
C HIS E 177 -30.71 6.07 30.68
N HIS E 178 -29.78 5.30 31.27
CA HIS E 178 -30.00 3.91 31.65
C HIS E 178 -30.11 3.85 33.18
N PRO E 179 -31.34 3.77 33.74
CA PRO E 179 -31.46 3.65 35.20
C PRO E 179 -30.98 2.32 35.74
N SER E 180 -30.64 2.26 37.03
CA SER E 180 -30.22 1.00 37.67
C SER E 180 -31.39 0.09 38.09
N THR E 181 -32.53 0.67 38.48
CA THR E 181 -33.68 -0.10 38.98
C THR E 181 -34.98 0.32 38.31
N ASN E 182 -35.96 -0.56 38.29
CA ASN E 182 -37.32 -0.26 37.78
C ASN E 182 -37.99 0.87 38.57
N GLN E 183 -37.74 0.89 39.87
CA GLN E 183 -38.21 1.97 40.73
C GLN E 183 -37.73 3.31 40.19
N GLU E 184 -36.43 3.39 39.89
CA GLU E 184 -35.80 4.60 39.33
C GLU E 184 -36.40 5.00 37.98
N GLN E 185 -36.54 4.04 37.08
CA GLN E 185 -37.11 4.27 35.75
C GLN E 185 -38.48 4.94 35.85
N THR E 186 -39.37 4.35 36.65
CA THR E 186 -40.73 4.85 36.80
C THR E 186 -40.77 6.16 37.59
N SER E 187 -39.97 6.24 38.65
CA SER E 187 -39.87 7.44 39.48
C SER E 187 -39.47 8.69 38.69
N LEU E 188 -38.55 8.52 37.74
CA LEU E 188 -38.06 9.62 36.89
C LEU E 188 -38.91 9.87 35.64
N TYR E 189 -39.40 8.81 35.00
CA TYR E 189 -40.06 8.93 33.69
C TYR E 189 -41.48 8.35 33.59
N VAL E 190 -42.08 7.93 34.71
CA VAL E 190 -43.42 7.31 34.77
C VAL E 190 -43.51 5.97 34.03
N GLN E 191 -43.35 5.99 32.71
CA GLN E 191 -43.39 4.78 31.88
C GLN E 191 -42.30 3.79 32.28
N ALA E 192 -42.66 2.51 32.35
CA ALA E 192 -41.76 1.44 32.81
C ALA E 192 -40.63 1.12 31.81
N SER E 193 -40.85 1.44 30.54
CA SER E 193 -39.84 1.35 29.50
C SER E 193 -39.88 2.62 28.68
N GLY E 194 -38.76 3.33 28.63
CA GLY E 194 -38.61 4.50 27.78
C GLY E 194 -38.24 4.13 26.35
N ARG E 195 -37.92 5.16 25.58
CA ARG E 195 -37.48 5.03 24.21
C ARG E 195 -37.08 6.40 23.68
N VAL E 196 -36.04 6.45 22.85
CA VAL E 196 -35.61 7.69 22.22
C VAL E 196 -35.38 7.42 20.73
N THR E 197 -36.12 8.15 19.90
CA THR E 197 -36.06 8.03 18.45
C THR E 197 -35.65 9.39 17.90
N VAL E 198 -34.47 9.45 17.27
CA VAL E 198 -33.94 10.69 16.70
C VAL E 198 -33.71 10.44 15.21
N SER E 199 -34.26 11.32 14.38
CA SER E 199 -34.43 11.05 12.95
C SER E 199 -34.25 12.29 12.09
N THR E 200 -33.78 12.06 10.86
CA THR E 200 -33.84 13.04 9.77
C THR E 200 -34.66 12.40 8.65
N ARG E 201 -34.72 13.04 7.49
CA ARG E 201 -35.54 12.52 6.40
C ARG E 201 -35.14 11.12 5.93
N ARG E 202 -33.84 10.90 5.81
CA ARG E 202 -33.34 9.64 5.20
C ARG E 202 -32.93 8.57 6.20
N SER E 203 -32.48 8.99 7.39
CA SER E 203 -31.97 8.05 8.39
C SER E 203 -32.62 8.24 9.76
N GLN E 204 -32.40 7.27 10.65
CA GLN E 204 -32.97 7.28 11.99
C GLN E 204 -32.12 6.46 12.97
N GLN E 205 -32.26 6.80 14.26
CA GLN E 205 -31.69 6.03 15.35
C GLN E 205 -32.76 5.84 16.39
N THR E 206 -32.95 4.60 16.83
CA THR E 206 -33.90 4.29 17.90
C THR E 206 -33.18 3.51 18.98
N ILE E 207 -33.22 4.03 20.21
CA ILE E 207 -32.50 3.46 21.34
C ILE E 207 -33.52 3.12 22.43
N ILE E 208 -33.55 1.87 22.86
CA ILE E 208 -34.33 1.45 24.01
C ILE E 208 -33.38 1.53 25.22
N PRO E 209 -33.81 2.18 26.33
CA PRO E 209 -32.97 2.15 27.53
C PRO E 209 -32.98 0.78 28.17
N ASN E 210 -32.02 0.54 29.03
CA ASN E 210 -31.79 -0.77 29.63
C ASN E 210 -31.59 -0.61 31.11
N ILE E 211 -32.49 -1.22 31.87
CA ILE E 211 -32.52 -1.05 33.30
C ILE E 211 -31.64 -2.12 33.92
N GLY E 212 -30.70 -1.73 34.77
CA GLY E 212 -29.79 -2.68 35.39
C GLY E 212 -28.68 -2.03 36.16
N SER E 213 -28.24 -2.72 37.21
CA SER E 213 -27.20 -2.18 38.08
C SER E 213 -25.86 -2.27 37.43
N ARG E 214 -25.04 -1.26 37.68
CA ARG E 214 -23.70 -1.17 37.12
C ARG E 214 -22.76 -0.78 38.24
N PRO E 215 -21.44 -0.87 38.00
CA PRO E 215 -20.53 -0.46 39.06
C PRO E 215 -20.72 1.02 39.40
N TRP E 216 -20.51 1.31 40.68
CA TRP E 216 -20.57 2.66 41.19
C TRP E 216 -19.42 3.44 40.61
N VAL E 217 -19.75 4.51 39.88
CA VAL E 217 -18.76 5.44 39.34
C VAL E 217 -19.23 6.85 39.61
N ARG E 218 -18.43 7.59 40.40
CA ARG E 218 -18.75 8.98 40.75
C ARG E 218 -20.19 9.07 41.24
N LEU E 219 -20.50 8.35 42.31
CA LEU E 219 -21.78 8.46 43.03
C LEU E 219 -23.04 7.90 42.33
N SER E 220 -22.87 7.10 41.27
CA SER E 220 -24.04 6.53 40.57
C SER E 220 -23.81 5.16 39.97
N SER E 221 -24.80 4.28 40.16
CA SER E 221 -24.89 2.98 39.48
C SER E 221 -25.53 3.10 38.09
N SER E 222 -26.06 4.28 37.75
CA SER E 222 -26.68 4.50 36.45
C SER E 222 -25.66 4.98 35.44
N ARG E 223 -26.07 5.08 34.17
CA ARG E 223 -25.23 5.52 33.06
C ARG E 223 -26.04 6.34 32.04
N ILE E 224 -25.33 7.15 31.26
CA ILE E 224 -25.90 7.84 30.11
C ILE E 224 -25.12 7.40 28.87
N SER E 225 -25.81 6.96 27.82
CA SER E 225 -25.15 6.66 26.55
C SER E 225 -25.27 7.87 25.63
N ILE E 226 -24.21 8.16 24.88
CA ILE E 226 -24.16 9.34 24.01
C ILE E 226 -24.25 8.97 22.51
N TYR E 227 -25.09 9.72 21.79
CA TYR E 227 -25.28 9.53 20.37
C TYR E 227 -25.17 10.88 19.66
N TRP E 228 -24.99 10.83 18.34
CA TRP E 228 -24.94 12.03 17.53
C TRP E 228 -25.74 11.87 16.24
N THR E 229 -26.28 12.99 15.77
CA THR E 229 -27.00 13.05 14.53
C THR E 229 -26.54 14.31 13.81
N ILE E 230 -26.08 14.16 12.57
CA ILE E 230 -25.72 15.28 11.71
C ILE E 230 -26.89 15.56 10.77
N VAL E 231 -27.23 16.84 10.62
CA VAL E 231 -28.36 17.29 9.83
C VAL E 231 -27.80 18.21 8.76
N LYS E 232 -28.03 17.84 7.49
CA LYS E 232 -27.50 18.61 6.35
C LYS E 232 -28.42 19.78 6.01
N PRO E 233 -27.88 20.81 5.30
CA PRO E 233 -28.73 21.91 4.85
C PRO E 233 -29.95 21.41 4.09
N GLY E 234 -31.12 21.95 4.43
CA GLY E 234 -32.38 21.54 3.83
C GLY E 234 -33.03 20.31 4.45
N ASP E 235 -32.36 19.66 5.40
CA ASP E 235 -32.92 18.51 6.10
C ASP E 235 -33.57 19.00 7.40
N VAL E 236 -34.15 18.07 8.18
CA VAL E 236 -34.82 18.40 9.44
C VAL E 236 -34.46 17.37 10.51
N LEU E 237 -34.50 17.78 11.78
CA LEU E 237 -34.29 16.87 12.91
C LEU E 237 -35.59 16.68 13.66
N VAL E 238 -35.94 15.43 13.96
CA VAL E 238 -37.07 15.13 14.83
C VAL E 238 -36.60 14.29 16.01
N ILE E 239 -37.04 14.65 17.21
CA ILE E 239 -36.76 13.87 18.41
C ILE E 239 -38.09 13.47 19.01
N ASN E 240 -38.30 12.17 19.11
CA ASN E 240 -39.50 11.59 19.68
C ASN E 240 -39.12 10.67 20.82
N SER E 241 -39.62 10.95 22.02
CA SER E 241 -39.31 10.12 23.19
C SER E 241 -40.46 10.12 24.20
N ASN E 242 -40.72 8.96 24.80
CA ASN E 242 -41.65 8.85 25.93
C ASN E 242 -40.93 8.49 27.23
N GLY E 243 -39.64 8.86 27.34
CA GLY E 243 -38.86 8.57 28.52
C GLY E 243 -37.39 8.39 28.24
N ASN E 244 -36.57 8.79 29.23
CA ASN E 244 -35.12 8.57 29.26
C ASN E 244 -34.30 9.45 28.31
N LEU E 245 -34.93 10.41 27.63
CA LEU E 245 -34.21 11.31 26.74
C LEU E 245 -33.31 12.22 27.57
N ILE E 246 -32.07 12.35 27.11
CA ILE E 246 -31.12 13.40 27.51
C ILE E 246 -30.98 14.33 26.30
N ALA E 247 -31.72 15.44 26.31
CA ALA E 247 -31.95 16.25 25.11
C ALA E 247 -30.79 17.17 24.76
N PRO E 248 -30.62 17.50 23.46
CA PRO E 248 -29.65 18.53 23.09
C PRO E 248 -30.17 19.91 23.46
N ARG E 249 -29.26 20.85 23.70
CA ARG E 249 -29.62 22.25 23.90
C ARG E 249 -29.45 23.07 22.60
N GLY E 250 -28.89 22.45 21.58
CA GLY E 250 -28.56 23.10 20.33
C GLY E 250 -27.65 22.21 19.49
N TYR E 251 -26.92 22.82 18.57
CA TYR E 251 -26.04 22.09 17.67
C TYR E 251 -24.63 22.64 17.75
N PHE E 252 -23.67 21.80 17.38
CA PHE E 252 -22.30 22.22 17.18
C PHE E 252 -22.14 22.51 15.70
N LYS E 253 -21.44 23.60 15.41
CA LYS E 253 -21.22 23.97 14.02
C LYS E 253 -20.05 23.12 13.54
N MET E 254 -20.10 22.71 12.28
CA MET E 254 -19.14 21.79 11.71
C MET E 254 -18.40 22.50 10.59
N ARG E 255 -17.07 22.44 10.68
CA ARG E 255 -16.19 22.86 9.60
C ARG E 255 -15.56 21.62 9.03
N THR E 256 -14.99 21.77 7.84
CA THR E 256 -14.12 20.74 7.28
C THR E 256 -12.81 21.45 7.04
N GLY E 257 -11.72 20.72 7.16
CA GLY E 257 -10.41 21.32 7.00
C GLY E 257 -9.32 20.47 7.60
N LYS E 258 -8.24 21.14 8.01
CA LYS E 258 -6.99 20.49 8.38
C LYS E 258 -6.88 20.07 9.85
N SER E 259 -7.98 20.14 10.61
CA SER E 259 -7.94 19.85 12.04
C SER E 259 -7.89 18.36 12.35
N SER E 260 -7.24 18.02 13.45
CA SER E 260 -7.10 16.63 13.91
C SER E 260 -6.90 16.57 15.44
N ILE E 261 -6.48 15.42 15.93
CA ILE E 261 -6.28 15.19 17.35
C ILE E 261 -5.11 14.23 17.53
N MET E 262 -4.40 14.37 18.65
CA MET E 262 -3.25 13.54 18.95
C MET E 262 -3.15 13.28 20.45
N ARG E 263 -2.69 12.07 20.80
CA ARG E 263 -2.42 11.70 22.18
C ARG E 263 -0.93 11.87 22.43
N SER E 264 -0.58 12.76 23.35
CA SER E 264 0.82 13.05 23.65
C SER E 264 0.96 13.70 25.01
N ASP E 265 2.06 13.43 25.69
CA ASP E 265 2.40 14.13 26.91
C ASP E 265 3.61 15.07 26.72
N ALA E 266 3.96 15.37 25.47
CA ALA E 266 5.04 16.31 25.19
C ALA E 266 4.55 17.71 25.56
N PRO E 267 5.39 18.50 26.23
CA PRO E 267 4.98 19.87 26.52
C PRO E 267 4.95 20.73 25.24
N ILE E 268 4.13 21.76 25.25
CA ILE E 268 4.08 22.73 24.18
C ILE E 268 5.11 23.85 24.45
N ASP E 269 5.86 24.24 23.41
CA ASP E 269 6.93 25.24 23.50
C ASP E 269 6.70 26.33 22.45
N THR E 270 7.42 27.44 22.58
CA THR E 270 7.38 28.50 21.56
C THR E 270 8.50 28.30 20.52
N CYS E 271 8.11 27.80 19.35
CA CYS E 271 9.02 27.54 18.22
C CYS E 271 8.17 27.32 16.95
N ILE E 272 8.83 27.06 15.82
CA ILE E 272 8.15 26.79 14.55
C ILE E 272 8.58 25.42 14.02
N SER E 273 7.60 24.51 13.90
CA SER E 273 7.82 23.23 13.24
C SER E 273 6.55 22.78 12.52
N GLU E 274 6.65 22.59 11.21
CA GLU E 274 5.54 22.09 10.40
C GLU E 274 5.05 20.72 10.85
N CYS E 275 5.99 19.84 11.21
CA CYS E 275 5.68 18.45 11.55
C CYS E 275 5.62 18.20 13.06
N ILE E 276 4.57 17.49 13.50
CA ILE E 276 4.33 17.19 14.91
C ILE E 276 4.16 15.68 15.06
N THR E 277 4.86 15.09 16.02
CA THR E 277 4.64 13.72 16.45
C THR E 277 4.29 13.73 17.92
N PRO E 278 3.75 12.62 18.44
CA PRO E 278 3.55 12.53 19.89
C PRO E 278 4.84 12.64 20.73
N ASN E 279 6.00 12.31 20.14
CA ASN E 279 7.30 12.47 20.80
C ASN E 279 7.75 13.92 20.89
N GLY E 280 7.10 14.79 20.12
CA GLY E 280 7.43 16.20 19.99
C GLY E 280 7.48 16.54 18.52
N SER E 281 7.79 17.79 18.22
CA SER E 281 7.93 18.24 16.84
C SER E 281 9.21 17.69 16.27
N ILE E 282 9.24 17.51 14.95
CA ILE E 282 10.46 17.10 14.25
C ILE E 282 10.70 17.93 13.00
N PRO E 283 11.97 18.10 12.59
CA PRO E 283 12.23 18.74 11.30
C PRO E 283 11.76 17.88 10.13
N ASN E 284 11.45 18.55 9.02
CA ASN E 284 10.97 17.90 7.81
C ASN E 284 11.87 18.11 6.59
N ASP E 285 13.16 18.36 6.82
CA ASP E 285 14.11 18.52 5.71
C ASP E 285 14.44 17.16 5.09
N LYS E 286 14.36 16.09 5.88
CA LYS E 286 14.60 14.74 5.37
C LYS E 286 13.32 14.11 4.83
N PRO E 287 13.43 13.19 3.88
CA PRO E 287 12.24 12.56 3.29
C PRO E 287 11.59 11.48 4.17
N PHE E 288 12.37 10.86 5.06
CA PHE E 288 11.89 9.77 5.91
C PHE E 288 12.10 10.05 7.39
N GLN E 289 11.41 9.28 8.23
CA GLN E 289 11.57 9.40 9.69
C GLN E 289 11.25 8.11 10.43
N ASN E 290 11.90 7.95 11.58
CA ASN E 290 11.83 6.76 12.41
C ASN E 290 11.28 7.10 13.80
N VAL E 291 10.76 8.32 13.97
CA VAL E 291 10.39 8.82 15.29
C VAL E 291 9.06 8.20 15.69
N ASN E 292 8.04 8.41 14.85
CA ASN E 292 6.71 7.88 15.13
C ASN E 292 5.87 7.81 13.87
N LYS E 293 5.12 6.71 13.74
CA LYS E 293 4.15 6.56 12.67
C LYS E 293 2.97 7.53 12.78
N ILE E 294 2.65 7.97 14.00
CA ILE E 294 1.67 9.02 14.23
C ILE E 294 2.35 10.35 13.95
N THR E 295 1.82 11.08 12.97
CA THR E 295 2.31 12.41 12.65
C THR E 295 1.17 13.34 12.26
N TYR E 296 1.46 14.64 12.31
CA TYR E 296 0.55 15.68 11.85
C TYR E 296 1.35 16.77 11.15
N GLY E 297 0.87 17.18 9.97
CA GLY E 297 1.47 18.26 9.20
C GLY E 297 2.41 17.76 8.12
N ALA E 298 3.24 18.68 7.63
CA ALA E 298 4.19 18.38 6.54
C ALA E 298 5.37 17.57 7.10
N CYS E 299 5.24 16.25 7.06
CA CYS E 299 6.17 15.35 7.73
C CYS E 299 6.89 14.44 6.78
N PRO E 300 8.11 13.99 7.17
CA PRO E 300 8.75 12.88 6.48
C PRO E 300 7.93 11.59 6.61
N LYS E 301 8.01 10.73 5.62
CA LYS E 301 7.27 9.47 5.63
C LYS E 301 7.90 8.52 6.65
N TYR E 302 7.06 7.86 7.46
CA TYR E 302 7.56 6.95 8.47
C TYR E 302 8.11 5.67 7.83
N VAL E 303 9.29 5.25 8.28
CA VAL E 303 9.91 3.99 7.86
C VAL E 303 10.55 3.29 9.06
N LYS E 304 10.86 2.01 8.89
CA LYS E 304 11.41 1.19 9.99
C LYS E 304 12.91 1.40 10.20
N GLN E 305 13.62 1.85 9.17
CA GLN E 305 15.06 2.08 9.29
C GLN E 305 15.34 3.29 10.18
N ASN E 306 16.32 3.16 11.08
CA ASN E 306 16.79 4.32 11.88
C ASN E 306 17.88 5.14 11.17
N THR E 307 18.46 4.59 10.10
CA THR E 307 19.41 5.32 9.28
C THR E 307 19.39 4.83 7.81
N LEU E 308 19.47 5.78 6.89
CA LEU E 308 19.72 5.49 5.49
C LEU E 308 20.61 6.59 4.93
N LYS E 309 21.82 6.21 4.53
CA LYS E 309 22.79 7.17 4.01
C LYS E 309 22.69 7.26 2.48
N LEU E 310 22.50 8.49 1.99
CA LEU E 310 22.61 8.81 0.57
C LEU E 310 24.03 9.31 0.30
N ALA E 311 24.79 8.53 -0.45
CA ALA E 311 26.12 8.92 -0.93
C ALA E 311 26.07 10.27 -1.62
N THR E 312 26.91 11.20 -1.14
CA THR E 312 27.07 12.54 -1.70
C THR E 312 28.53 12.73 -2.13
N GLY E 313 29.12 11.68 -2.68
CA GLY E 313 30.54 11.68 -2.99
C GLY E 313 30.98 10.36 -3.57
N MET E 314 32.13 10.38 -4.22
CA MET E 314 32.69 9.19 -4.84
C MET E 314 33.11 8.12 -3.84
N ARG E 315 33.50 6.96 -4.39
CA ARG E 315 34.16 5.91 -3.64
C ARG E 315 35.46 6.41 -3.00
N ASN E 316 35.63 6.16 -1.71
CA ASN E 316 36.82 6.60 -0.97
C ASN E 316 37.87 5.50 -0.95
N VAL E 317 39.01 5.79 -1.60
CA VAL E 317 40.15 4.87 -1.64
C VAL E 317 41.37 5.56 -1.01
N PRO E 318 41.60 5.38 0.31
CA PRO E 318 42.72 6.08 0.94
C PRO E 318 44.07 5.44 0.59
N GLU E 319 45.14 6.23 0.76
CA GLU E 319 46.53 5.88 0.34
C GLU E 319 47.12 4.68 1.08
N GLY F 1 33.48 0.39 -9.49
CA GLY F 1 32.58 1.10 -10.46
C GLY F 1 32.59 0.51 -11.86
N LEU F 2 31.62 0.94 -12.68
CA LEU F 2 31.43 0.41 -14.03
C LEU F 2 32.57 0.73 -15.00
N PHE F 3 33.25 1.85 -14.79
CA PHE F 3 34.33 2.27 -15.69
C PHE F 3 35.73 1.84 -15.22
N GLY F 4 35.85 1.52 -13.93
CA GLY F 4 37.07 0.93 -13.39
C GLY F 4 38.25 1.86 -13.31
N ALA F 5 38.00 3.16 -13.22
CA ALA F 5 39.07 4.13 -12.97
C ALA F 5 39.26 4.23 -11.46
N ILE F 6 38.23 4.71 -10.77
CA ILE F 6 38.25 4.84 -9.32
C ILE F 6 38.14 3.45 -8.73
N ALA F 7 39.02 3.15 -7.75
CA ALA F 7 39.17 1.81 -7.18
C ALA F 7 39.51 0.76 -8.24
N GLY F 8 40.13 1.20 -9.34
CA GLY F 8 40.38 0.35 -10.49
C GLY F 8 41.80 0.56 -10.95
N PHE F 9 41.98 1.08 -12.17
CA PHE F 9 43.34 1.31 -12.70
C PHE F 9 44.08 2.44 -11.98
N ILE F 10 43.35 3.37 -11.38
CA ILE F 10 43.93 4.33 -10.43
C ILE F 10 43.92 3.69 -9.05
N GLU F 11 45.12 3.39 -8.54
CA GLU F 11 45.31 2.56 -7.33
C GLU F 11 44.62 3.14 -6.11
N ASN F 12 44.69 4.46 -5.95
CA ASN F 12 44.03 5.12 -4.83
C ASN F 12 43.85 6.61 -5.04
N GLY F 13 43.11 7.22 -4.11
CA GLY F 13 42.90 8.65 -4.10
C GLY F 13 44.04 9.41 -3.47
N TRP F 14 43.87 10.72 -3.40
CA TRP F 14 44.85 11.63 -2.85
C TRP F 14 44.22 12.43 -1.71
N GLU F 15 44.56 12.08 -0.48
CA GLU F 15 44.15 12.88 0.69
C GLU F 15 44.66 14.33 0.59
N GLY F 16 45.83 14.49 -0.03
CA GLY F 16 46.41 15.81 -0.31
C GLY F 16 45.55 16.78 -1.09
N MET F 17 44.73 16.28 -2.02
CA MET F 17 43.89 17.16 -2.86
C MET F 17 42.65 17.64 -2.10
N ILE F 18 42.78 18.86 -1.55
CA ILE F 18 41.71 19.46 -0.73
C ILE F 18 40.92 20.55 -1.47
N ASP F 19 41.33 20.86 -2.71
CA ASP F 19 40.76 21.95 -3.50
C ASP F 19 39.92 21.45 -4.70
N GLY F 20 39.58 20.17 -4.70
CA GLY F 20 38.84 19.56 -5.81
C GLY F 20 38.70 18.05 -5.68
N TRP F 21 37.88 17.48 -6.56
CA TRP F 21 37.52 16.06 -6.53
C TRP F 21 38.39 15.23 -7.48
N TYR F 22 38.65 15.77 -8.67
CA TYR F 22 39.56 15.18 -9.65
C TYR F 22 40.65 16.18 -9.96
N GLY F 23 41.80 15.69 -10.44
CA GLY F 23 42.89 16.59 -10.82
C GLY F 23 44.19 15.96 -11.29
N PHE F 24 45.24 16.77 -11.31
CA PHE F 24 46.53 16.43 -11.92
C PHE F 24 47.69 16.42 -10.92
N ARG F 25 48.62 15.49 -11.13
CA ARG F 25 49.94 15.49 -10.49
C ARG F 25 51.00 15.24 -11.57
N HIS F 26 52.09 16.02 -11.53
CA HIS F 26 53.13 15.96 -12.55
C HIS F 26 54.53 15.89 -11.95
N GLN F 27 55.45 15.32 -12.72
CA GLN F 27 56.90 15.47 -12.50
C GLN F 27 57.53 15.93 -13.82
N ASN F 28 58.27 17.05 -13.76
CA ASN F 28 59.00 17.59 -14.90
C ASN F 28 60.39 18.08 -14.44
N SER F 29 61.13 18.72 -15.35
CA SER F 29 62.43 19.34 -15.02
C SER F 29 62.40 20.25 -13.77
N GLU F 30 61.35 21.09 -13.67
CA GLU F 30 61.25 22.10 -12.63
C GLU F 30 60.77 21.60 -11.24
N GLY F 31 60.32 20.35 -11.15
CA GLY F 31 59.90 19.74 -9.87
C GLY F 31 58.60 18.97 -9.99
N THR F 32 57.87 18.87 -8.88
CA THR F 32 56.52 18.26 -8.88
C THR F 32 55.50 19.24 -8.33
N GLY F 33 54.24 19.07 -8.75
CA GLY F 33 53.14 19.93 -8.30
C GLY F 33 51.79 19.24 -8.41
N GLN F 34 50.76 19.88 -7.87
CA GLN F 34 49.40 19.35 -7.87
C GLN F 34 48.40 20.45 -8.17
N ALA F 35 47.42 20.15 -9.03
CA ALA F 35 46.32 21.08 -9.30
C ALA F 35 45.03 20.33 -9.62
N ALA F 36 43.92 20.81 -9.06
CA ALA F 36 42.61 20.20 -9.25
C ALA F 36 41.98 20.66 -10.56
N ASP F 37 41.15 19.80 -11.15
CA ASP F 37 40.39 20.13 -12.37
C ASP F 37 39.00 20.63 -11.98
N LEU F 38 38.68 21.86 -12.33
CA LEU F 38 37.44 22.51 -11.89
C LEU F 38 36.19 21.98 -12.62
N LYS F 39 36.33 21.64 -13.91
CA LYS F 39 35.18 21.26 -14.74
C LYS F 39 34.62 19.88 -14.36
N SER F 40 35.51 18.89 -14.27
CA SER F 40 35.13 17.54 -13.90
C SER F 40 34.61 17.48 -12.46
N THR F 41 35.31 18.17 -11.56
CA THR F 41 34.85 18.34 -10.17
C THR F 41 33.43 18.91 -10.13
N GLN F 42 33.16 19.96 -10.90
CA GLN F 42 31.86 20.62 -10.88
C GLN F 42 30.74 19.75 -11.48
N ALA F 43 31.06 18.97 -12.52
CA ALA F 43 30.10 18.02 -13.10
C ALA F 43 29.61 16.94 -12.13
N ALA F 44 30.54 16.39 -11.33
CA ALA F 44 30.20 15.38 -10.33
C ALA F 44 29.31 15.98 -9.25
N ILE F 45 29.71 17.13 -8.73
CA ILE F 45 28.98 17.85 -7.69
C ILE F 45 27.57 18.24 -8.17
N ASP F 46 27.48 18.83 -9.37
CA ASP F 46 26.19 19.27 -9.92
C ASP F 46 25.21 18.12 -10.07
N GLN F 47 25.70 16.98 -10.54
CA GLN F 47 24.87 15.79 -10.68
C GLN F 47 24.41 15.25 -9.33
N ILE F 48 25.30 15.22 -8.36
CA ILE F 48 24.96 14.79 -7.00
C ILE F 48 24.01 15.78 -6.31
N ASN F 49 24.24 17.08 -6.48
CA ASN F 49 23.31 18.10 -5.95
C ASN F 49 21.95 17.97 -6.60
N GLY F 50 21.97 17.70 -7.90
CA GLY F 50 20.77 17.45 -8.69
C GLY F 50 19.88 16.38 -8.10
N LYS F 51 20.47 15.21 -7.83
CA LYS F 51 19.74 14.09 -7.24
C LYS F 51 19.40 14.31 -5.76
N LEU F 52 20.27 15.02 -5.04
CA LEU F 52 20.02 15.33 -3.62
C LEU F 52 18.76 16.17 -3.49
N ASN F 53 18.67 17.27 -4.24
CA ASN F 53 17.47 18.12 -4.25
C ASN F 53 16.20 17.36 -4.61
N ARG F 54 16.33 16.43 -5.56
CA ARG F 54 15.21 15.56 -5.97
C ARG F 54 14.71 14.64 -4.85
N VAL F 55 15.65 14.03 -4.11
CA VAL F 55 15.30 13.13 -3.02
C VAL F 55 14.70 13.88 -1.82
N ILE F 56 15.26 15.02 -1.45
CA ILE F 56 14.74 15.83 -0.34
C ILE F 56 13.55 16.71 -0.72
N GLU F 57 13.05 16.53 -1.94
CA GLU F 57 11.91 17.27 -2.47
C GLU F 57 10.66 16.91 -1.67
N LYS F 58 10.18 17.86 -0.87
CA LYS F 58 9.05 17.60 0.03
C LYS F 58 7.79 17.27 -0.77
N THR F 59 7.16 16.15 -0.42
CA THR F 59 6.03 15.61 -1.20
C THR F 59 4.71 15.41 -0.44
N ASN F 60 4.73 15.13 0.85
CA ASN F 60 3.47 14.85 1.55
C ASN F 60 3.22 15.79 2.72
N GLU F 61 1.95 16.17 2.85
CA GLU F 61 1.46 16.88 3.98
C GLU F 61 0.16 16.18 4.33
N LYS F 62 0.07 15.64 5.54
CA LYS F 62 -1.09 14.87 5.98
C LYS F 62 -1.60 15.40 7.31
N PHE F 63 -2.91 15.39 7.46
CA PHE F 63 -3.58 15.98 8.60
C PHE F 63 -4.34 14.88 9.33
N HIS F 64 -5.68 14.92 9.36
CA HIS F 64 -6.42 13.86 10.03
C HIS F 64 -6.28 12.56 9.23
N GLN F 65 -5.88 11.51 9.94
CA GLN F 65 -5.66 10.19 9.36
C GLN F 65 -6.41 9.18 10.24
N ILE F 66 -5.93 7.94 10.29
CA ILE F 66 -6.50 6.94 11.20
C ILE F 66 -5.68 6.83 12.48
N GLU F 67 -6.32 6.30 13.52
CA GLU F 67 -5.63 5.98 14.75
C GLU F 67 -4.70 4.79 14.55
N LYS F 68 -3.58 4.79 15.26
CA LYS F 68 -2.53 3.79 15.08
C LYS F 68 -2.05 3.15 16.38
N GLU F 69 -2.60 3.59 17.52
CA GLU F 69 -2.37 3.00 18.85
C GLU F 69 -3.73 2.86 19.50
N PHE F 70 -3.89 1.81 20.30
CA PHE F 70 -5.22 1.43 20.83
C PHE F 70 -5.10 0.94 22.27
N SER F 71 -5.91 1.49 23.17
CA SER F 71 -5.89 1.10 24.58
C SER F 71 -6.78 -0.11 24.88
N GLU F 72 -7.62 -0.50 23.92
CA GLU F 72 -8.54 -1.63 24.08
C GLU F 72 -8.38 -2.66 22.96
N VAL F 73 -8.56 -3.91 23.33
CA VAL F 73 -8.74 -5.01 22.41
C VAL F 73 -10.14 -4.83 21.81
N GLU F 74 -10.21 -4.79 20.48
CA GLU F 74 -11.50 -4.64 19.79
C GLU F 74 -11.82 -5.74 18.77
N GLY F 75 -10.79 -6.25 18.09
CA GLY F 75 -10.94 -7.35 17.14
C GLY F 75 -10.80 -6.90 15.70
N ARG F 76 -11.85 -7.17 14.91
CA ARG F 76 -11.80 -7.11 13.45
C ARG F 76 -11.40 -5.75 12.88
N ILE F 77 -12.15 -4.73 13.27
CA ILE F 77 -11.91 -3.36 12.77
C ILE F 77 -10.50 -2.86 13.11
N GLN F 78 -10.05 -3.13 14.32
CA GLN F 78 -8.71 -2.74 14.76
C GLN F 78 -7.63 -3.57 14.05
N ASP F 79 -7.88 -4.86 13.84
CA ASP F 79 -6.95 -5.70 13.08
C ASP F 79 -6.66 -5.06 11.74
N LEU F 80 -7.73 -4.58 11.09
CA LEU F 80 -7.64 -3.96 9.77
C LEU F 80 -6.91 -2.61 9.80
N GLU F 81 -7.25 -1.76 10.77
CA GLU F 81 -6.55 -0.49 10.95
C GLU F 81 -5.05 -0.69 11.14
N LYS F 82 -4.66 -1.68 11.93
CA LYS F 82 -3.24 -1.98 12.14
C LYS F 82 -2.58 -2.53 10.89
N TYR F 83 -3.25 -3.47 10.25
CA TYR F 83 -2.75 -4.10 9.03
C TYR F 83 -2.53 -3.08 7.90
N VAL F 84 -3.49 -2.18 7.74
CA VAL F 84 -3.37 -1.11 6.74
C VAL F 84 -2.11 -0.29 6.98
N GLU F 85 -1.89 0.10 8.24
CA GLU F 85 -0.72 0.92 8.59
C GLU F 85 0.57 0.13 8.48
N ASP F 86 0.55 -1.10 8.95
CA ASP F 86 1.72 -1.97 8.90
C ASP F 86 2.10 -2.25 7.45
N THR F 87 1.10 -2.45 6.59
CA THR F 87 1.33 -2.68 5.16
C THR F 87 2.03 -1.49 4.51
N LYS F 88 1.50 -0.30 4.79
CA LYS F 88 2.02 0.98 4.29
C LYS F 88 3.47 1.18 4.67
N ILE F 89 3.75 1.04 5.95
CA ILE F 89 5.09 1.28 6.48
C ILE F 89 6.10 0.36 5.79
N ASP F 90 5.77 -0.93 5.67
CA ASP F 90 6.64 -1.88 4.99
C ASP F 90 6.93 -1.48 3.54
N LEU F 91 5.91 -1.01 2.83
CA LEU F 91 6.07 -0.56 1.44
C LEU F 91 6.92 0.70 1.34
N TRP F 92 6.71 1.64 2.25
CA TRP F 92 7.55 2.85 2.28
C TRP F 92 8.97 2.55 2.73
N SER F 93 9.12 1.62 3.66
CA SER F 93 10.43 1.15 4.10
C SER F 93 11.20 0.52 2.92
N TYR F 94 10.50 -0.24 2.09
CA TYR F 94 11.11 -0.86 0.91
C TYR F 94 11.51 0.21 -0.11
N ASN F 95 10.62 1.14 -0.38
CA ASN F 95 10.93 2.21 -1.34
C ASN F 95 12.17 2.99 -0.93
N ALA F 96 12.29 3.25 0.37
CA ALA F 96 13.44 3.94 0.92
C ALA F 96 14.72 3.12 0.73
N GLU F 97 14.68 1.84 1.10
CA GLU F 97 15.85 0.95 0.99
C GLU F 97 16.34 0.85 -0.48
N LEU F 98 15.39 0.70 -1.40
CA LEU F 98 15.69 0.59 -2.82
C LEU F 98 16.21 1.91 -3.36
N LEU F 99 15.58 3.01 -2.95
CA LEU F 99 16.01 4.34 -3.43
C LEU F 99 17.50 4.54 -3.17
N VAL F 100 17.91 4.38 -1.92
CA VAL F 100 19.31 4.59 -1.55
C VAL F 100 20.22 3.63 -2.32
N ALA F 101 19.84 2.36 -2.39
CA ALA F 101 20.62 1.35 -3.10
C ALA F 101 20.90 1.79 -4.52
N LEU F 102 19.83 2.14 -5.26
CA LEU F 102 19.94 2.59 -6.65
C LEU F 102 20.75 3.87 -6.77
N GLU F 103 20.38 4.86 -5.97
CA GLU F 103 21.04 6.17 -5.97
C GLU F 103 22.54 6.05 -5.69
N ASN F 104 22.91 5.22 -4.73
CA ASN F 104 24.32 5.12 -4.31
C ASN F 104 25.16 4.32 -5.29
N GLN F 105 24.60 3.23 -5.81
CA GLN F 105 25.20 2.50 -6.93
C GLN F 105 25.54 3.44 -8.09
N HIS F 106 24.55 4.28 -8.45
CA HIS F 106 24.68 5.24 -9.53
C HIS F 106 25.66 6.37 -9.21
N THR F 107 25.64 6.86 -7.95
CA THR F 107 26.56 7.93 -7.53
C THR F 107 27.99 7.47 -7.69
N ILE F 108 28.27 6.23 -7.27
CA ILE F 108 29.60 5.62 -7.41
C ILE F 108 29.98 5.47 -8.88
N ASP F 109 29.08 4.93 -9.70
CA ASP F 109 29.35 4.76 -11.13
C ASP F 109 29.54 6.09 -11.88
N LEU F 110 28.82 7.14 -11.51
CA LEU F 110 28.92 8.41 -12.23
C LEU F 110 30.19 9.19 -11.85
N THR F 111 30.62 9.07 -10.59
CA THR F 111 31.91 9.66 -10.19
C THR F 111 33.07 8.91 -10.83
N ASP F 112 32.96 7.58 -10.89
CA ASP F 112 33.91 6.75 -11.64
C ASP F 112 33.92 7.18 -13.12
N SER F 113 32.74 7.43 -13.66
CA SER F 113 32.60 7.91 -15.04
C SER F 113 33.34 9.22 -15.27
N GLU F 114 33.15 10.19 -14.38
CA GLU F 114 33.74 11.52 -14.55
C GLU F 114 35.27 11.50 -14.51
N MET F 115 35.82 10.62 -13.67
CA MET F 115 37.27 10.37 -13.63
C MET F 115 37.76 9.88 -14.97
N ASN F 116 37.03 8.91 -15.52
CA ASN F 116 37.36 8.31 -16.81
C ASN F 116 37.22 9.32 -17.96
N LYS F 117 36.18 10.14 -17.91
CA LYS F 117 35.95 11.19 -18.92
C LYS F 117 37.09 12.20 -18.97
N LEU F 118 37.62 12.58 -17.81
CA LEU F 118 38.78 13.47 -17.72
C LEU F 118 40.03 12.82 -18.28
N PHE F 119 40.21 11.54 -17.95
CA PHE F 119 41.36 10.78 -18.43
C PHE F 119 41.36 10.64 -19.95
N GLU F 120 40.22 10.24 -20.51
CA GLU F 120 40.09 10.10 -21.96
C GLU F 120 40.26 11.45 -22.69
N LYS F 121 39.71 12.52 -22.12
CA LYS F 121 39.89 13.89 -22.64
C LYS F 121 41.36 14.33 -22.67
N THR F 122 42.09 14.01 -21.59
CA THR F 122 43.50 14.36 -21.46
C THR F 122 44.33 13.59 -22.49
N GLY F 123 44.15 12.27 -22.53
CA GLY F 123 44.82 11.42 -23.54
C GLY F 123 44.65 11.92 -24.96
N ARG F 124 43.43 12.37 -25.29
CA ARG F 124 43.11 12.94 -26.60
C ARG F 124 43.83 14.26 -26.89
N GLN F 125 44.02 15.09 -25.88
CA GLN F 125 44.87 16.28 -26.00
C GLN F 125 46.29 15.94 -26.45
N LEU F 126 46.88 14.94 -25.80
CA LEU F 126 48.28 14.59 -26.01
C LEU F 126 48.58 13.84 -27.30
N ARG F 127 47.53 13.37 -27.99
CA ARG F 127 47.65 12.78 -29.33
C ARG F 127 48.77 11.72 -29.38
N GLU F 128 49.85 11.97 -30.13
CA GLU F 128 50.96 11.02 -30.25
C GLU F 128 52.20 11.48 -29.49
N ASN F 129 52.05 12.50 -28.64
CA ASN F 129 53.16 13.03 -27.86
C ASN F 129 53.29 12.37 -26.47
N ALA F 130 52.41 11.40 -26.17
CA ALA F 130 52.44 10.70 -24.87
C ALA F 130 51.81 9.32 -24.93
N GLU F 131 52.06 8.52 -23.90
CA GLU F 131 51.57 7.13 -23.83
C GLU F 131 50.99 6.79 -22.45
N ASP F 132 49.94 5.98 -22.47
CA ASP F 132 49.24 5.55 -21.27
C ASP F 132 50.05 4.46 -20.54
N MET F 133 50.65 4.82 -19.39
CA MET F 133 51.39 3.84 -18.58
C MET F 133 50.50 2.72 -18.01
N GLY F 134 49.20 3.00 -17.84
CA GLY F 134 48.22 2.00 -17.40
C GLY F 134 47.75 2.15 -15.95
N ASN F 135 48.18 3.22 -15.28
CA ASN F 135 47.88 3.44 -13.87
C ASN F 135 47.28 4.83 -13.66
N GLY F 136 46.66 5.38 -14.71
CA GLY F 136 46.19 6.76 -14.71
C GLY F 136 47.24 7.82 -15.01
N CYS F 137 48.46 7.39 -15.35
CA CYS F 137 49.56 8.30 -15.67
C CYS F 137 50.00 8.20 -17.13
N PHE F 138 50.13 9.36 -17.77
CA PHE F 138 50.74 9.46 -19.09
C PHE F 138 52.21 9.78 -18.94
N LYS F 139 53.07 9.04 -19.64
CA LYS F 139 54.46 9.45 -19.80
C LYS F 139 54.52 10.33 -21.05
N ILE F 140 54.84 11.60 -20.85
CA ILE F 140 55.00 12.54 -21.95
C ILE F 140 56.45 12.47 -22.43
N TYR F 141 56.63 12.43 -23.75
CA TYR F 141 57.93 12.22 -24.36
C TYR F 141 58.54 13.53 -24.89
N HIS F 142 58.56 14.56 -24.06
CA HIS F 142 59.27 15.79 -24.38
C HIS F 142 59.50 16.68 -23.14
N LYS F 143 60.26 17.75 -23.32
CA LYS F 143 60.44 18.77 -22.29
C LYS F 143 59.13 19.51 -22.09
N CYS F 144 58.49 19.27 -20.96
CA CYS F 144 57.24 19.95 -20.61
C CYS F 144 57.43 20.77 -19.33
N ASP F 145 57.90 22.00 -19.53
CA ASP F 145 58.04 22.99 -18.45
C ASP F 145 56.68 23.35 -17.84
N ASN F 146 56.69 24.04 -16.70
CA ASN F 146 55.46 24.37 -15.97
C ASN F 146 54.41 25.11 -16.82
N ALA F 147 54.87 25.91 -17.78
CA ALA F 147 53.99 26.56 -18.76
C ALA F 147 53.26 25.51 -19.61
N CYS F 148 54.00 24.51 -20.08
CA CYS F 148 53.45 23.39 -20.85
C CYS F 148 52.44 22.55 -20.05
N ILE F 149 52.78 22.25 -18.79
CA ILE F 149 51.88 21.47 -17.93
C ILE F 149 50.55 22.22 -17.78
N GLU F 150 50.64 23.47 -17.32
CA GLU F 150 49.47 24.34 -17.19
C GLU F 150 48.66 24.47 -18.50
N SER F 151 49.32 24.38 -19.66
CA SER F 151 48.62 24.36 -20.96
C SER F 151 47.72 23.14 -21.12
N ILE F 152 48.21 21.99 -20.65
CA ILE F 152 47.42 20.73 -20.65
C ILE F 152 46.24 20.87 -19.70
N ARG F 153 46.47 21.47 -18.54
CA ARG F 153 45.45 21.59 -17.50
C ARG F 153 44.38 22.63 -17.85
N ASN F 154 44.78 23.81 -18.34
CA ASN F 154 43.80 24.85 -18.77
C ASN F 154 43.32 24.69 -20.24
N GLY F 155 43.76 23.63 -20.92
CA GLY F 155 43.18 23.21 -22.21
C GLY F 155 43.71 23.88 -23.46
N THR F 156 44.90 24.49 -23.39
CA THR F 156 45.49 25.24 -24.52
C THR F 156 46.67 24.56 -25.22
N TYR F 157 47.10 23.40 -24.70
CA TYR F 157 48.21 22.61 -25.26
C TYR F 157 48.05 22.33 -26.76
N ASP F 158 48.96 22.85 -27.59
CA ASP F 158 49.02 22.51 -29.01
C ASP F 158 50.02 21.36 -29.13
N HIS F 159 49.53 20.22 -29.62
CA HIS F 159 50.38 19.02 -29.77
C HIS F 159 51.37 19.12 -30.93
N ASP F 160 51.06 19.93 -31.95
CA ASP F 160 51.97 20.11 -33.10
C ASP F 160 53.30 20.74 -32.69
N VAL F 161 53.24 21.67 -31.73
CA VAL F 161 54.44 22.33 -31.18
C VAL F 161 55.53 21.33 -30.73
N TYR F 162 55.11 20.25 -30.07
CA TYR F 162 56.04 19.26 -29.49
C TYR F 162 56.09 17.93 -30.26
N ARG F 163 55.42 17.84 -31.41
CA ARG F 163 55.16 16.56 -32.07
C ARG F 163 56.44 15.86 -32.58
N ASP F 164 57.22 16.55 -33.41
CA ASP F 164 58.48 16.01 -33.95
C ASP F 164 59.48 15.68 -32.85
N GLU F 165 59.58 16.56 -31.86
CA GLU F 165 60.39 16.31 -30.66
C GLU F 165 59.97 14.98 -30.00
N ALA F 166 58.67 14.80 -29.82
CA ALA F 166 58.12 13.65 -29.08
C ALA F 166 58.14 12.34 -29.87
N LEU F 167 57.73 12.40 -31.12
CA LEU F 167 57.75 11.22 -32.02
C LEU F 167 59.13 10.58 -32.08
N ASN F 168 60.17 11.41 -32.17
CA ASN F 168 61.57 10.95 -32.16
C ASN F 168 61.92 10.17 -30.88
N ASN F 169 61.56 10.74 -29.73
CA ASN F 169 61.87 10.14 -28.42
C ASN F 169 61.12 8.84 -28.18
N ARG F 170 59.94 8.70 -28.78
CA ARG F 170 59.16 7.46 -28.70
C ARG F 170 59.75 6.32 -29.52
N PHE F 171 60.29 6.67 -30.70
CA PHE F 171 60.81 5.70 -31.68
C PHE F 171 62.30 5.95 -31.98
C1 NAG G . -38.11 -12.59 -13.61
C2 NAG G . -39.57 -12.58 -14.10
C3 NAG G . -40.29 -13.73 -13.39
C4 NAG G . -39.58 -15.08 -13.61
C5 NAG G . -38.08 -14.97 -13.31
C6 NAG G . -37.28 -16.21 -13.71
C7 NAG G . -40.17 -10.24 -14.71
C8 NAG G . -40.90 -9.02 -14.24
N2 NAG G . -40.20 -11.29 -13.86
O3 NAG G . -41.64 -13.80 -13.84
O4 NAG G . -40.14 -16.09 -12.76
O5 NAG G . -37.52 -13.83 -13.99
O6 NAG G . -35.88 -16.02 -13.42
O7 NAG G . -39.60 -10.25 -15.79
C1 NAG G . -40.95 -17.09 -13.46
C2 NAG G . -40.88 -18.42 -12.69
C3 NAG G . -42.02 -19.39 -13.03
C4 NAG G . -43.36 -18.71 -13.30
C5 NAG G . -43.17 -17.55 -14.27
C6 NAG G . -44.48 -16.84 -14.65
C7 NAG G . -38.85 -19.70 -11.97
C8 NAG G . -37.55 -20.28 -12.43
N2 NAG G . -39.57 -19.05 -12.91
O3 NAG G . -42.20 -20.32 -11.95
O4 NAG G . -44.31 -19.67 -13.83
O5 NAG G . -42.29 -16.62 -13.64
O6 NAG G . -45.13 -16.31 -13.49
O7 NAG G . -39.20 -19.82 -10.81
C1 NAG H . -42.68 -22.36 13.73
C2 NAG H . -43.10 -23.55 14.58
C3 NAG H . -41.94 -24.55 14.70
C4 NAG H . -41.45 -25.01 13.32
C5 NAG H . -41.21 -23.81 12.41
C6 NAG H . -41.01 -24.25 10.96
C7 NAG H . -44.80 -22.76 16.19
C8 NAG H . -45.06 -22.42 17.64
N2 NAG H . -43.56 -23.17 15.91
O3 NAG H . -42.37 -25.68 15.47
O4 NAG H . -40.23 -25.76 13.45
O5 NAG H . -42.29 -22.87 12.45
O6 NAG H . -42.26 -24.40 10.27
O7 NAG H . -45.67 -22.63 15.35
C1 NAG H . -40.37 -27.20 13.49
C2 NAG H . -39.05 -27.87 13.10
C3 NAG H . -39.16 -29.40 13.19
C4 NAG H . -39.68 -29.87 14.56
C5 NAG H . -40.93 -29.06 14.94
C6 NAG H . -41.35 -29.35 16.38
C7 NAG H . -37.94 -26.33 11.52
C8 NAG H . -37.50 -26.16 10.09
N2 NAG H . -38.56 -27.49 11.79
O3 NAG H . -37.87 -29.96 12.93
O4 NAG H . -40.02 -31.28 14.55
O5 NAG H . -40.72 -27.65 14.79
O6 NAG H . -42.16 -28.27 16.90
O7 NAG H . -37.75 -25.46 12.35
C1 BMA H . -39.00 -32.23 14.95
C2 BMA H . -39.63 -33.24 15.94
C3 BMA H . -38.77 -34.50 16.16
C4 BMA H . -38.17 -35.03 14.85
C5 BMA H . -37.45 -33.92 14.10
C6 BMA H . -36.82 -34.41 12.80
O2 BMA H . -40.95 -33.61 15.52
O3 BMA H . -39.52 -35.54 16.80
O4 BMA H . -37.27 -36.10 15.15
O5 BMA H . -38.39 -32.86 13.81
O6 BMA H . -36.19 -33.32 12.12
C1 NAG I . -13.14 14.40 -13.04
C2 NAG I . -12.37 15.69 -13.34
C3 NAG I . -11.85 16.30 -12.05
C4 NAG I . -12.99 16.58 -11.08
C5 NAG I . -13.85 15.31 -10.89
C6 NAG I . -15.16 15.55 -10.16
C7 NAG I . -11.37 15.49 -15.59
C8 NAG I . -10.12 15.26 -16.36
N2 NAG I . -11.25 15.47 -14.26
O3 NAG I . -11.13 17.51 -12.35
O4 NAG I . -12.43 17.04 -9.83
O5 NAG I . -14.21 14.71 -12.15
O6 NAG I . -16.07 14.47 -10.40
O7 NAG I . -12.44 15.67 -16.16
C1 NAG I . -13.21 18.07 -9.14
C2 NAG I . -12.93 18.02 -7.64
C3 NAG I . -13.67 19.20 -7.02
C4 NAG I . -13.02 20.51 -7.46
C5 NAG I . -12.56 20.49 -8.93
C6 NAG I . -11.02 20.55 -9.03
C7 NAG I . -12.51 15.77 -6.67
C8 NAG I . -13.15 14.56 -6.06
N2 NAG I . -13.34 16.76 -7.03
O3 NAG I . -13.65 19.13 -5.59
O4 NAG I . -13.93 21.59 -7.22
O5 NAG I . -13.04 19.38 -9.71
O6 NAG I . -10.61 20.70 -10.39
O7 NAG I . -11.29 15.82 -6.79
C1 NAG J . -52.10 11.26 11.99
C2 NAG J . -51.95 12.29 10.87
C3 NAG J . -52.89 11.89 9.73
C4 NAG J . -52.61 10.44 9.27
C5 NAG J . -52.65 9.49 10.47
C6 NAG J . -52.29 8.04 10.11
C7 NAG J . -52.87 14.66 11.13
C8 NAG J . -52.69 15.89 11.96
N2 NAG J . -52.06 13.63 11.46
O1 NAG J . -51.26 11.58 13.11
O3 NAG J . -52.73 12.77 8.61
O4 NAG J . -53.57 10.02 8.26
O5 NAG J . -51.75 9.96 11.48
O6 NAG J . -51.56 7.39 11.17
O7 NAG J . -53.71 14.64 10.24
C1 GAL J . -52.99 9.45 7.05
C2 GAL J . -53.87 8.31 6.51
C3 GAL J . -53.18 7.64 5.31
C4 GAL J . -52.81 8.68 4.25
C5 GAL J . -52.10 9.88 4.87
C6 GAL J . -51.92 11.01 3.86
O2 GAL J . -54.11 7.35 7.54
O3 GAL J . -54.07 6.62 4.77
O4 GAL J . -53.98 9.06 3.52
O5 GAL J . -52.84 10.39 5.98
O6 GAL J . -51.02 11.98 4.43
C1 SIA J . -52.43 5.69 3.17
C2 SIA J . -53.42 5.42 4.28
C3 SIA J . -54.58 4.50 3.83
C4 SIA J . -54.12 3.06 3.60
C5 SIA J . -53.36 2.52 4.82
C6 SIA J . -52.24 3.49 5.19
C7 SIA J . -51.41 3.07 6.40
C8 SIA J . -50.53 4.20 6.95
C9 SIA J . -49.69 3.71 8.12
C10 SIA J . -52.81 0.17 5.39
C11 SIA J . -52.19 -1.09 4.85
N5 SIA J . -52.82 1.21 4.52
O1A SIA J . -51.22 5.83 3.49
O1B SIA J . -52.82 5.77 1.98
O4 SIA J . -55.25 2.23 3.34
O6 SIA J . -52.79 4.80 5.40
O7 SIA J . -52.28 2.60 7.43
O8 SIA J . -49.69 4.70 5.90
O9 SIA J . -48.68 4.65 8.48
O10 SIA J . -53.27 0.20 6.52
C1 NAG K . -25.68 -4.80 42.96
C2 NAG K . -26.18 -3.69 43.90
C3 NAG K . -25.24 -2.48 43.96
C4 NAG K . -23.79 -2.90 44.14
C5 NAG K . -23.47 -3.87 43.01
C6 NAG K . -22.00 -4.27 42.99
C7 NAG K . -28.64 -3.72 43.89
C8 NAG K . -29.87 -3.08 43.35
N2 NAG K . -27.48 -3.19 43.48
O3 NAG K . -25.66 -1.63 45.02
O4 NAG K . -22.89 -1.79 44.05
O5 NAG K . -24.28 -5.04 43.17
O6 NAG K . -21.59 -4.78 44.27
O7 NAG K . -28.68 -4.68 44.65
C1 NAG K . -22.55 -1.24 45.33
C2 NAG K . -21.27 -0.45 45.16
C3 NAG K . -20.93 0.37 46.42
C4 NAG K . -22.14 1.21 46.87
C5 NAG K . -23.34 0.26 47.03
C6 NAG K . -24.63 0.94 47.54
C7 NAG K . -19.73 -1.51 43.59
C8 NAG K . -18.59 -2.47 43.44
N2 NAG K . -20.18 -1.34 44.83
O3 NAG K . -19.77 1.15 46.09
O4 NAG K . -21.94 1.93 48.11
O5 NAG K . -23.61 -0.38 45.79
O6 NAG K . -25.54 1.22 46.47
O7 NAG K . -20.23 -0.96 42.63
C1 BMA K . -21.14 3.15 48.02
C2 BMA K . -21.89 4.46 48.36
C3 BMA K . -21.32 5.28 49.54
C4 BMA K . -19.79 5.17 49.74
C5 BMA K . -19.14 4.12 48.83
C6 BMA K . -17.75 3.71 49.28
O2 BMA K . -23.30 4.23 48.60
O3 BMA K . -22.02 4.95 50.74
O4 BMA K . -19.15 6.42 49.48
O5 BMA K . -19.98 2.98 48.84
O6 BMA K . -17.21 2.82 48.30
C1 NAG L . -2.86 -22.97 -2.64
C2 NAG L . -2.80 -23.23 -4.14
C3 NAG L . -3.75 -22.25 -4.84
C4 NAG L . -5.14 -22.32 -4.20
C5 NAG L . -5.02 -21.99 -2.71
C6 NAG L . -6.35 -21.98 -1.96
C7 NAG L . -0.51 -24.02 -4.72
C8 NAG L . 0.80 -23.63 -5.32
N2 NAG L . -1.45 -23.05 -4.69
O3 NAG L . -3.82 -22.57 -6.24
O4 NAG L . -6.03 -21.40 -4.85
O5 NAG L . -4.19 -22.99 -2.11
O6 NAG L . -6.97 -23.28 -2.00
O7 NAG L . -0.68 -25.16 -4.28
C1 NAG L . -6.97 -22.06 -5.73
C2 NAG L . -8.16 -21.15 -6.01
C3 NAG L . -9.19 -21.95 -6.79
C4 NAG L . -8.58 -22.46 -8.09
C5 NAG L . -7.21 -23.13 -7.89
C6 NAG L . -6.49 -23.21 -9.24
C7 NAG L . -8.39 -19.46 -4.22
C8 NAG L . -9.12 -19.09 -2.97
N2 NAG L . -8.74 -20.62 -4.78
O3 NAG L . -10.33 -21.12 -7.06
O4 NAG L . -9.47 -23.40 -8.72
O5 NAG L . -6.37 -22.42 -6.98
O6 NAG L . -5.28 -23.95 -9.12
O7 NAG L . -7.52 -18.72 -4.69
C1 GAL M . -37.92 -30.11 24.35
C2 GAL M . -37.48 -30.38 25.78
C3 GAL M . -35.96 -30.56 25.84
C4 GAL M . -35.38 -31.45 24.71
C5 GAL M . -36.21 -31.46 23.40
C6 GAL M . -36.01 -32.74 22.58
O1 GAL M . -39.32 -29.80 24.29
O2 GAL M . -37.87 -29.28 26.61
O3 GAL M . -35.60 -31.08 27.15
O4 GAL M . -35.15 -32.78 25.22
O5 GAL M . -37.62 -31.29 23.61
O6 GAL M . -36.53 -32.55 21.26
C1 SIA M . -33.14 -30.83 26.88
C2 SIA M . -34.37 -30.54 27.73
C3 SIA M . -34.24 -31.11 29.14
C4 SIA M . -33.24 -30.31 29.99
C5 SIA M . -33.61 -28.83 30.02
C6 SIA M . -33.70 -28.31 28.58
C7 SIA M . -34.20 -26.87 28.43
C8 SIA M . -34.42 -26.48 26.96
C9 SIA M . -34.68 -24.98 26.82
C10 SIA M . -32.86 -27.04 31.57
C11 SIA M . -31.66 -26.45 32.26
N5 SIA M . -32.61 -28.09 30.79
O1A SIA M . -32.68 -31.99 26.89
O1B SIA M . -32.66 -29.94 26.17
O4 SIA M . -33.21 -30.84 31.33
O6 SIA M . -34.60 -29.12 27.83
O7 SIA M . -35.43 -26.70 29.13
O8 SIA M . -33.31 -26.89 26.15
O9 SIA M . -34.72 -24.59 25.44
O10 SIA M . -33.98 -26.57 31.74
C1 NAG N . -44.63 15.41 15.75
C2 NAG N . -46.00 15.30 15.12
C3 NAG N . -45.84 15.40 13.61
C4 NAG N . -45.18 16.72 13.23
C5 NAG N . -43.90 16.95 14.03
C6 NAG N . -43.34 18.36 13.86
C7 NAG N . -47.70 14.01 16.32
C8 NAG N . -48.17 12.62 16.65
N2 NAG N . -46.62 14.06 15.53
O3 NAG N . -47.12 15.29 12.97
O4 NAG N . -44.83 16.70 11.85
O5 NAG N . -44.12 16.72 15.42
O6 NAG N . -44.18 19.33 14.50
O7 NAG N . -48.27 14.99 16.75
C1 NAG N . -45.64 17.57 11.05
C2 NAG N . -44.90 17.83 9.73
C3 NAG N . -45.75 18.67 8.79
C4 NAG N . -47.14 18.06 8.60
C5 NAG N . -47.79 17.73 9.94
C6 NAG N . -49.09 16.95 9.74
C7 NAG N . -42.46 17.78 10.09
C8 NAG N . -41.23 18.61 10.24
N2 NAG N . -43.61 18.47 9.91
O3 NAG N . -45.09 18.73 7.53
O4 NAG N . -47.93 19.03 7.90
O5 NAG N . -46.92 16.98 10.80
O6 NAG N . -48.81 15.57 9.48
O7 NAG N . -42.41 16.56 10.13
C1 BMA N . -48.01 18.82 6.47
C2 BMA N . -49.43 19.15 6.07
C3 BMA N . -49.62 18.97 4.56
C4 BMA N . -48.60 19.78 3.79
C5 BMA N . -47.19 19.48 4.30
C6 BMA N . -46.19 20.42 3.63
O2 BMA N . -49.74 20.50 6.45
O3 BMA N . -50.93 19.39 4.17
O4 BMA N . -48.71 19.48 2.41
O5 BMA N . -47.09 19.64 5.73
O6 BMA N . -44.91 20.16 4.23
C1 MAN N . -51.82 18.29 3.92
C2 MAN N . -53.10 18.83 3.28
C3 MAN N . -53.86 19.69 4.29
C4 MAN N . -54.11 18.95 5.59
C5 MAN N . -52.86 18.23 6.13
C6 MAN N . -53.23 17.23 7.23
O2 MAN N . -53.91 17.76 2.80
O3 MAN N . -55.11 20.11 3.73
O4 MAN N . -54.54 19.89 6.58
O5 MAN N . -52.14 17.53 5.10
O6 MAN N . -52.38 17.40 8.37
C1 MAN N . -43.99 21.24 4.06
C2 MAN N . -42.70 20.63 3.51
C3 MAN N . -42.09 19.70 4.56
C4 MAN N . -41.88 20.42 5.88
C5 MAN N . -43.16 21.10 6.33
C6 MAN N . -42.98 21.91 7.63
O2 MAN N . -41.79 21.69 3.18
O3 MAN N . -40.83 19.19 4.08
O4 MAN N . -41.45 19.45 6.84
O5 MAN N . -43.70 21.94 5.29
O6 MAN N . -43.02 23.31 7.36
C1 NAG O . 8.84 7.91 20.25
C2 NAG O . 10.13 7.09 20.52
C3 NAG O . 9.89 5.58 20.40
C4 NAG O . 8.65 5.09 21.14
C5 NAG O . 7.48 5.96 20.69
C6 NAG O . 6.16 5.56 21.34
C7 NAG O . 11.93 8.59 19.69
C8 NAG O . 13.05 8.75 18.69
N2 NAG O . 11.24 7.45 19.62
O3 NAG O . 11.02 4.87 20.90
O4 NAG O . 8.48 3.68 20.80
O5 NAG O . 7.76 7.34 20.99
O6 NAG O . 5.58 6.64 22.07
O7 NAG O . 11.69 9.48 20.50
C1 NAG O . 8.61 2.69 21.87
C2 NAG O . 7.62 1.55 21.60
C3 NAG O . 7.95 0.32 22.46
C4 NAG O . 9.30 -0.25 22.04
C5 NAG O . 10.35 0.84 21.75
C6 NAG O . 10.77 0.77 20.28
C7 NAG O . 5.33 2.23 20.90
C8 NAG O . 4.00 2.70 21.40
N2 NAG O . 6.25 2.01 21.84
O3 NAG O . 6.96 -0.70 22.32
O4 NAG O . 9.78 -1.17 23.06
O5 NAG O . 9.96 2.20 22.09
O6 NAG O . 11.66 1.86 19.97
O7 NAG O . 5.53 2.07 19.70
C1 NAG P . -30.66 3.14 46.24
C2 NAG P . -29.19 3.56 46.30
C3 NAG P . -29.13 5.08 46.51
C4 NAG P . -29.90 5.82 45.40
C5 NAG P . -31.29 5.21 45.18
C6 NAG P . -31.97 5.77 43.92
C7 NAG P . -28.62 2.79 48.61
C8 NAG P . -27.63 1.96 49.40
N2 NAG P . -28.40 2.83 47.30
O1 NAG P . -30.77 1.71 46.11
O3 NAG P . -27.76 5.49 46.52
O4 NAG P . -30.04 7.21 45.76
O5 NAG P . -31.25 3.78 45.10
O6 NAG P . -31.66 5.02 42.74
O7 NAG P . -29.54 3.34 49.19
C1 GAL P . -29.20 8.15 45.04
C2 GAL P . -29.91 9.49 44.87
C3 GAL P . -29.05 10.44 44.04
C4 GAL P . -27.65 10.56 44.65
C5 GAL P . -27.04 9.19 44.95
C6 GAL P . -25.74 9.34 45.73
O2 GAL P . -31.19 9.29 44.26
O3 GAL P . -29.68 11.75 43.97
O4 GAL P . -27.73 11.34 45.84
O5 GAL P . -27.95 8.37 45.70
O6 GAL P . -24.85 8.27 45.41
C1 SIA P . -28.09 12.91 42.38
C2 SIA P . -29.51 12.51 42.73
C3 SIA P . -30.43 13.71 42.95
C4 SIA P . -30.77 14.40 41.65
C5 SIA P . -31.37 13.40 40.65
C6 SIA P . -30.42 12.23 40.48
C7 SIA P . -30.96 11.11 39.56
C8 SIA P . -30.14 9.82 39.70
C9 SIA P . -30.52 8.79 38.64
C10 SIA P . -32.65 13.90 38.61
C11 SIA P . -32.65 14.69 37.35
N5 SIA P . -31.58 14.07 39.39
O1A SIA P . -27.54 13.87 42.94
O1B SIA P . -27.47 12.24 41.53
O4 SIA P . -31.71 15.46 41.86
O6 SIA P . -30.10 11.66 41.75
O7 SIA P . -32.34 10.83 39.81
O8 SIA P . -28.73 10.11 39.59
O9 SIA P . -29.63 7.66 38.72
O10 SIA P . -33.57 13.13 38.88
C1 NAG Q . 7.55 11.45 -30.82
C2 NAG Q . 7.31 10.85 -32.21
C3 NAG Q . 5.81 10.85 -32.61
C4 NAG Q . 4.82 10.64 -31.45
C5 NAG Q . 5.29 11.27 -30.13
C6 NAG Q . 4.44 10.82 -28.94
C7 NAG Q . 9.21 11.27 -33.76
C8 NAG Q . 9.85 12.30 -34.64
N2 NAG Q . 8.10 11.67 -33.13
O3 NAG Q . 5.57 9.79 -33.56
O4 NAG Q . 3.56 11.20 -31.83
O5 NAG Q . 6.65 10.88 -29.89
O6 NAG Q . 4.62 11.74 -27.85
O7 NAG Q . 9.68 10.14 -33.65
C1 NAG R . 23.47 -21.83 -12.09
C2 NAG R . 24.51 -22.87 -12.61
C3 NAG R . 24.71 -24.08 -11.68
C4 NAG R . 24.56 -23.80 -10.19
C5 NAG R . 23.46 -22.79 -9.90
C6 NAG R . 23.46 -22.38 -8.43
C7 NAG R . 24.63 -22.98 -15.11
C8 NAG R . 23.99 -23.56 -16.33
N2 NAG R . 24.07 -23.32 -13.93
O3 NAG R . 26.03 -24.61 -11.83
O4 NAG R . 24.31 -25.05 -9.53
O5 NAG R . 23.67 -21.61 -10.69
O6 NAG R . 24.65 -21.65 -8.13
O7 NAG R . 25.62 -22.25 -15.21
C1 NAG S . -5.82 -24.46 33.84
C2 NAG S . -6.12 -25.74 34.65
C3 NAG S . -6.45 -25.35 36.08
C4 NAG S . -5.41 -24.41 36.71
C5 NAG S . -4.96 -23.28 35.76
C6 NAG S . -3.72 -22.54 36.29
C7 NAG S . -7.07 -27.55 33.19
C8 NAG S . -8.34 -28.18 32.73
N2 NAG S . -7.21 -26.52 34.05
O3 NAG S . -6.55 -26.52 36.89
O4 NAG S . -5.95 -23.83 37.90
O5 NAG S . -4.70 -23.79 34.45
O6 NAG S . -2.55 -22.75 35.48
O7 NAG S . -5.98 -27.94 32.77
C1 NAG T . 28.44 16.12 2.85
C2 NAG T . 29.36 17.34 2.97
C3 NAG T . 28.59 18.52 3.52
C4 NAG T . 27.36 18.86 2.66
C5 NAG T . 26.55 17.65 2.17
C6 NAG T . 25.89 17.92 0.81
C7 NAG T . 31.76 17.20 3.60
C8 NAG T . 32.71 16.80 4.71
N2 NAG T . 30.47 17.03 3.88
O3 NAG T . 29.47 19.65 3.58
O4 NAG T . 26.52 19.73 3.43
O5 NAG T . 27.26 16.39 2.07
O6 NAG T . 26.81 18.09 -0.29
O7 NAG T . 32.20 17.63 2.54
#